data_7DR1
#
_entry.id   7DR1
#
_cell.length_a   1.00
_cell.length_b   1.00
_cell.length_c   1.00
_cell.angle_alpha   90.00
_cell.angle_beta   90.00
_cell.angle_gamma   90.00
#
_symmetry.space_group_name_H-M   'P 1'
#
loop_
_entity.id
_entity.type
_entity.pdbx_description
1 polymer 'Photosystem I P700 chlorophyll a apoprotein A1'
2 polymer 'Photosystem I P700 chlorophyll a apoprotein A2'
3 polymer 'Photosystem I iron-sulfur center'
4 polymer 'Photosystem I reaction center subunit II, cyanelle'
5 polymer 'Photosystem I reaction center subunit IV'
6 polymer 'Photosystem I reaction center subunit III'
7 polymer 'Photosystem I reaction center subunit VIII'
8 polymer 'Photosystem I reaction center subunit IX'
9 polymer 'Photosystem I reaction center subunit XI'
10 polymer 'Photosystem I reaction center subunit XII'
11 non-polymer 'CHLOROPHYLL A ISOMER'
12 non-polymer 'CHLOROPHYLL A'
13 non-polymer PHYLLOQUINONE
14 non-polymer 'IRON/SULFUR CLUSTER'
15 non-polymer BETA-CAROTENE
16 non-polymer 1,2-DIPALMITOYL-PHOSPHATIDYL-GLYCEROLE
17 non-polymer 1,2-DISTEAROYL-MONOGALACTOSYL-DIGLYCERIDE
#
loop_
_entity_poly.entity_id
_entity_poly.type
_entity_poly.pdbx_seq_one_letter_code
_entity_poly.pdbx_strand_id
1 'polypeptide(L)'
;MRISPPEREAKKVKIVIDKDPVSTSFDKWAVPGHFSRTLAKGPKTTTWIWNLHADVHDFDSYTSDLEEVSRKIFSAHFGH
LAVVFIWLSGAYFHGARFSNYEAWLSNPTTIKPSAQVVWPIVGQEILNGDVGGGFQGIQITSGLFQMWRASGITTELQLY
VTAIGALVMAALMLFAGWFHYHKAAPKLEWFQNAESMMNHHLGGLFGLGSLSWAGHQIHVSLPVNKLLDSGVSPQEIPLP
HEFILNKDLIAQLYPSFGQGLTPFFTLNWNEYSDFLTFKGGLNPVTGGLWLSDSAHHHLAIAVLFIVAGHMYRTNWGIGH
SMKEMYDSHKGPFTGEGHKGVYEIFTNSWHAQLSLNLALFGSLSIIVAHHMYSMPPYPYLATDYATSLCLFTHHVWIGGF
LIVGAGAHAAIFMVRDYDPAQNYNNLVDRVLRHRDAIISHLNWVCIFLGFHSFGLYIHNDTMRALGRPQDMFSDAAIQLQ
PVFAQWVQGVNSAAAGNTAPNALANASYAFGGDIVSVGGKVAMMPISLGTADFLVHHIHAFTIHVTVLILLKGVLFARNS
RLIPDKANLGFRFPCDGPGRGGTCQVSAWDHVFLGLFWMYNSLSVVLFHFSWKMQSDVWGNVTADGAVSHITGNNFAQGA
ITINGWLRDFLWAQASQVIQSYGSALSAYGLMFLGAHFIWAFSLMFLFSGRGYWQELIESIVWAHNKLKFAPSIQPRALS
ITQGRAVGVAHYLLGGIATTWSFFHARIISVG
;
A
2 'polypeptide(L)'
;MGTKFPKASQALAQDPTTRRIWYGIATANDFETNDGITEENLYQKIFASHFGHLAIIFLWTSGNLFHVAWQGNFEQWVKD
PLNTRPIAHAISDPHFGQRAIEAFSQAGASSPVNISYSGVYQWWYTQGMRTNEELYNGAIFLLILSALSLFAGWLHLQPK
FRPNLSWFKNAESRLNHHLGGLFGTSSLAWTGHIVHVAIPESRGQHVGWDNFLQVAPHPAGLQPFFTGNWGVYTENPDTA
NHVFGSSDGAGTAILTFLGGFHPQTQSLWLTDIAHHHLAIAVLFIVAGHMYRTNFGIGHSIKEILNGHRPPGGRLGAGHV
GLYDTVNNSLHFQLGLALAALGVITSLVAQHMYSIPPYAYLARDFTTQAALYTHHQYIAGFLMVGAFAHGAIFLVRDYDA
EQNKNNVLARIIDHKEAIISHLSWVSLFLGFHTLGLYVHNDVVQAFGTPEKQILIEPVFAQWIQSVHGKSLYGFEVLLNN
ADSITRVAPGSAQPIWLPGWLDAINSGNNSLFLTIGPGDFLVHHAIALGLHTTTLILVKGALDARGSKLMPDKKDFGYSF
PCDGPGRGGTCDISAWDAFYLAVFWMLNTIGWTTFYWHWKHLGVWQGNVAQFNESSTYLMGWFRDYLWLNSSQLINGYNP
FGMNNLSVWAWMFLFGHLIWATGFMFLISWRGYWQELIETLVWAHERTPLANLVRWKDKPVALSIVQARLVGLAHFAVGY
IVTYAAFLIASTASKFG
;
B
3 'polypeptide(L)'
;MAHTVKIYDTCIGCTQCVRACPTDVLEMVPWDGCRANQIASAPRTEDCVGCKRCESACPTDFLSIRVYLGAETTRSMGLG
Y
;
C
4 'polypeptide(L)'
;MNAFVASVAPIAVAGSATLSSAVCAQKKAFFGAQVAAKKTTFEAAPARFIVRAEEEEAAPAEKVEKKAAAPKPFSVPTLN
LNAPTPIFGGSTGGLLRKAEVEEFYSITWTGKSETVFELPTGGAAIMRAGENLLRLARKEQCIALGAQLKDKFKITDYKI
YRVYPSGEVQFLHPKDGVFPEKVNPGRVAVGSNKRRIGQNPDPAKLKFKGQETFDSDLKL
;
D
5 'polypeptide(L)' MVQRGSKVRILRKESYWYQEIGTVASIDQSGIKYPVIVRFEKVNYSNVNSNNFSLDEVVEVEPPPSKKKA E
6 'polypeptide(L)'
;MRKLFLLMFCLSGLILTTDIRPVRADVAGLIPCSQSDAFERRLKNTTQRLENRLKKYEPGSAPAEALQKQIDKTQQRFDK
YRNSGLLCGADGLPHLITDGRWSHAGEFTIPGLLFLYIAGFIGWSGRSYLQAVAASDNSTEKEIIIDIPVALQSVSKGFV
WPLAALQEFSSGKLTARDEEITISPR
;
F
7 'polypeptide(L)' MVSNLPSILVPMVGIVLPAIVMALLFVYIETDEIA I
8 'polypeptide(L)' MSFSKYLSTAPVIGTLTAFFLAGLLIEINRFNPDLLVYPF J
9 'polypeptide(L)'
;MAKDAVKPFYDDAFIGHLSTPISNSSAVNGLLANLPAYRKGLTPRLRGLEIGMAHGYFLTGPFVELGPLRNTDGGILYGS
LSAVGLVVILTACLALYGKANFSGSSKSKDATLWESGEGWSDFVSGWLIGGAGSVGFAYLLLQYIL
;
L
10 'polypeptide(L)' MLADGQIFTALAVALVPGILALRLALELYKF M
#
# COMPACT_ATOMS: atom_id res chain seq x y z
N LYS A 14 48.07 -12.81 -22.23
CA LYS A 14 48.41 -14.12 -21.69
C LYS A 14 47.17 -14.92 -21.32
N ILE A 15 47.21 -16.23 -21.57
CA ILE A 15 46.09 -17.12 -21.32
C ILE A 15 46.59 -18.26 -20.44
N VAL A 16 46.08 -18.35 -19.22
CA VAL A 16 46.38 -19.46 -18.34
C VAL A 16 45.07 -20.12 -17.91
N ILE A 17 44.95 -21.42 -18.18
CA ILE A 17 43.70 -22.17 -18.06
C ILE A 17 43.96 -23.35 -17.12
N ASP A 18 43.00 -23.61 -16.24
CA ASP A 18 43.01 -24.81 -15.40
C ASP A 18 42.24 -25.92 -16.07
N LYS A 19 42.81 -27.12 -16.05
CA LYS A 19 42.20 -28.29 -16.67
C LYS A 19 41.47 -29.12 -15.64
N ASP A 20 40.17 -29.32 -15.86
CA ASP A 20 39.22 -30.08 -15.04
C ASP A 20 39.24 -29.71 -13.55
N PRO A 21 38.71 -28.55 -13.15
CA PRO A 21 38.59 -28.30 -11.71
C PRO A 21 37.31 -28.86 -11.09
N VAL A 22 36.26 -29.03 -11.89
CA VAL A 22 34.95 -29.48 -11.41
C VAL A 22 34.52 -30.67 -12.27
N SER A 23 34.17 -31.77 -11.62
CA SER A 23 33.72 -32.95 -12.35
C SER A 23 32.25 -32.82 -12.74
N THR A 24 31.89 -33.52 -13.82
CA THR A 24 30.52 -33.49 -14.34
C THR A 24 29.74 -34.70 -13.83
N SER A 25 29.16 -34.53 -12.65
CA SER A 25 28.38 -35.57 -12.01
C SER A 25 27.01 -35.04 -11.58
N PHE A 26 26.13 -35.97 -11.24
CA PHE A 26 24.81 -35.65 -10.70
C PHE A 26 24.74 -35.85 -9.19
N ASP A 27 25.89 -35.91 -8.52
CA ASP A 27 25.91 -36.16 -7.08
C ASP A 27 25.45 -34.93 -6.31
N LYS A 28 25.73 -33.74 -6.84
CA LYS A 28 25.30 -32.51 -6.20
C LYS A 28 23.95 -32.03 -6.68
N TRP A 29 23.40 -32.63 -7.74
CA TRP A 29 22.01 -32.38 -8.12
C TRP A 29 21.05 -32.98 -7.11
N ALA A 30 21.47 -34.01 -6.39
CA ALA A 30 20.62 -34.64 -5.39
C ALA A 30 20.48 -33.77 -4.15
N VAL A 31 21.51 -32.99 -3.84
CA VAL A 31 21.56 -32.21 -2.61
C VAL A 31 21.22 -30.76 -2.96
N PRO A 32 20.09 -30.22 -2.51
CA PRO A 32 19.87 -28.78 -2.64
C PRO A 32 20.63 -28.02 -1.57
N GLY A 33 21.26 -26.92 -1.97
CA GLY A 33 22.08 -26.16 -1.06
C GLY A 33 23.42 -26.79 -0.78
N HIS A 34 24.02 -27.42 -1.79
CA HIS A 34 25.30 -28.10 -1.63
C HIS A 34 26.47 -27.14 -1.53
N PHE A 35 26.27 -25.88 -1.89
CA PHE A 35 27.36 -24.94 -2.11
C PHE A 35 27.82 -24.23 -0.85
N SER A 36 27.00 -24.13 0.18
CA SER A 36 27.36 -23.43 1.40
C SER A 36 27.40 -24.38 2.58
N ARG A 37 28.08 -23.95 3.64
CA ARG A 37 28.17 -24.75 4.86
C ARG A 37 26.85 -24.80 5.61
N THR A 38 26.04 -23.75 5.52
CA THR A 38 24.78 -23.68 6.25
C THR A 38 23.67 -24.49 5.55
N LEU A 39 23.55 -24.33 4.24
CA LEU A 39 22.45 -24.93 3.50
C LEU A 39 22.67 -26.43 3.25
N ALA A 40 23.90 -26.91 3.41
CA ALA A 40 24.21 -28.33 3.25
C ALA A 40 24.17 -29.02 4.61
N LYS A 41 23.06 -28.84 5.30
CA LYS A 41 22.81 -29.54 6.56
C LYS A 41 21.39 -30.10 6.54
N GLY A 42 20.54 -29.52 5.71
CA GLY A 42 19.16 -29.93 5.63
C GLY A 42 18.24 -28.87 6.21
N PRO A 43 16.95 -28.93 5.86
CA PRO A 43 16.01 -27.94 6.38
C PRO A 43 15.44 -28.30 7.74
N LYS A 44 15.67 -27.45 8.73
CA LYS A 44 14.99 -27.64 10.00
C LYS A 44 13.67 -26.87 10.03
N THR A 45 13.61 -25.74 9.33
CA THR A 45 12.40 -24.94 9.17
C THR A 45 12.03 -24.86 7.69
N THR A 46 11.02 -24.05 7.40
CA THR A 46 10.58 -23.79 6.04
C THR A 46 11.20 -22.52 5.48
N THR A 47 11.90 -21.74 6.30
CA THR A 47 12.66 -20.61 5.79
C THR A 47 13.88 -21.08 5.02
N TRP A 48 14.31 -22.32 5.23
CA TRP A 48 15.40 -22.92 4.45
C TRP A 48 15.04 -23.01 2.98
N ILE A 49 13.77 -23.23 2.65
CA ILE A 49 13.34 -23.28 1.25
C ILE A 49 13.50 -21.92 0.60
N TRP A 50 13.11 -20.86 1.30
CA TRP A 50 13.27 -19.51 0.77
C TRP A 50 14.71 -19.01 0.86
N ASN A 51 15.47 -19.47 1.87
CA ASN A 51 16.88 -19.13 1.94
C ASN A 51 17.68 -19.85 0.87
N LEU A 52 17.17 -20.97 0.35
CA LEU A 52 17.87 -21.69 -0.70
C LEU A 52 17.85 -20.90 -2.01
N HIS A 53 16.67 -20.53 -2.47
CA HIS A 53 16.55 -19.84 -3.75
C HIS A 53 17.01 -18.39 -3.69
N ALA A 54 17.28 -17.84 -2.50
CA ALA A 54 17.62 -16.44 -2.40
C ALA A 54 19.07 -16.17 -2.81
N ASP A 55 20.02 -16.99 -2.35
CA ASP A 55 21.43 -16.72 -2.56
C ASP A 55 22.13 -17.82 -3.35
N VAL A 56 21.46 -18.42 -4.33
CA VAL A 56 22.13 -19.37 -5.22
C VAL A 56 23.08 -18.65 -6.15
N HIS A 57 22.60 -17.59 -6.80
CA HIS A 57 23.39 -16.86 -7.78
C HIS A 57 24.13 -15.69 -7.17
N ASP A 58 24.19 -15.61 -5.85
CA ASP A 58 25.11 -14.71 -5.16
C ASP A 58 26.34 -15.54 -4.82
N PHE A 59 27.24 -15.66 -5.81
CA PHE A 59 28.41 -16.52 -5.65
C PHE A 59 29.44 -15.93 -4.69
N ASP A 60 29.39 -14.63 -4.43
CA ASP A 60 30.38 -13.99 -3.56
C ASP A 60 30.21 -14.35 -2.09
N SER A 61 29.04 -14.82 -1.69
CA SER A 61 28.77 -15.02 -0.27
C SER A 61 29.41 -16.30 0.26
N TYR A 62 29.21 -17.42 -0.42
CA TYR A 62 29.70 -18.68 0.12
C TYR A 62 31.11 -19.00 -0.37
N THR A 63 31.41 -18.73 -1.64
CA THR A 63 32.76 -18.92 -2.16
C THR A 63 33.56 -17.65 -1.93
N SER A 64 34.62 -17.74 -1.12
CA SER A 64 35.44 -16.60 -0.76
C SER A 64 36.73 -16.53 -1.58
N ASP A 65 36.77 -17.21 -2.73
CA ASP A 65 37.92 -17.18 -3.62
C ASP A 65 37.50 -16.45 -4.88
N LEU A 66 38.10 -15.28 -5.14
CA LEU A 66 37.69 -14.43 -6.25
C LEU A 66 37.95 -15.07 -7.60
N GLU A 67 38.93 -15.98 -7.67
CA GLU A 67 39.12 -16.79 -8.87
C GLU A 67 37.94 -17.74 -9.08
N GLU A 68 37.42 -18.31 -7.99
CA GLU A 68 36.31 -19.26 -8.07
C GLU A 68 35.01 -18.56 -8.41
N VAL A 69 34.79 -17.35 -7.87
CA VAL A 69 33.58 -16.59 -8.17
C VAL A 69 33.54 -16.19 -9.64
N SER A 70 34.68 -15.77 -10.19
CA SER A 70 34.73 -15.24 -11.55
C SER A 70 34.50 -16.30 -12.61
N ARG A 71 34.80 -17.57 -12.31
CA ARG A 71 34.48 -18.63 -13.26
C ARG A 71 33.00 -18.97 -13.22
N LYS A 72 32.39 -18.90 -12.04
CA LYS A 72 30.95 -19.10 -11.91
C LYS A 72 30.17 -18.03 -12.65
N ILE A 73 30.68 -16.79 -12.66
CA ILE A 73 30.03 -15.70 -13.38
C ILE A 73 30.21 -15.86 -14.88
N PHE A 74 31.37 -16.38 -15.31
CA PHE A 74 31.67 -16.53 -16.73
C PHE A 74 30.78 -17.58 -17.38
N SER A 75 30.62 -18.74 -16.73
CA SER A 75 29.78 -19.80 -17.28
C SER A 75 28.29 -19.48 -17.15
N ALA A 76 27.91 -18.65 -16.17
CA ALA A 76 26.53 -18.24 -16.03
C ALA A 76 26.07 -17.36 -17.18
N HIS A 77 26.97 -16.54 -17.72
CA HIS A 77 26.62 -15.69 -18.85
C HIS A 77 26.43 -16.51 -20.11
N PHE A 78 27.15 -17.61 -20.24
CA PHE A 78 26.95 -18.53 -21.35
C PHE A 78 25.57 -19.18 -21.26
N GLY A 79 25.19 -19.64 -20.07
CA GLY A 79 23.86 -20.18 -19.88
C GLY A 79 22.76 -19.16 -20.07
N HIS A 80 23.03 -17.91 -19.71
CA HIS A 80 22.06 -16.86 -20.04
C HIS A 80 22.06 -16.56 -21.53
N LEU A 81 23.20 -16.69 -22.20
CA LEU A 81 23.23 -16.53 -23.65
C LEU A 81 22.47 -17.66 -24.34
N ALA A 82 22.41 -18.83 -23.71
CA ALA A 82 21.66 -19.96 -24.28
C ALA A 82 20.16 -19.71 -24.25
N VAL A 83 19.64 -19.19 -23.13
CA VAL A 83 18.20 -19.01 -23.00
C VAL A 83 17.69 -17.83 -23.80
N VAL A 84 18.56 -16.90 -24.21
CA VAL A 84 18.13 -15.86 -25.13
C VAL A 84 18.07 -16.40 -26.56
N PHE A 85 18.99 -17.31 -26.90
CA PHE A 85 18.94 -17.95 -28.21
C PHE A 85 17.77 -18.92 -28.31
N ILE A 86 17.39 -19.54 -27.19
CA ILE A 86 16.18 -20.35 -27.15
C ILE A 86 14.95 -19.46 -27.37
N TRP A 87 14.93 -18.30 -26.72
CA TRP A 87 13.88 -17.32 -26.94
C TRP A 87 13.92 -16.75 -28.35
N LEU A 88 15.11 -16.63 -28.93
CA LEU A 88 15.20 -16.11 -30.30
C LEU A 88 14.74 -17.13 -31.33
N SER A 89 14.91 -18.42 -31.04
CA SER A 89 14.41 -19.44 -31.95
C SER A 89 12.90 -19.52 -31.93
N GLY A 90 12.28 -19.41 -30.75
CA GLY A 90 10.83 -19.39 -30.68
C GLY A 90 10.22 -18.12 -31.21
N ALA A 91 11.00 -17.04 -31.25
CA ALA A 91 10.54 -15.84 -31.92
C ALA A 91 10.51 -16.03 -33.44
N TYR A 92 11.40 -16.87 -33.96
CA TYR A 92 11.51 -17.10 -35.39
C TYR A 92 10.67 -18.30 -35.85
N PHE A 93 10.58 -19.35 -35.03
CA PHE A 93 9.78 -20.51 -35.40
C PHE A 93 8.30 -20.18 -35.40
N HIS A 94 7.84 -19.43 -34.40
CA HIS A 94 6.45 -18.98 -34.39
C HIS A 94 6.19 -17.89 -35.43
N GLY A 95 7.26 -17.28 -35.97
CA GLY A 95 7.10 -16.43 -37.13
C GLY A 95 6.99 -17.21 -38.42
N ALA A 96 7.57 -18.40 -38.47
CA ALA A 96 7.52 -19.21 -39.69
C ALA A 96 6.24 -20.04 -39.75
N ARG A 97 5.97 -20.81 -38.71
CA ARG A 97 4.89 -21.80 -38.76
C ARG A 97 3.54 -21.15 -38.46
N PHE A 98 3.46 -20.35 -37.40
CA PHE A 98 2.18 -19.89 -36.86
C PHE A 98 1.92 -18.42 -37.13
N SER A 99 2.29 -17.89 -38.30
CA SER A 99 2.12 -16.46 -38.54
C SER A 99 1.61 -16.22 -39.95
N ASN A 100 1.14 -15.00 -40.17
CA ASN A 100 0.69 -14.52 -41.48
C ASN A 100 1.73 -13.61 -42.12
N TYR A 101 3.01 -13.95 -41.94
CA TYR A 101 4.09 -13.07 -42.38
C TYR A 101 4.19 -12.98 -43.90
N GLU A 102 3.74 -14.02 -44.61
CA GLU A 102 3.80 -13.98 -46.06
C GLU A 102 2.74 -13.05 -46.66
N ALA A 103 1.51 -13.11 -46.15
CA ALA A 103 0.48 -12.17 -46.60
C ALA A 103 0.69 -10.77 -46.06
N TRP A 104 1.45 -10.64 -44.97
CA TRP A 104 1.75 -9.33 -44.40
C TRP A 104 2.72 -8.55 -45.27
N LEU A 105 3.61 -9.22 -46.00
CA LEU A 105 4.54 -8.51 -46.86
C LEU A 105 3.84 -7.95 -48.09
N SER A 106 2.72 -8.55 -48.49
CA SER A 106 1.96 -8.04 -49.62
C SER A 106 1.12 -6.83 -49.22
N ASN A 107 0.75 -6.73 -47.95
CA ASN A 107 -0.07 -5.65 -47.43
C ASN A 107 0.30 -5.36 -45.98
N PRO A 108 1.33 -4.55 -45.75
CA PRO A 108 1.75 -4.31 -44.35
C PRO A 108 0.88 -3.32 -43.61
N THR A 109 0.04 -2.57 -44.33
CA THR A 109 -0.78 -1.55 -43.67
C THR A 109 -2.08 -2.15 -43.15
N THR A 110 -2.80 -2.89 -44.00
CA THR A 110 -4.12 -3.39 -43.61
C THR A 110 -4.02 -4.65 -42.75
N ILE A 111 -3.13 -5.57 -43.12
CA ILE A 111 -3.00 -6.85 -42.44
C ILE A 111 -2.17 -6.62 -41.18
N LYS A 112 -2.71 -7.02 -40.03
CA LYS A 112 -2.06 -6.75 -38.76
C LYS A 112 -1.05 -7.84 -38.43
N PRO A 113 0.09 -7.49 -37.83
CA PRO A 113 1.11 -8.50 -37.55
C PRO A 113 0.70 -9.47 -36.46
N SER A 114 0.66 -10.75 -36.81
CA SER A 114 0.10 -11.75 -35.90
C SER A 114 0.96 -13.00 -35.86
N ALA A 115 1.02 -13.62 -34.69
CA ALA A 115 1.60 -14.94 -34.50
C ALA A 115 0.76 -15.67 -33.47
N GLN A 116 1.27 -16.79 -32.95
CA GLN A 116 0.75 -17.47 -31.75
C GLN A 116 -0.71 -17.91 -31.92
N VAL A 117 -0.90 -18.87 -32.83
CA VAL A 117 -2.21 -19.51 -32.97
C VAL A 117 -2.54 -20.26 -31.69
N VAL A 118 -3.78 -20.11 -31.22
CA VAL A 118 -4.21 -20.64 -29.94
C VAL A 118 -5.05 -21.88 -30.17
N TRP A 119 -4.85 -22.90 -29.32
CA TRP A 119 -5.42 -24.22 -29.53
C TRP A 119 -6.94 -24.22 -29.36
N PRO A 120 -7.67 -25.02 -30.16
CA PRO A 120 -9.15 -25.13 -30.04
C PRO A 120 -9.58 -25.93 -28.81
N ILE A 121 -9.63 -25.23 -27.68
CA ILE A 121 -10.04 -25.77 -26.38
C ILE A 121 -11.11 -24.78 -25.89
N VAL A 122 -11.43 -24.81 -24.59
CA VAL A 122 -12.65 -24.34 -23.90
C VAL A 122 -13.26 -23.00 -24.35
N GLY A 123 -12.54 -22.21 -25.13
CA GLY A 123 -13.08 -20.95 -25.60
C GLY A 123 -12.03 -19.90 -25.82
N GLN A 124 -10.76 -20.25 -25.55
CA GLN A 124 -9.66 -19.34 -25.85
C GLN A 124 -9.31 -19.32 -27.32
N GLU A 125 -9.98 -20.10 -28.15
CA GLU A 125 -9.92 -19.97 -29.61
C GLU A 125 -10.78 -18.79 -30.15
N ILE A 126 -11.38 -17.99 -29.27
CA ILE A 126 -11.89 -16.68 -29.66
C ILE A 126 -10.77 -15.65 -29.67
N LEU A 127 -9.62 -15.95 -29.06
CA LEU A 127 -8.46 -15.06 -29.14
C LEU A 127 -7.85 -15.07 -30.53
N ASN A 128 -8.05 -16.15 -31.29
CA ASN A 128 -7.63 -16.21 -32.69
C ASN A 128 -8.62 -15.36 -33.50
N GLY A 129 -8.33 -14.06 -33.55
CA GLY A 129 -9.24 -13.10 -34.14
C GLY A 129 -9.00 -12.87 -35.62
N ASP A 130 -9.92 -12.12 -36.21
CA ASP A 130 -9.85 -11.78 -37.63
C ASP A 130 -8.77 -10.74 -37.86
N VAL A 131 -7.53 -11.19 -38.05
CA VAL A 131 -6.38 -10.31 -38.00
C VAL A 131 -5.93 -9.86 -39.39
N GLY A 132 -6.34 -10.54 -40.45
CA GLY A 132 -6.01 -10.10 -41.80
C GLY A 132 -5.74 -11.23 -42.76
N GLY A 133 -6.25 -11.11 -43.98
CA GLY A 133 -6.01 -12.13 -44.99
C GLY A 133 -6.83 -13.37 -44.71
N GLY A 134 -6.15 -14.51 -44.67
CA GLY A 134 -6.77 -15.79 -44.38
C GLY A 134 -6.22 -16.43 -43.13
N PHE A 135 -6.02 -15.61 -42.09
CA PHE A 135 -5.31 -16.04 -40.89
C PHE A 135 -6.13 -15.71 -39.66
N GLN A 136 -5.93 -16.50 -38.59
CA GLN A 136 -6.56 -16.27 -37.30
C GLN A 136 -5.56 -16.54 -36.21
N GLY A 137 -5.17 -15.50 -35.48
CA GLY A 137 -4.24 -15.66 -34.40
C GLY A 137 -4.22 -14.43 -33.53
N ILE A 138 -3.21 -14.35 -32.67
CA ILE A 138 -3.04 -13.23 -31.76
C ILE A 138 -2.20 -12.16 -32.45
N GLN A 139 -2.75 -10.96 -32.55
CA GLN A 139 -2.02 -9.83 -33.14
C GLN A 139 -0.86 -9.46 -32.24
N ILE A 140 0.36 -9.58 -32.74
CA ILE A 140 1.53 -9.35 -31.92
C ILE A 140 1.97 -7.90 -32.03
N THR A 141 2.56 -7.40 -30.94
CA THR A 141 3.02 -6.02 -30.83
C THR A 141 4.50 -5.98 -30.54
N SER A 142 5.26 -6.94 -31.07
CA SER A 142 6.68 -7.05 -30.80
C SER A 142 7.55 -6.41 -31.87
N GLY A 143 6.99 -6.09 -33.03
CA GLY A 143 7.79 -5.50 -34.08
C GLY A 143 8.63 -6.47 -34.86
N LEU A 144 8.38 -7.77 -34.70
CA LEU A 144 9.18 -8.76 -35.39
C LEU A 144 8.92 -8.76 -36.88
N PHE A 145 7.69 -8.42 -37.29
CA PHE A 145 7.38 -8.42 -38.71
C PHE A 145 8.06 -7.26 -39.43
N GLN A 146 8.14 -6.11 -38.78
CA GLN A 146 8.84 -4.97 -39.34
C GLN A 146 10.35 -5.10 -39.21
N MET A 147 10.81 -5.92 -38.27
CA MET A 147 12.25 -6.16 -38.12
C MET A 147 12.76 -7.14 -39.16
N TRP A 148 11.98 -8.19 -39.44
CA TRP A 148 12.38 -9.16 -40.45
C TRP A 148 12.24 -8.61 -41.87
N ARG A 149 11.31 -7.66 -42.08
CA ARG A 149 11.22 -7.00 -43.37
C ARG A 149 12.40 -6.07 -43.60
N ALA A 150 12.88 -5.43 -42.53
CA ALA A 150 14.10 -4.63 -42.63
C ALA A 150 15.33 -5.49 -42.83
N SER A 151 15.35 -6.68 -42.23
CA SER A 151 16.45 -7.61 -42.41
C SER A 151 16.45 -8.24 -43.80
N GLY A 152 15.32 -8.20 -44.50
CA GLY A 152 15.24 -8.71 -45.84
C GLY A 152 14.48 -10.00 -46.02
N ILE A 153 13.92 -10.56 -44.94
CA ILE A 153 13.32 -11.89 -44.99
C ILE A 153 11.97 -11.81 -45.70
N THR A 154 11.81 -12.62 -46.74
CA THR A 154 10.58 -12.63 -47.52
C THR A 154 9.82 -13.94 -47.48
N THR A 155 10.46 -15.05 -47.08
CA THR A 155 9.80 -16.35 -47.01
C THR A 155 10.01 -16.93 -45.62
N GLU A 156 9.16 -17.92 -45.29
CA GLU A 156 9.28 -18.61 -44.01
C GLU A 156 10.35 -19.68 -44.00
N LEU A 157 10.92 -20.00 -45.18
CA LEU A 157 12.08 -20.88 -45.20
C LEU A 157 13.29 -20.19 -44.58
N GLN A 158 13.40 -18.87 -44.77
CA GLN A 158 14.48 -18.13 -44.14
C GLN A 158 14.23 -17.96 -42.64
N LEU A 159 12.97 -17.88 -42.23
CA LEU A 159 12.64 -17.84 -40.81
C LEU A 159 12.85 -19.19 -40.14
N TYR A 160 12.78 -20.27 -40.91
CA TYR A 160 12.91 -21.61 -40.34
C TYR A 160 14.36 -21.90 -39.94
N VAL A 161 15.31 -21.60 -40.84
CA VAL A 161 16.72 -21.88 -40.60
C VAL A 161 17.28 -20.95 -39.52
N THR A 162 16.71 -19.75 -39.38
CA THR A 162 17.12 -18.86 -38.30
C THR A 162 16.67 -19.40 -36.95
N ALA A 163 15.54 -20.11 -36.91
CA ALA A 163 15.13 -20.78 -35.68
C ALA A 163 16.02 -21.99 -35.40
N ILE A 164 16.44 -22.72 -36.44
CA ILE A 164 17.41 -23.80 -36.24
C ILE A 164 18.77 -23.23 -35.89
N GLY A 165 19.13 -22.10 -36.52
CA GLY A 165 20.42 -21.49 -36.25
C GLY A 165 20.53 -20.89 -34.86
N ALA A 166 19.39 -20.53 -34.26
CA ALA A 166 19.40 -20.05 -32.90
C ALA A 166 19.48 -21.20 -31.89
N LEU A 167 18.93 -22.37 -32.24
CA LEU A 167 19.00 -23.51 -31.33
C LEU A 167 20.40 -24.11 -31.27
N VAL A 168 21.12 -24.13 -32.39
CA VAL A 168 22.49 -24.62 -32.36
C VAL A 168 23.40 -23.60 -31.70
N MET A 169 23.05 -22.32 -31.79
CA MET A 169 23.78 -21.30 -31.05
C MET A 169 23.46 -21.36 -29.56
N ALA A 170 22.25 -21.81 -29.21
CA ALA A 170 21.92 -22.04 -27.82
C ALA A 170 22.70 -23.22 -27.24
N ALA A 171 22.85 -24.28 -28.04
CA ALA A 171 23.63 -25.42 -27.59
C ALA A 171 25.12 -25.12 -27.57
N LEU A 172 25.58 -24.23 -28.45
CA LEU A 172 26.99 -23.84 -28.45
C LEU A 172 27.32 -23.00 -27.22
N MET A 173 26.41 -22.11 -26.82
CA MET A 173 26.60 -21.36 -25.59
C MET A 173 26.47 -22.26 -24.37
N LEU A 174 25.57 -23.25 -24.44
CA LEU A 174 25.43 -24.19 -23.33
C LEU A 174 26.63 -25.14 -23.25
N PHE A 175 27.24 -25.47 -24.39
CA PHE A 175 28.45 -26.28 -24.35
C PHE A 175 29.63 -25.45 -23.86
N ALA A 176 29.67 -24.16 -24.22
CA ALA A 176 30.76 -23.30 -23.79
C ALA A 176 30.70 -23.00 -22.30
N GLY A 177 29.49 -23.00 -21.72
CA GLY A 177 29.38 -22.83 -20.28
C GLY A 177 29.79 -24.04 -19.49
N TRP A 178 29.52 -25.23 -20.02
CA TRP A 178 30.01 -26.44 -19.38
C TRP A 178 31.53 -26.54 -19.51
N PHE A 179 32.06 -26.16 -20.67
CA PHE A 179 33.48 -26.36 -20.95
C PHE A 179 34.35 -25.41 -20.14
N HIS A 180 33.90 -24.17 -19.97
CA HIS A 180 34.71 -23.14 -19.34
C HIS A 180 34.57 -23.12 -17.82
N TYR A 181 33.84 -24.07 -17.24
CA TYR A 181 33.83 -24.28 -15.79
C TYR A 181 34.27 -25.68 -15.42
N HIS A 182 33.71 -26.71 -16.05
CA HIS A 182 34.01 -28.08 -15.66
C HIS A 182 35.33 -28.55 -16.24
N LYS A 183 35.63 -28.19 -17.49
CA LYS A 183 36.77 -28.74 -18.20
C LYS A 183 37.95 -27.78 -18.28
N ALA A 184 37.74 -26.57 -18.78
CA ALA A 184 38.82 -25.62 -19.03
C ALA A 184 38.47 -24.26 -18.46
N ALA A 185 38.77 -24.07 -17.17
CA ALA A 185 38.37 -22.86 -16.46
C ALA A 185 39.52 -21.86 -16.47
N PRO A 186 39.28 -20.60 -16.85
CA PRO A 186 40.34 -19.59 -16.79
C PRO A 186 40.72 -19.22 -15.36
N LYS A 187 41.94 -18.69 -15.22
CA LYS A 187 42.43 -18.24 -13.93
C LYS A 187 41.87 -16.85 -13.63
N LEU A 188 42.30 -16.28 -12.49
CA LEU A 188 41.83 -14.96 -12.10
C LEU A 188 42.42 -13.87 -12.97
N GLU A 189 43.70 -14.02 -13.35
CA GLU A 189 44.38 -12.98 -14.12
C GLU A 189 43.88 -12.89 -15.56
N TRP A 190 43.22 -13.94 -16.06
CA TRP A 190 42.59 -13.84 -17.37
C TRP A 190 41.36 -12.94 -17.33
N PHE A 191 40.68 -12.86 -16.18
CA PHE A 191 39.52 -12.00 -16.06
C PHE A 191 39.89 -10.55 -15.79
N GLN A 192 41.02 -10.32 -15.13
CA GLN A 192 41.43 -8.97 -14.76
C GLN A 192 42.12 -8.23 -15.91
N ASN A 193 42.22 -8.83 -17.08
CA ASN A 193 42.79 -8.16 -18.25
C ASN A 193 41.71 -7.28 -18.85
N ALA A 194 41.50 -6.12 -18.24
CA ALA A 194 40.43 -5.22 -18.66
C ALA A 194 40.77 -4.47 -19.93
N GLU A 195 42.04 -4.19 -20.18
CA GLU A 195 42.43 -3.42 -21.36
C GLU A 195 42.31 -4.27 -22.62
N SER A 196 42.64 -5.56 -22.54
CA SER A 196 42.43 -6.45 -23.68
C SER A 196 40.96 -6.72 -23.92
N MET A 197 40.17 -6.76 -22.85
CA MET A 197 38.75 -7.01 -22.99
C MET A 197 38.03 -5.79 -23.55
N MET A 198 38.50 -4.60 -23.18
CA MET A 198 37.99 -3.37 -23.79
C MET A 198 38.40 -3.27 -25.26
N ASN A 199 39.60 -3.73 -25.58
CA ASN A 199 40.07 -3.72 -26.97
C ASN A 199 39.27 -4.66 -27.84
N HIS A 200 38.90 -5.81 -27.31
CA HIS A 200 38.29 -6.85 -28.12
C HIS A 200 36.81 -6.61 -28.35
N HIS A 201 36.09 -6.17 -27.31
CA HIS A 201 34.65 -5.92 -27.48
C HIS A 201 34.38 -4.71 -28.34
N LEU A 202 35.24 -3.70 -28.28
CA LEU A 202 35.08 -2.51 -29.13
C LEU A 202 35.35 -2.85 -30.59
N GLY A 203 36.45 -3.55 -30.85
CA GLY A 203 36.76 -3.92 -32.22
C GLY A 203 35.95 -5.10 -32.72
N GLY A 204 35.96 -6.21 -31.99
CA GLY A 204 35.30 -7.40 -32.46
C GLY A 204 33.79 -7.40 -32.27
N LEU A 205 33.33 -7.20 -31.05
CA LEU A 205 31.91 -7.32 -30.76
C LEU A 205 31.12 -6.14 -31.30
N PHE A 206 31.64 -4.92 -31.13
CA PHE A 206 30.89 -3.74 -31.53
C PHE A 206 31.30 -3.24 -32.91
N GLY A 207 32.56 -3.40 -33.29
CA GLY A 207 33.00 -2.93 -34.59
C GLY A 207 32.65 -3.88 -35.70
N LEU A 208 33.09 -5.13 -35.60
CA LEU A 208 32.79 -6.12 -36.63
C LEU A 208 31.32 -6.52 -36.62
N GLY A 209 30.64 -6.37 -35.48
CA GLY A 209 29.22 -6.60 -35.43
C GLY A 209 28.43 -5.58 -36.22
N SER A 210 28.86 -4.33 -36.22
CA SER A 210 28.24 -3.31 -37.05
C SER A 210 28.87 -3.21 -38.43
N LEU A 211 30.07 -3.76 -38.61
CA LEU A 211 30.65 -3.86 -39.95
C LEU A 211 29.96 -4.93 -40.77
N SER A 212 29.81 -6.13 -40.20
CA SER A 212 29.20 -7.24 -40.92
C SER A 212 27.69 -7.08 -41.04
N TRP A 213 27.03 -6.41 -40.09
CA TRP A 213 25.62 -6.13 -40.30
C TRP A 213 25.41 -5.09 -41.40
N ALA A 214 26.34 -4.14 -41.52
CA ALA A 214 26.36 -3.28 -42.70
C ALA A 214 26.64 -4.07 -43.96
N GLY A 215 27.39 -5.18 -43.85
CA GLY A 215 27.53 -6.08 -44.98
C GLY A 215 26.23 -6.78 -45.33
N HIS A 216 25.43 -7.14 -44.33
CA HIS A 216 24.10 -7.66 -44.59
C HIS A 216 23.20 -6.59 -45.17
N GLN A 217 23.27 -5.38 -44.64
CA GLN A 217 22.35 -4.32 -45.05
C GLN A 217 22.58 -3.84 -46.47
N ILE A 218 23.79 -3.99 -46.98
CA ILE A 218 24.11 -3.58 -48.34
C ILE A 218 23.77 -4.69 -49.34
N HIS A 219 24.09 -5.94 -48.99
CA HIS A 219 23.96 -7.04 -49.93
C HIS A 219 22.59 -7.70 -49.91
N VAL A 220 21.86 -7.60 -48.80
CA VAL A 220 20.63 -8.35 -48.58
C VAL A 220 19.44 -7.43 -48.33
N SER A 221 19.59 -6.48 -47.40
CA SER A 221 18.46 -5.66 -46.98
C SER A 221 18.09 -4.62 -48.04
N LEU A 222 19.07 -3.80 -48.43
CA LEU A 222 18.85 -2.81 -49.49
C LEU A 222 18.40 -3.35 -50.85
N PRO A 223 18.86 -4.51 -51.36
CA PRO A 223 18.30 -4.94 -52.66
C PRO A 223 16.83 -5.34 -52.61
N VAL A 224 16.40 -6.05 -51.57
CA VAL A 224 15.02 -6.54 -51.56
C VAL A 224 14.06 -5.46 -51.10
N ASN A 225 14.54 -4.40 -50.44
CA ASN A 225 13.63 -3.38 -49.93
C ASN A 225 13.37 -2.30 -50.96
N LYS A 226 14.33 -2.03 -51.85
CA LYS A 226 14.04 -1.15 -52.99
C LYS A 226 13.06 -1.80 -53.95
N LEU A 227 13.07 -3.13 -54.03
CA LEU A 227 12.08 -3.84 -54.84
C LEU A 227 10.75 -3.96 -54.11
N LEU A 228 10.76 -3.84 -52.79
CA LEU A 228 9.50 -3.80 -52.05
C LEU A 228 8.86 -2.43 -52.12
N ASP A 229 9.67 -1.36 -52.10
CA ASP A 229 9.14 -0.01 -52.23
C ASP A 229 8.60 0.28 -53.62
N SER A 230 9.20 -0.29 -54.67
CA SER A 230 8.58 -0.24 -55.99
C SER A 230 7.37 -1.15 -56.06
N GLY A 231 7.31 -2.18 -55.24
CA GLY A 231 6.12 -2.98 -55.05
C GLY A 231 5.75 -3.89 -56.21
N VAL A 232 6.64 -4.81 -56.56
CA VAL A 232 6.30 -5.79 -57.60
C VAL A 232 5.48 -6.92 -56.98
N SER A 233 6.09 -7.70 -56.07
CA SER A 233 5.53 -8.76 -55.23
C SER A 233 6.66 -9.26 -54.34
N PRO A 234 6.36 -9.80 -53.16
CA PRO A 234 7.41 -10.48 -52.38
C PRO A 234 7.89 -11.79 -52.99
N GLN A 235 7.09 -12.41 -53.87
CA GLN A 235 7.48 -13.65 -54.52
C GLN A 235 8.27 -13.41 -55.80
N GLU A 236 8.04 -12.27 -56.46
CA GLU A 236 8.79 -11.94 -57.66
C GLU A 236 10.18 -11.41 -57.35
N ILE A 237 10.46 -11.08 -56.10
CA ILE A 237 11.76 -10.52 -55.71
C ILE A 237 12.80 -11.62 -55.74
N PRO A 238 13.95 -11.42 -56.38
CA PRO A 238 15.01 -12.44 -56.39
C PRO A 238 15.58 -12.70 -55.00
N LEU A 239 16.14 -13.89 -54.84
CA LEU A 239 16.61 -14.33 -53.54
C LEU A 239 17.87 -13.56 -53.13
N PRO A 240 18.13 -13.41 -51.83
CA PRO A 240 19.26 -12.55 -51.39
C PRO A 240 20.63 -13.06 -51.78
N HIS A 241 20.80 -14.35 -52.05
CA HIS A 241 22.09 -14.81 -52.59
C HIS A 241 22.20 -14.55 -54.08
N GLU A 242 21.08 -14.33 -54.76
CA GLU A 242 21.12 -14.04 -56.20
C GLU A 242 21.57 -12.62 -56.48
N PHE A 243 21.58 -11.75 -55.47
CA PHE A 243 22.18 -10.43 -55.61
C PHE A 243 23.69 -10.47 -55.44
N ILE A 244 24.26 -11.60 -55.05
CA ILE A 244 25.70 -11.78 -54.98
C ILE A 244 26.24 -12.39 -56.27
N LEU A 245 25.54 -13.40 -56.79
CA LEU A 245 25.97 -14.05 -58.03
C LEU A 245 25.74 -13.15 -59.23
N ASN A 246 24.48 -12.76 -59.47
CA ASN A 246 24.13 -11.95 -60.63
C ASN A 246 24.55 -10.51 -60.35
N LYS A 247 25.72 -10.13 -60.89
CA LYS A 247 26.22 -8.79 -60.67
C LYS A 247 25.51 -7.78 -61.55
N ASP A 248 24.86 -8.24 -62.63
CA ASP A 248 24.06 -7.34 -63.45
C ASP A 248 22.73 -7.04 -62.78
N LEU A 249 22.27 -7.93 -61.89
CA LEU A 249 21.01 -7.71 -61.20
C LEU A 249 21.15 -6.68 -60.09
N ILE A 250 22.26 -6.73 -59.33
CA ILE A 250 22.55 -5.72 -58.33
C ILE A 250 22.96 -4.39 -58.97
N ALA A 251 23.39 -4.40 -60.23
CA ALA A 251 23.69 -3.16 -60.94
C ALA A 251 22.45 -2.48 -61.49
N GLN A 252 21.29 -3.13 -61.46
CA GLN A 252 20.06 -2.50 -61.92
C GLN A 252 19.52 -1.48 -60.92
N LEU A 253 19.73 -1.70 -59.63
CA LEU A 253 19.28 -0.80 -58.57
C LEU A 253 20.50 -0.32 -57.81
N TYR A 254 20.60 1.00 -57.61
CA TYR A 254 21.78 1.79 -57.26
C TYR A 254 23.00 1.35 -58.07
N PRO A 255 23.09 1.73 -59.35
CA PRO A 255 24.13 1.19 -60.24
C PRO A 255 25.56 1.62 -59.94
N SER A 256 26.04 1.32 -58.73
CA SER A 256 27.44 1.48 -58.38
C SER A 256 28.11 0.17 -58.03
N PHE A 257 27.47 -0.96 -58.31
CA PHE A 257 28.08 -2.26 -58.07
C PHE A 257 28.83 -2.79 -59.28
N GLY A 258 28.67 -2.16 -60.45
CA GLY A 258 29.49 -2.51 -61.59
C GLY A 258 30.93 -2.08 -61.47
N GLN A 259 31.22 -1.15 -60.57
CA GLN A 259 32.58 -0.68 -60.31
C GLN A 259 33.27 -1.47 -59.22
N GLY A 260 32.54 -2.26 -58.44
CA GLY A 260 33.17 -3.16 -57.49
C GLY A 260 33.75 -2.45 -56.28
N LEU A 261 34.76 -3.08 -55.68
CA LEU A 261 35.46 -2.52 -54.54
C LEU A 261 36.60 -1.58 -54.93
N THR A 262 36.78 -1.34 -56.22
CA THR A 262 37.80 -0.39 -56.66
C THR A 262 37.50 1.08 -56.32
N PRO A 263 36.25 1.55 -56.17
CA PRO A 263 36.07 2.85 -55.49
C PRO A 263 36.43 2.81 -54.01
N PHE A 264 36.40 1.66 -53.35
CA PHE A 264 36.72 1.61 -51.94
C PHE A 264 38.22 1.68 -51.69
N PHE A 265 39.01 1.01 -52.53
CA PHE A 265 40.45 0.92 -52.27
C PHE A 265 41.23 2.08 -52.89
N THR A 266 40.66 2.75 -53.89
CA THR A 266 41.25 3.95 -54.45
C THR A 266 40.73 5.22 -53.80
N LEU A 267 40.03 5.10 -52.67
CA LEU A 267 39.50 6.20 -51.85
C LEU A 267 38.51 7.08 -52.60
N ASN A 268 37.86 6.55 -53.64
CA ASN A 268 36.83 7.29 -54.37
C ASN A 268 35.47 6.84 -53.82
N TRP A 269 35.24 7.21 -52.55
CA TRP A 269 34.06 6.77 -51.83
C TRP A 269 32.79 7.48 -52.26
N ASN A 270 32.90 8.58 -53.01
CA ASN A 270 31.73 9.33 -53.46
C ASN A 270 30.92 8.57 -54.50
N GLU A 271 31.50 7.54 -55.12
CA GLU A 271 30.76 6.70 -56.07
C GLU A 271 29.68 5.87 -55.39
N TYR A 272 29.80 5.64 -54.07
CA TYR A 272 28.81 4.89 -53.30
C TYR A 272 27.68 5.75 -52.79
N SER A 273 27.42 6.91 -53.39
CA SER A 273 26.46 7.86 -52.86
C SER A 273 25.01 7.54 -53.22
N ASP A 274 24.72 6.31 -53.64
CA ASP A 274 23.35 5.89 -53.92
C ASP A 274 22.85 4.78 -53.01
N PHE A 275 23.75 3.98 -52.43
CA PHE A 275 23.39 3.03 -51.39
C PHE A 275 24.08 3.30 -50.07
N LEU A 276 24.97 4.29 -50.01
CA LEU A 276 25.53 4.82 -48.76
C LEU A 276 25.24 6.31 -48.77
N THR A 277 24.05 6.68 -48.34
CA THR A 277 23.60 8.05 -48.43
C THR A 277 23.58 8.70 -47.05
N PHE A 278 23.27 9.99 -47.05
CA PHE A 278 22.95 10.77 -45.86
C PHE A 278 21.62 11.47 -46.07
N LYS A 279 20.61 10.67 -46.48
CA LYS A 279 19.29 11.22 -46.79
C LYS A 279 18.65 11.83 -45.55
N GLY A 280 18.74 11.15 -44.42
CA GLY A 280 18.37 11.72 -43.14
C GLY A 280 16.90 12.04 -42.99
N GLY A 281 16.06 11.04 -42.86
CA GLY A 281 14.64 11.28 -42.68
C GLY A 281 13.86 10.00 -42.72
N LEU A 282 12.64 10.07 -43.25
CA LEU A 282 11.74 8.94 -43.32
C LEU A 282 11.36 8.66 -44.76
N ASN A 283 11.20 7.37 -45.06
CA ASN A 283 10.75 6.94 -46.37
C ASN A 283 9.30 7.35 -46.56
N PRO A 284 8.94 7.98 -47.69
CA PRO A 284 7.53 8.36 -47.90
C PRO A 284 6.63 7.18 -48.23
N VAL A 285 7.18 5.99 -48.47
CA VAL A 285 6.36 4.85 -48.88
C VAL A 285 6.30 3.78 -47.79
N THR A 286 7.23 3.79 -46.83
CA THR A 286 7.16 2.90 -45.68
C THR A 286 6.96 3.62 -44.36
N GLY A 287 7.52 4.82 -44.22
CA GLY A 287 7.46 5.51 -42.94
C GLY A 287 8.57 5.12 -42.00
N GLY A 288 9.61 4.45 -42.50
CA GLY A 288 10.76 4.10 -41.72
C GLY A 288 11.99 4.87 -42.18
N LEU A 289 13.08 4.67 -41.44
CA LEU A 289 14.36 5.24 -41.86
C LEU A 289 14.82 4.60 -43.16
N TRP A 290 15.59 5.37 -43.93
CA TRP A 290 16.18 4.85 -45.16
C TRP A 290 17.19 3.77 -44.81
N LEU A 291 17.13 2.64 -45.53
CA LEU A 291 18.09 1.58 -45.29
C LEU A 291 19.46 1.92 -45.85
N SER A 292 19.53 2.84 -46.82
CA SER A 292 20.82 3.36 -47.25
C SER A 292 21.44 4.26 -46.20
N ASP A 293 20.62 4.96 -45.42
CA ASP A 293 21.14 5.71 -44.28
C ASP A 293 21.69 4.77 -43.21
N SER A 294 20.95 3.71 -42.91
CA SER A 294 21.38 2.75 -41.90
C SER A 294 22.57 1.92 -42.34
N ALA A 295 22.73 1.71 -43.65
CA ALA A 295 23.92 1.02 -44.15
C ALA A 295 25.15 1.91 -44.02
N HIS A 296 25.01 3.21 -44.34
CA HIS A 296 26.09 4.15 -44.12
C HIS A 296 26.29 4.44 -42.65
N HIS A 297 25.24 4.28 -41.84
CA HIS A 297 25.32 4.45 -40.40
C HIS A 297 26.28 3.45 -39.78
N HIS A 298 25.93 2.16 -39.87
CA HIS A 298 26.66 1.10 -39.19
C HIS A 298 28.08 0.92 -39.71
N LEU A 299 28.34 1.33 -40.95
CA LEU A 299 29.71 1.35 -41.44
C LEU A 299 30.54 2.39 -40.70
N ALA A 300 29.98 3.58 -40.46
CA ALA A 300 30.69 4.60 -39.70
C ALA A 300 30.76 4.24 -38.23
N ILE A 301 29.74 3.55 -37.71
CA ILE A 301 29.80 3.03 -36.35
C ILE A 301 30.87 1.95 -36.22
N ALA A 302 31.10 1.19 -37.30
CA ALA A 302 32.12 0.15 -37.28
C ALA A 302 33.52 0.74 -37.18
N VAL A 303 33.85 1.67 -38.08
CA VAL A 303 35.17 2.29 -38.12
C VAL A 303 35.45 3.10 -36.87
N LEU A 304 34.42 3.72 -36.28
CA LEU A 304 34.59 4.37 -34.99
C LEU A 304 34.84 3.37 -33.88
N PHE A 305 34.24 2.19 -33.97
CA PHE A 305 34.42 1.19 -32.93
C PHE A 305 35.64 0.31 -33.15
N ILE A 306 36.04 0.11 -34.41
CA ILE A 306 37.21 -0.73 -34.68
C ILE A 306 38.48 -0.03 -34.22
N VAL A 307 38.61 1.27 -34.52
CA VAL A 307 39.79 2.01 -34.08
C VAL A 307 39.73 2.25 -32.57
N ALA A 308 38.54 2.23 -31.98
CA ALA A 308 38.42 2.36 -30.53
C ALA A 308 38.94 1.13 -29.80
N GLY A 309 38.94 -0.03 -30.46
CA GLY A 309 39.57 -1.20 -29.90
C GLY A 309 41.06 -1.27 -30.10
N HIS A 310 41.65 -0.26 -30.74
CA HIS A 310 43.09 -0.12 -30.83
C HIS A 310 43.62 0.99 -29.93
N MET A 311 42.96 1.21 -28.79
CA MET A 311 43.28 2.30 -27.89
C MET A 311 44.02 1.85 -26.65
N TYR A 312 43.59 0.76 -26.03
CA TYR A 312 44.13 0.34 -24.74
C TYR A 312 45.31 -0.60 -24.91
N ARG A 313 46.22 -0.56 -23.94
CA ARG A 313 47.50 -1.23 -24.03
C ARG A 313 47.35 -2.74 -23.84
N THR A 314 48.25 -3.47 -24.47
CA THR A 314 48.31 -4.93 -24.39
C THR A 314 49.78 -5.29 -24.25
N ASN A 315 50.12 -6.54 -24.52
CA ASN A 315 51.48 -7.03 -24.45
C ASN A 315 52.35 -6.63 -25.65
N TRP A 316 51.95 -5.64 -26.45
CA TRP A 316 52.74 -5.14 -27.57
C TRP A 316 53.09 -3.66 -27.41
N GLY A 317 53.36 -3.23 -26.18
CA GLY A 317 53.90 -1.89 -25.95
C GLY A 317 53.01 -0.67 -26.09
N ILE A 318 52.41 -0.46 -27.27
CA ILE A 318 51.69 0.78 -27.53
C ILE A 318 50.31 0.73 -26.90
N GLY A 319 49.74 1.91 -26.66
CA GLY A 319 48.39 2.02 -26.13
C GLY A 319 48.29 2.73 -24.80
N HIS A 320 47.08 3.10 -24.41
CA HIS A 320 46.85 3.67 -23.10
C HIS A 320 46.64 2.57 -22.07
N SER A 321 47.06 2.85 -20.84
CA SER A 321 46.74 1.99 -19.71
C SER A 321 45.76 2.75 -18.81
N MET A 322 44.64 2.11 -18.49
CA MET A 322 43.56 2.78 -17.77
C MET A 322 43.93 3.09 -16.33
N LYS A 323 44.95 2.42 -15.77
CA LYS A 323 45.41 2.77 -14.43
C LYS A 323 46.16 4.09 -14.44
N GLU A 324 46.85 4.41 -15.53
CA GLU A 324 47.60 5.65 -15.65
C GLU A 324 46.76 6.79 -16.21
N MET A 325 45.51 6.53 -16.58
CA MET A 325 44.59 7.60 -16.93
C MET A 325 43.80 8.07 -15.71
N TYR A 326 43.82 7.27 -14.64
CA TYR A 326 43.13 7.64 -13.42
C TYR A 326 44.10 8.33 -12.46
N ASP A 327 45.31 7.81 -12.36
CA ASP A 327 46.42 8.62 -11.92
C ASP A 327 46.61 9.74 -12.92
N SER A 328 46.94 10.94 -12.41
CA SER A 328 47.05 12.18 -13.18
C SER A 328 45.76 12.54 -13.91
N HIS A 329 44.61 12.20 -13.34
CA HIS A 329 43.35 12.91 -13.59
C HIS A 329 42.85 13.27 -12.19
N LYS A 330 43.40 14.35 -11.65
CA LYS A 330 43.12 14.81 -10.30
C LYS A 330 43.30 16.31 -10.23
N GLY A 331 42.46 16.97 -9.44
CA GLY A 331 42.48 18.40 -9.36
C GLY A 331 42.77 18.91 -7.97
N PRO A 332 42.67 20.22 -7.78
CA PRO A 332 42.83 20.78 -6.43
C PRO A 332 41.55 20.73 -5.62
N PHE A 333 40.40 20.61 -6.30
CA PHE A 333 39.14 20.45 -5.60
C PHE A 333 38.99 19.07 -5.01
N THR A 334 39.60 18.06 -5.64
CA THR A 334 39.18 16.69 -5.47
C THR A 334 40.28 15.75 -4.98
N GLY A 335 41.34 16.29 -4.38
CA GLY A 335 42.31 15.48 -3.66
C GLY A 335 43.15 14.56 -4.52
N GLU A 336 43.03 13.25 -4.30
CA GLU A 336 43.77 12.26 -5.06
C GLU A 336 43.15 11.96 -6.41
N GLY A 337 41.92 12.42 -6.65
CA GLY A 337 41.27 12.15 -7.91
C GLY A 337 40.86 10.70 -8.03
N HIS A 338 40.99 10.16 -9.24
CA HIS A 338 40.55 8.80 -9.54
C HIS A 338 41.58 7.73 -9.14
N LYS A 339 42.51 8.05 -8.24
CA LYS A 339 43.53 7.10 -7.80
C LYS A 339 42.91 6.03 -6.92
N GLY A 340 42.83 4.81 -7.44
CA GLY A 340 42.25 3.70 -6.71
C GLY A 340 41.03 3.12 -7.38
N VAL A 341 40.46 3.81 -8.36
CA VAL A 341 39.26 3.34 -9.06
C VAL A 341 39.54 2.13 -9.94
N TYR A 342 40.73 2.04 -10.52
CA TYR A 342 41.07 0.87 -11.34
C TYR A 342 41.26 -0.38 -10.49
N GLU A 343 41.81 -0.23 -9.28
CA GLU A 343 41.87 -1.36 -8.36
C GLU A 343 40.51 -1.72 -7.81
N ILE A 344 39.54 -0.79 -7.84
CA ILE A 344 38.17 -1.12 -7.50
C ILE A 344 37.52 -1.92 -8.62
N PHE A 345 37.62 -1.42 -9.85
CA PHE A 345 36.85 -2.00 -10.95
C PHE A 345 37.45 -3.28 -11.50
N THR A 346 38.69 -3.62 -11.14
CA THR A 346 39.30 -4.90 -11.51
C THR A 346 39.25 -5.91 -10.38
N ASN A 347 38.63 -5.56 -9.26
CA ASN A 347 38.46 -6.47 -8.15
C ASN A 347 37.03 -6.60 -7.67
N SER A 348 36.17 -5.61 -7.91
CA SER A 348 34.80 -5.63 -7.44
C SER A 348 33.90 -6.01 -8.60
N TRP A 349 33.30 -7.19 -8.50
CA TRP A 349 32.35 -7.63 -9.52
C TRP A 349 31.04 -6.86 -9.46
N HIS A 350 30.69 -6.33 -8.29
CA HIS A 350 29.45 -5.60 -8.08
C HIS A 350 29.54 -4.15 -8.55
N ALA A 351 30.68 -3.49 -8.30
CA ALA A 351 30.91 -2.16 -8.83
C ALA A 351 30.96 -2.17 -10.35
N GLN A 352 31.45 -3.26 -10.93
CA GLN A 352 31.27 -3.47 -12.36
C GLN A 352 29.80 -3.65 -12.71
N LEU A 353 29.05 -4.43 -11.91
CA LEU A 353 27.67 -4.73 -12.25
C LEU A 353 26.77 -3.50 -12.09
N SER A 354 27.07 -2.65 -11.11
CA SER A 354 26.30 -1.42 -10.91
C SER A 354 26.46 -0.47 -12.09
N LEU A 355 27.69 -0.21 -12.51
CA LEU A 355 27.92 0.73 -13.60
C LEU A 355 27.47 0.15 -14.93
N ASN A 356 27.61 -1.16 -15.11
CA ASN A 356 27.12 -1.77 -16.32
C ASN A 356 25.60 -1.81 -16.36
N LEU A 357 24.92 -1.92 -15.21
CA LEU A 357 23.47 -1.86 -15.21
C LEU A 357 22.95 -0.44 -15.33
N ALA A 358 23.76 0.55 -14.92
CA ALA A 358 23.36 1.94 -15.01
C ALA A 358 23.21 2.38 -16.45
N LEU A 359 24.23 2.14 -17.27
CA LEU A 359 24.23 2.59 -18.65
C LEU A 359 23.67 1.56 -19.62
N PHE A 360 23.30 0.37 -19.16
CA PHE A 360 22.51 -0.52 -20.01
C PHE A 360 21.03 -0.22 -19.86
N GLY A 361 20.62 0.22 -18.68
CA GLY A 361 19.24 0.66 -18.49
C GLY A 361 19.01 2.07 -18.98
N SER A 362 19.99 2.95 -18.82
CA SER A 362 19.89 4.29 -19.38
C SER A 362 19.88 4.25 -20.89
N LEU A 363 20.57 3.28 -21.48
CA LEU A 363 20.57 3.14 -22.94
C LEU A 363 19.21 2.68 -23.44
N SER A 364 18.55 1.82 -22.67
CA SER A 364 17.27 1.25 -23.11
C SER A 364 16.16 2.30 -23.15
N ILE A 365 16.28 3.36 -22.34
CA ILE A 365 15.33 4.47 -22.47
C ILE A 365 15.70 5.33 -23.67
N ILE A 366 17.00 5.40 -24.00
CA ILE A 366 17.45 6.14 -25.18
C ILE A 366 17.02 5.43 -26.45
N VAL A 367 17.01 4.09 -26.43
CA VAL A 367 16.48 3.29 -27.53
C VAL A 367 15.00 3.62 -27.76
N ALA A 368 14.22 3.66 -26.67
CA ALA A 368 12.79 3.92 -26.79
C ALA A 368 12.51 5.33 -27.28
N HIS A 369 13.29 6.31 -26.82
CA HIS A 369 13.10 7.69 -27.24
C HIS A 369 13.54 7.92 -28.67
N HIS A 370 14.51 7.16 -29.17
CA HIS A 370 15.00 7.35 -30.51
C HIS A 370 14.30 6.49 -31.55
N MET A 371 13.33 5.67 -31.14
CA MET A 371 12.66 4.77 -32.08
C MET A 371 11.23 5.17 -32.41
N TYR A 372 10.59 6.02 -31.59
CA TYR A 372 9.28 6.53 -31.99
C TYR A 372 9.43 7.79 -32.85
N SER A 373 10.49 8.57 -32.61
CA SER A 373 10.75 9.79 -33.35
C SER A 373 11.45 9.52 -34.66
N MET A 374 12.39 8.57 -34.66
CA MET A 374 13.06 8.08 -35.86
C MET A 374 12.71 6.60 -35.97
N PRO A 375 11.59 6.27 -36.60
CA PRO A 375 11.18 4.86 -36.73
C PRO A 375 12.10 4.12 -37.67
N PRO A 376 12.79 3.08 -37.19
CA PRO A 376 13.87 2.48 -37.99
C PRO A 376 13.39 1.43 -38.97
N TYR A 377 12.24 0.83 -38.75
CA TYR A 377 11.77 -0.30 -39.50
C TYR A 377 10.62 0.09 -40.42
N PRO A 378 10.50 -0.53 -41.59
CA PRO A 378 9.43 -0.17 -42.53
C PRO A 378 8.07 -0.60 -42.00
N TYR A 379 7.10 0.31 -42.12
CA TYR A 379 5.72 0.15 -41.63
C TYR A 379 5.66 -0.12 -40.13
N LEU A 380 6.57 0.51 -39.39
CA LEU A 380 6.53 0.48 -37.93
C LEU A 380 5.78 1.67 -37.36
N ALA A 381 5.93 2.85 -37.97
CA ALA A 381 5.33 4.06 -37.42
C ALA A 381 3.83 4.09 -37.61
N THR A 382 3.33 3.51 -38.71
CA THR A 382 1.89 3.46 -38.92
C THR A 382 1.25 2.45 -37.98
N ASP A 383 1.95 1.38 -37.65
CA ASP A 383 1.45 0.42 -36.67
C ASP A 383 1.55 1.06 -35.30
N TYR A 384 0.46 1.72 -34.89
CA TYR A 384 0.39 2.33 -33.57
C TYR A 384 0.34 1.26 -32.48
N ALA A 385 -0.13 0.05 -32.83
CA ALA A 385 -0.16 -1.07 -31.90
C ALA A 385 1.24 -1.51 -31.49
N THR A 386 2.25 -1.24 -32.32
CA THR A 386 3.60 -1.73 -32.10
C THR A 386 4.54 -0.69 -31.50
N SER A 387 4.52 0.54 -32.04
CA SER A 387 5.47 1.56 -31.63
C SER A 387 5.23 2.03 -30.20
N LEU A 388 3.99 1.97 -29.73
CA LEU A 388 3.73 2.32 -28.34
C LEU A 388 4.24 1.24 -27.39
N CYS A 389 4.04 -0.04 -27.73
CA CYS A 389 4.52 -1.10 -26.86
C CYS A 389 6.03 -1.23 -26.91
N LEU A 390 6.66 -0.86 -28.02
CA LEU A 390 8.12 -0.88 -28.08
C LEU A 390 8.72 0.24 -27.24
N PHE A 391 8.01 1.36 -27.13
CA PHE A 391 8.43 2.42 -26.21
C PHE A 391 8.28 1.95 -24.77
N THR A 392 7.09 1.48 -24.41
CA THR A 392 6.79 1.16 -23.01
C THR A 392 7.54 -0.08 -22.54
N HIS A 393 7.98 -0.94 -23.46
CA HIS A 393 8.79 -2.08 -23.06
C HIS A 393 10.17 -1.63 -22.59
N HIS A 394 10.90 -0.93 -23.47
CA HIS A 394 12.29 -0.62 -23.20
C HIS A 394 12.46 0.47 -22.14
N VAL A 395 11.44 1.30 -21.92
CA VAL A 395 11.45 2.19 -20.77
C VAL A 395 11.33 1.38 -19.48
N TRP A 396 10.41 0.42 -19.45
CA TRP A 396 10.24 -0.43 -18.27
C TRP A 396 11.45 -1.33 -18.05
N ILE A 397 11.98 -1.89 -19.14
CA ILE A 397 13.15 -2.75 -19.04
C ILE A 397 14.36 -1.94 -18.58
N GLY A 398 14.50 -0.72 -19.10
CA GLY A 398 15.65 0.10 -18.74
C GLY A 398 15.60 0.60 -17.31
N GLY A 399 14.42 1.06 -16.86
CA GLY A 399 14.30 1.56 -15.51
C GLY A 399 14.47 0.51 -14.44
N PHE A 400 14.19 -0.75 -14.75
CA PHE A 400 14.47 -1.83 -13.81
C PHE A 400 15.96 -2.01 -13.59
N LEU A 401 16.76 -1.83 -14.65
CA LEU A 401 18.21 -1.98 -14.55
C LEU A 401 18.85 -0.83 -13.79
N ILE A 402 18.27 0.36 -13.86
CA ILE A 402 18.76 1.50 -13.11
C ILE A 402 18.58 1.29 -11.60
N VAL A 403 17.50 0.60 -11.21
CA VAL A 403 17.35 0.23 -9.80
C VAL A 403 18.37 -0.84 -9.43
N GLY A 404 18.73 -1.70 -10.39
CA GLY A 404 19.80 -2.65 -10.15
C GLY A 404 21.17 -2.02 -10.15
N ALA A 405 21.30 -0.81 -10.70
CA ALA A 405 22.55 -0.07 -10.55
C ALA A 405 22.74 0.40 -9.11
N GLY A 406 21.71 1.04 -8.53
CA GLY A 406 21.76 1.42 -7.14
C GLY A 406 21.71 0.25 -6.18
N ALA A 407 21.22 -0.90 -6.65
CA ALA A 407 21.28 -2.11 -5.84
C ALA A 407 22.71 -2.59 -5.68
N HIS A 408 23.39 -2.85 -6.80
CA HIS A 408 24.70 -3.48 -6.75
C HIS A 408 25.81 -2.48 -6.46
N ALA A 409 25.54 -1.18 -6.54
CA ALA A 409 26.48 -0.20 -6.01
C ALA A 409 26.50 -0.26 -4.49
N ALA A 410 25.35 -0.60 -3.89
CA ALA A 410 25.28 -0.70 -2.44
C ALA A 410 25.95 -1.97 -1.92
N ILE A 411 25.90 -3.06 -2.70
CA ILE A 411 26.60 -4.27 -2.30
C ILE A 411 28.11 -4.11 -2.43
N PHE A 412 28.56 -3.18 -3.28
CA PHE A 412 29.98 -2.83 -3.32
C PHE A 412 30.43 -2.21 -2.01
N MET A 413 29.61 -1.34 -1.41
CA MET A 413 30.01 -0.64 -0.20
C MET A 413 30.06 -1.57 1.00
N VAL A 414 29.14 -2.53 1.10
CA VAL A 414 29.09 -3.39 2.26
C VAL A 414 30.25 -4.38 2.32
N ARG A 415 30.55 -5.08 1.24
CA ARG A 415 31.58 -6.12 1.28
C ARG A 415 32.81 -5.82 0.44
N ASP A 416 32.69 -5.10 -0.67
CA ASP A 416 33.82 -4.89 -1.57
C ASP A 416 34.54 -3.58 -1.34
N TYR A 417 34.03 -2.71 -0.47
CA TYR A 417 34.72 -1.46 -0.16
C TYR A 417 35.87 -1.72 0.80
N ASP A 418 36.94 -0.96 0.66
CA ASP A 418 38.11 -1.05 1.53
C ASP A 418 38.51 0.35 1.95
N PRO A 419 38.65 0.62 3.26
CA PRO A 419 39.15 1.93 3.69
C PRO A 419 40.60 2.20 3.32
N ALA A 420 41.43 1.17 3.20
CA ALA A 420 42.86 1.39 2.96
C ALA A 420 43.13 1.84 1.54
N GLN A 421 42.49 1.20 0.56
CA GLN A 421 42.72 1.58 -0.83
C GLN A 421 42.00 2.88 -1.19
N ASN A 422 40.87 3.17 -0.53
CA ASN A 422 40.10 4.38 -0.79
C ASN A 422 40.38 5.37 0.32
N TYR A 423 41.49 6.11 0.17
CA TYR A 423 41.86 7.17 1.09
C TYR A 423 42.05 8.44 0.26
N ASN A 424 41.19 9.44 0.50
CA ASN A 424 41.20 10.75 -0.13
C ASN A 424 41.00 10.70 -1.64
N ASN A 425 40.47 9.59 -2.16
CA ASN A 425 40.15 9.50 -3.59
C ASN A 425 38.73 9.99 -3.80
N LEU A 426 38.17 9.74 -4.98
CA LEU A 426 36.84 10.24 -5.28
C LEU A 426 35.73 9.39 -4.67
N VAL A 427 36.02 8.15 -4.27
CA VAL A 427 35.02 7.39 -3.51
C VAL A 427 34.93 7.93 -2.10
N ASP A 428 36.08 8.24 -1.49
CA ASP A 428 36.11 8.70 -0.10
C ASP A 428 35.53 10.10 0.05
N ARG A 429 35.75 10.97 -0.94
CA ARG A 429 35.31 12.36 -0.81
C ARG A 429 33.81 12.51 -1.01
N VAL A 430 33.17 11.57 -1.71
CA VAL A 430 31.72 11.54 -1.74
C VAL A 430 31.17 10.98 -0.43
N LEU A 431 31.89 10.05 0.19
CA LEU A 431 31.50 9.52 1.50
C LEU A 431 31.69 10.52 2.63
N ARG A 432 32.45 11.59 2.42
CA ARG A 432 32.67 12.57 3.48
C ARG A 432 31.74 13.77 3.39
N HIS A 433 30.96 13.90 2.33
CA HIS A 433 29.97 14.96 2.26
C HIS A 433 28.63 14.41 1.79
N ARG A 434 28.33 13.18 2.22
CA ARG A 434 27.10 12.51 1.80
C ARG A 434 25.86 13.15 2.42
N ASP A 435 26.02 13.88 3.54
CA ASP A 435 24.91 14.68 4.03
C ASP A 435 24.70 15.92 3.20
N ALA A 436 25.74 16.46 2.56
CA ALA A 436 25.56 17.59 1.67
C ALA A 436 24.89 17.19 0.38
N ILE A 437 25.12 15.96 -0.08
CA ILE A 437 24.50 15.50 -1.32
C ILE A 437 23.04 15.15 -1.10
N ILE A 438 22.74 14.46 0.01
CA ILE A 438 21.39 13.96 0.22
C ILE A 438 20.44 15.09 0.58
N SER A 439 20.87 16.01 1.46
CA SER A 439 19.99 17.10 1.88
C SER A 439 19.78 18.11 0.76
N HIS A 440 20.75 18.24 -0.15
CA HIS A 440 20.50 19.05 -1.34
C HIS A 440 19.65 18.30 -2.35
N LEU A 441 19.72 16.97 -2.34
CA LEU A 441 18.78 16.18 -3.12
C LEU A 441 17.42 16.12 -2.45
N ASN A 442 17.41 16.19 -1.12
CA ASN A 442 16.16 16.29 -0.36
C ASN A 442 15.43 17.58 -0.68
N TRP A 443 16.15 18.69 -0.78
CA TRP A 443 15.50 19.97 -1.06
C TRP A 443 14.93 20.00 -2.48
N VAL A 444 15.67 19.47 -3.46
CA VAL A 444 15.25 19.61 -4.84
C VAL A 444 14.11 18.67 -5.18
N CYS A 445 13.87 17.63 -4.37
CA CYS A 445 12.68 16.82 -4.57
C CYS A 445 11.44 17.54 -4.06
N ILE A 446 11.54 18.17 -2.88
CA ILE A 446 10.41 18.91 -2.34
C ILE A 446 10.15 20.18 -3.13
N PHE A 447 11.23 20.79 -3.67
CA PHE A 447 11.05 21.94 -4.55
C PHE A 447 10.36 21.54 -5.84
N LEU A 448 10.76 20.43 -6.45
CA LEU A 448 10.13 19.99 -7.68
C LEU A 448 8.78 19.36 -7.42
N GLY A 449 8.57 18.79 -6.23
CA GLY A 449 7.27 18.21 -5.93
C GLY A 449 6.20 19.27 -5.79
N PHE A 450 6.51 20.36 -5.09
CA PHE A 450 5.59 21.48 -5.01
C PHE A 450 5.42 22.14 -6.38
N HIS A 451 6.53 22.54 -7.00
CA HIS A 451 6.47 23.38 -8.19
C HIS A 451 6.22 22.60 -9.48
N SER A 452 5.90 21.31 -9.42
CA SER A 452 5.34 20.63 -10.57
C SER A 452 3.98 20.00 -10.28
N PHE A 453 3.87 19.22 -9.20
CA PHE A 453 2.61 18.55 -8.89
C PHE A 453 1.59 19.52 -8.31
N GLY A 454 2.04 20.49 -7.49
CA GLY A 454 1.14 21.50 -6.97
C GLY A 454 0.56 22.40 -8.04
N LEU A 455 1.20 22.48 -9.20
CA LEU A 455 0.62 23.19 -10.32
C LEU A 455 -0.52 22.41 -10.99
N TYR A 456 -0.72 21.15 -10.60
CA TYR A 456 -1.95 20.45 -10.94
C TYR A 456 -3.00 20.66 -9.87
N ILE A 457 -2.58 20.61 -8.60
CA ILE A 457 -3.49 20.84 -7.47
C ILE A 457 -4.04 22.26 -7.52
N HIS A 458 -3.21 23.22 -7.94
CA HIS A 458 -3.70 24.55 -8.27
C HIS A 458 -4.70 24.48 -9.42
N ASN A 459 -4.40 23.70 -10.46
CA ASN A 459 -5.27 23.65 -11.62
C ASN A 459 -6.53 22.83 -11.39
N ASP A 460 -6.48 21.83 -10.51
CA ASP A 460 -7.72 21.16 -10.09
C ASP A 460 -8.61 22.14 -9.33
N THR A 461 -8.00 22.92 -8.43
CA THR A 461 -8.76 23.84 -7.60
C THR A 461 -9.27 25.02 -8.40
N MET A 462 -8.48 25.54 -9.35
CA MET A 462 -8.94 26.65 -10.17
C MET A 462 -10.04 26.21 -11.12
N ARG A 463 -9.96 24.99 -11.64
CA ARG A 463 -11.02 24.51 -12.52
C ARG A 463 -12.30 24.22 -11.74
N ALA A 464 -12.16 23.74 -10.50
CA ALA A 464 -13.35 23.43 -9.70
C ALA A 464 -14.03 24.70 -9.20
N LEU A 465 -13.25 25.69 -8.76
CA LEU A 465 -13.80 26.93 -8.22
C LEU A 465 -14.28 27.91 -9.30
N GLY A 466 -14.41 27.49 -10.55
CA GLY A 466 -14.91 28.37 -11.59
C GLY A 466 -13.93 29.42 -12.05
N ARG A 467 -12.64 29.19 -11.84
CA ARG A 467 -11.62 30.17 -12.19
C ARG A 467 -10.64 29.59 -13.20
N PRO A 468 -11.01 29.45 -14.48
CA PRO A 468 -10.06 28.94 -15.46
C PRO A 468 -9.02 29.96 -15.91
N GLN A 469 -9.15 31.21 -15.49
CA GLN A 469 -8.20 32.26 -15.80
C GLN A 469 -7.13 32.40 -14.72
N ASP A 470 -7.14 31.55 -13.71
CA ASP A 470 -6.20 31.62 -12.60
C ASP A 470 -5.28 30.42 -12.52
N MET A 471 -5.35 29.52 -13.49
CA MET A 471 -4.56 28.30 -13.45
C MET A 471 -3.34 28.42 -14.36
N PHE A 472 -2.66 27.31 -14.57
CA PHE A 472 -1.48 27.26 -15.44
C PHE A 472 -1.87 26.53 -16.73
N SER A 473 -2.09 27.28 -17.79
CA SER A 473 -2.55 26.73 -19.06
C SER A 473 -2.06 27.62 -20.19
N ASP A 474 -2.53 27.35 -21.40
CA ASP A 474 -2.22 28.19 -22.56
C ASP A 474 -3.21 29.34 -22.73
N ALA A 475 -4.41 29.22 -22.17
CA ALA A 475 -5.36 30.32 -22.08
C ALA A 475 -5.39 30.93 -20.69
N ALA A 476 -4.27 30.84 -19.98
CA ALA A 476 -4.15 31.22 -18.58
C ALA A 476 -2.72 31.69 -18.32
N ILE A 477 -2.26 31.61 -17.07
CA ILE A 477 -0.88 31.92 -16.75
C ILE A 477 0.02 30.89 -17.43
N GLN A 478 0.73 31.32 -18.47
CA GLN A 478 1.49 30.40 -19.30
C GLN A 478 2.83 30.08 -18.66
N LEU A 479 3.20 28.80 -18.70
CA LEU A 479 4.54 28.33 -18.36
C LEU A 479 5.07 27.66 -19.61
N GLN A 480 5.65 28.46 -20.48
CA GLN A 480 6.02 27.96 -21.80
C GLN A 480 7.39 27.28 -21.74
N PRO A 481 7.59 26.19 -22.49
CA PRO A 481 8.90 25.53 -22.51
C PRO A 481 9.86 26.16 -23.52
N VAL A 482 10.47 27.27 -23.13
CA VAL A 482 11.26 28.03 -24.09
C VAL A 482 12.67 27.44 -24.25
N PHE A 483 13.19 26.76 -23.22
CA PHE A 483 14.47 26.08 -23.37
C PHE A 483 14.35 24.82 -24.22
N ALA A 484 13.16 24.26 -24.37
CA ALA A 484 12.94 23.12 -25.24
C ALA A 484 12.45 23.53 -26.61
N GLN A 485 11.69 24.63 -26.72
CA GLN A 485 11.25 25.11 -28.02
C GLN A 485 12.40 25.72 -28.81
N TRP A 486 13.46 26.16 -28.12
CA TRP A 486 14.66 26.62 -28.81
C TRP A 486 15.44 25.43 -29.38
N VAL A 487 15.53 24.35 -28.61
CA VAL A 487 16.14 23.11 -29.08
C VAL A 487 15.28 22.48 -30.18
N GLN A 488 13.97 22.70 -30.14
CA GLN A 488 13.12 22.33 -31.26
C GLN A 488 13.39 23.19 -32.50
N GLY A 489 14.01 24.36 -32.31
CA GLY A 489 14.31 25.22 -33.43
C GLY A 489 15.70 25.03 -34.00
N VAL A 490 16.67 24.71 -33.15
CA VAL A 490 18.03 24.51 -33.65
C VAL A 490 18.26 23.11 -34.19
N ASN A 491 17.40 22.15 -33.85
CA ASN A 491 17.51 20.81 -34.42
C ASN A 491 16.62 20.60 -35.64
N SER A 492 15.58 21.42 -35.82
CA SER A 492 14.74 21.32 -37.00
C SER A 492 15.25 22.17 -38.15
N ALA A 493 16.22 23.05 -37.90
CA ALA A 493 16.80 23.89 -38.93
C ALA A 493 18.27 23.57 -39.15
N ALA A 494 18.63 22.28 -39.18
CA ALA A 494 19.99 21.85 -39.42
C ALA A 494 20.18 21.17 -40.77
N ALA A 495 19.11 20.97 -41.52
CA ALA A 495 19.22 20.40 -42.87
C ALA A 495 19.70 21.47 -43.83
N GLY A 496 20.96 21.39 -44.24
CA GLY A 496 21.55 22.36 -45.14
C GLY A 496 22.29 23.50 -44.47
N ASN A 497 22.26 23.58 -43.14
CA ASN A 497 22.88 24.68 -42.42
C ASN A 497 24.07 24.26 -41.59
N THR A 498 23.88 23.33 -40.65
CA THR A 498 24.96 22.84 -39.81
C THR A 498 25.25 21.36 -40.03
N ALA A 499 24.28 20.59 -40.53
CA ALA A 499 24.51 19.29 -41.15
C ALA A 499 24.15 19.47 -42.61
N PRO A 500 25.09 19.95 -43.45
CA PRO A 500 24.71 20.40 -44.80
C PRO A 500 24.41 19.29 -45.79
N ASN A 501 25.02 18.12 -45.63
CA ASN A 501 24.82 17.06 -46.62
C ASN A 501 23.57 16.24 -46.32
N ALA A 502 22.88 16.54 -45.23
CA ALA A 502 21.60 15.89 -44.94
C ALA A 502 20.50 16.51 -45.78
N LEU A 503 19.65 15.66 -46.37
CA LEU A 503 18.57 16.16 -47.19
C LEU A 503 17.42 16.68 -46.34
N ALA A 504 17.17 16.08 -45.19
CA ALA A 504 16.16 16.53 -44.25
C ALA A 504 16.73 16.45 -42.84
N ASN A 505 15.89 16.72 -41.84
CA ASN A 505 16.32 16.85 -40.47
C ASN A 505 16.56 15.48 -39.85
N ALA A 506 16.97 15.48 -38.57
CA ALA A 506 17.21 14.23 -37.85
C ALA A 506 15.92 13.46 -37.64
N SER A 507 14.81 14.17 -37.41
CA SER A 507 13.49 13.58 -37.37
C SER A 507 12.48 14.65 -37.72
N TYR A 508 11.22 14.25 -37.81
CA TYR A 508 10.14 15.19 -38.00
C TYR A 508 9.51 15.61 -36.67
N ALA A 509 10.09 15.19 -35.54
CA ALA A 509 9.54 15.54 -34.24
C ALA A 509 9.77 17.00 -33.90
N PHE A 510 10.96 17.52 -34.19
CA PHE A 510 11.27 18.92 -33.88
C PHE A 510 10.47 19.86 -34.78
N GLY A 511 10.49 19.61 -36.09
CA GLY A 511 9.76 20.44 -37.02
C GLY A 511 9.93 19.96 -38.43
N GLY A 512 8.92 20.16 -39.26
CA GLY A 512 8.96 19.71 -40.63
C GLY A 512 7.56 19.39 -41.12
N ASP A 513 7.52 18.61 -42.19
CA ASP A 513 6.24 18.23 -42.77
C ASP A 513 5.70 16.98 -42.08
N ILE A 514 4.47 16.62 -42.46
CA ILE A 514 3.86 15.38 -42.00
C ILE A 514 4.14 14.29 -43.04
N VAL A 515 4.44 13.09 -42.58
CA VAL A 515 4.63 11.95 -43.46
C VAL A 515 3.47 10.97 -43.25
N SER A 516 2.78 10.64 -44.33
CA SER A 516 1.56 9.85 -44.29
C SER A 516 1.74 8.60 -45.15
N VAL A 517 1.71 7.44 -44.52
CA VAL A 517 1.78 6.16 -45.23
C VAL A 517 0.39 5.54 -45.14
N GLY A 518 -0.23 5.32 -46.29
CA GLY A 518 -1.62 4.92 -46.29
C GLY A 518 -2.50 6.10 -45.95
N GLY A 519 -3.17 6.01 -44.80
CA GLY A 519 -3.96 7.12 -44.33
C GLY A 519 -3.55 7.70 -43.00
N LYS A 520 -2.53 7.14 -42.35
CA LYS A 520 -2.21 7.48 -40.98
C LYS A 520 -0.88 8.20 -40.88
N VAL A 521 -0.71 8.96 -39.79
CA VAL A 521 0.51 9.72 -39.56
C VAL A 521 1.63 8.76 -39.17
N ALA A 522 2.73 8.82 -39.91
CA ALA A 522 3.95 8.13 -39.48
C ALA A 522 4.72 8.99 -38.50
N MET A 523 4.87 10.28 -38.81
CA MET A 523 5.56 11.22 -37.94
C MET A 523 5.09 12.62 -38.26
N MET A 524 5.03 13.47 -37.23
CA MET A 524 4.58 14.84 -37.36
C MET A 524 5.23 15.64 -36.24
N PRO A 525 5.33 16.97 -36.39
CA PRO A 525 5.93 17.80 -35.33
C PRO A 525 5.17 17.75 -34.02
N ILE A 526 5.84 17.26 -32.98
CA ILE A 526 5.29 17.15 -31.65
C ILE A 526 5.49 18.48 -30.94
N SER A 527 4.45 19.33 -30.95
CA SER A 527 4.61 20.66 -30.40
C SER A 527 4.49 20.64 -28.88
N LEU A 528 5.31 21.46 -28.23
CA LEU A 528 5.38 21.50 -26.78
C LEU A 528 4.74 22.79 -26.28
N GLY A 529 4.08 22.70 -25.13
CA GLY A 529 3.40 23.85 -24.55
C GLY A 529 3.44 23.88 -23.04
N THR A 530 2.44 24.51 -22.42
CA THR A 530 2.39 24.57 -20.97
C THR A 530 2.12 23.20 -20.37
N ALA A 531 1.27 22.41 -21.04
CA ALA A 531 0.96 21.06 -20.57
C ALA A 531 2.18 20.14 -20.69
N ASP A 532 3.05 20.38 -21.67
CA ASP A 532 4.29 19.64 -21.79
C ASP A 532 5.35 20.14 -20.81
N PHE A 533 5.26 21.39 -20.37
CA PHE A 533 6.13 21.88 -19.31
C PHE A 533 5.78 21.23 -17.98
N LEU A 534 4.50 20.95 -17.77
CA LEU A 534 4.04 20.42 -16.49
C LEU A 534 4.49 18.98 -16.28
N VAL A 535 4.38 18.15 -17.33
CA VAL A 535 4.72 16.74 -17.18
C VAL A 535 6.22 16.52 -17.19
N HIS A 536 6.98 17.37 -17.90
CA HIS A 536 8.43 17.21 -17.94
C HIS A 536 9.08 17.57 -16.61
N HIS A 537 8.43 18.38 -15.80
CA HIS A 537 8.89 18.63 -14.44
C HIS A 537 8.30 17.65 -13.45
N ILE A 538 7.26 16.90 -13.83
CA ILE A 538 6.87 15.72 -13.07
C ILE A 538 7.92 14.63 -13.22
N HIS A 539 8.39 14.43 -14.45
CA HIS A 539 9.41 13.43 -14.74
C HIS A 539 10.71 13.74 -14.01
N ALA A 540 11.18 14.99 -14.07
CA ALA A 540 12.39 15.38 -13.37
C ALA A 540 12.23 15.31 -11.87
N PHE A 541 11.01 15.49 -11.37
CA PHE A 541 10.74 15.30 -9.95
C PHE A 541 10.85 13.83 -9.58
N THR A 542 10.10 12.97 -10.27
CA THR A 542 10.00 11.56 -9.89
C THR A 542 11.30 10.81 -10.15
N ILE A 543 12.11 11.29 -11.09
CA ILE A 543 13.44 10.72 -11.28
C ILE A 543 14.34 11.11 -10.11
N HIS A 544 14.23 12.34 -9.64
CA HIS A 544 15.11 12.84 -8.58
C HIS A 544 14.81 12.19 -7.23
N VAL A 545 13.57 11.75 -7.01
CA VAL A 545 13.29 10.99 -5.79
C VAL A 545 13.87 9.59 -5.89
N THR A 546 13.82 9.00 -7.09
CA THR A 546 14.39 7.68 -7.31
C THR A 546 15.90 7.69 -7.13
N VAL A 547 16.55 8.79 -7.51
CA VAL A 547 17.95 8.98 -7.18
C VAL A 547 18.11 9.17 -5.67
N LEU A 548 17.14 9.83 -5.03
CA LEU A 548 17.28 10.17 -3.61
C LEU A 548 17.21 8.95 -2.71
N ILE A 549 16.41 7.96 -3.08
CA ILE A 549 16.34 6.74 -2.27
C ILE A 549 17.53 5.84 -2.55
N LEU A 550 17.93 5.73 -3.81
CA LEU A 550 19.00 4.80 -4.18
C LEU A 550 20.36 5.33 -3.77
N LEU A 551 20.58 6.64 -3.88
CA LEU A 551 21.87 7.19 -3.45
C LEU A 551 21.97 7.24 -1.94
N LYS A 552 20.84 7.36 -1.23
CA LYS A 552 20.88 7.27 0.23
C LYS A 552 21.21 5.86 0.69
N GLY A 553 20.78 4.85 -0.06
CA GLY A 553 21.14 3.50 0.26
C GLY A 553 22.57 3.17 -0.08
N VAL A 554 23.09 3.80 -1.14
CA VAL A 554 24.47 3.55 -1.56
C VAL A 554 25.45 4.23 -0.60
N LEU A 555 25.20 5.50 -0.28
CA LEU A 555 26.13 6.26 0.56
C LEU A 555 26.08 5.81 2.02
N PHE A 556 24.90 5.57 2.57
CA PHE A 556 24.75 5.12 3.94
C PHE A 556 24.66 3.61 4.05
N ALA A 557 25.30 2.88 3.11
CA ALA A 557 25.29 1.42 3.19
C ALA A 557 26.18 0.91 4.31
N ARG A 558 27.28 1.59 4.57
CA ARG A 558 28.23 1.12 5.57
C ARG A 558 27.88 1.61 6.97
N ASN A 559 27.48 2.87 7.11
CA ASN A 559 27.24 3.47 8.40
C ASN A 559 26.32 4.67 8.25
N SER A 560 25.95 5.26 9.38
CA SER A 560 25.15 6.48 9.45
C SER A 560 25.33 7.06 10.85
N ARG A 561 24.54 8.07 11.17
CA ARG A 561 24.46 8.53 12.55
C ARG A 561 23.63 7.59 13.41
N LEU A 562 22.63 6.94 12.80
CA LEU A 562 21.78 5.99 13.52
C LEU A 562 22.53 4.69 13.80
N ILE A 563 22.98 4.02 12.75
CA ILE A 563 23.74 2.77 12.91
C ILE A 563 25.12 2.96 12.31
N PRO A 564 26.17 3.03 13.14
CA PRO A 564 27.54 3.15 12.60
C PRO A 564 28.15 1.83 12.20
N ASP A 565 27.55 0.69 12.57
CA ASP A 565 28.05 -0.62 12.18
C ASP A 565 27.04 -1.32 11.27
N LYS A 566 26.48 -0.57 10.32
CA LYS A 566 25.53 -1.13 9.37
C LYS A 566 26.18 -2.07 8.38
N ALA A 567 27.49 -1.94 8.15
CA ALA A 567 28.19 -2.88 7.28
C ALA A 567 28.54 -4.18 7.98
N ASN A 568 28.52 -4.19 9.33
CA ASN A 568 28.74 -5.43 10.05
C ASN A 568 27.48 -6.29 10.08
N LEU A 569 26.32 -5.73 9.75
CA LEU A 569 25.08 -6.50 9.73
C LEU A 569 24.75 -7.00 8.34
N GLY A 570 25.22 -6.31 7.30
CA GLY A 570 25.15 -6.80 5.94
C GLY A 570 24.46 -5.82 5.02
N PHE A 571 24.36 -6.23 3.75
CA PHE A 571 23.60 -5.46 2.77
C PHE A 571 22.11 -5.70 2.93
N ARG A 572 21.73 -6.89 3.38
CA ARG A 572 20.34 -7.33 3.40
C ARG A 572 20.00 -7.83 4.81
N PHE A 573 19.41 -6.96 5.61
CA PHE A 573 18.84 -7.30 6.90
C PHE A 573 17.64 -6.38 7.12
N PRO A 574 16.62 -6.82 7.89
CA PRO A 574 15.41 -6.00 7.97
C PRO A 574 15.55 -4.73 8.80
N CYS A 575 16.20 -4.82 9.96
CA CYS A 575 16.22 -3.73 10.93
C CYS A 575 17.31 -4.00 11.94
N ASP A 576 17.49 -3.05 12.85
CA ASP A 576 18.32 -3.24 14.03
C ASP A 576 17.49 -3.13 15.30
N GLY A 577 16.20 -3.45 15.21
CA GLY A 577 15.35 -3.50 16.36
C GLY A 577 14.28 -2.42 16.37
N PRO A 578 13.48 -2.39 17.43
CA PRO A 578 12.54 -1.29 17.64
C PRO A 578 13.13 -0.10 18.39
N GLY A 579 14.40 -0.19 18.80
CA GLY A 579 15.03 0.88 19.53
C GLY A 579 15.61 1.94 18.63
N ARG A 580 16.27 2.91 19.27
CA ARG A 580 16.63 4.21 18.67
C ARG A 580 15.41 4.89 18.07
N GLY A 581 14.27 4.75 18.75
CA GLY A 581 12.98 5.08 18.19
C GLY A 581 12.38 4.02 17.29
N GLY A 582 13.20 3.20 16.64
CA GLY A 582 12.79 2.26 15.63
C GLY A 582 13.68 2.37 14.42
N THR A 583 14.27 1.25 13.99
CA THR A 583 15.23 1.29 12.89
C THR A 583 14.81 0.35 11.78
N CYS A 584 13.54 0.38 11.40
CA CYS A 584 13.03 -0.54 10.39
C CYS A 584 13.20 0.04 9.00
N GLN A 585 13.70 -0.78 8.08
CA GLN A 585 14.14 -0.42 6.73
C GLN A 585 15.31 0.58 6.75
N VAL A 586 16.37 0.20 7.48
CA VAL A 586 17.61 0.97 7.46
C VAL A 586 18.63 0.46 6.45
N SER A 587 18.41 -0.72 5.88
CA SER A 587 19.46 -1.40 5.15
C SER A 587 19.63 -0.81 3.77
N ALA A 588 20.73 -1.20 3.12
CA ALA A 588 20.91 -0.84 1.72
C ALA A 588 19.99 -1.63 0.83
N TRP A 589 19.51 -2.79 1.30
CA TRP A 589 18.51 -3.55 0.55
C TRP A 589 17.17 -2.83 0.52
N ASP A 590 16.77 -2.26 1.66
CA ASP A 590 15.48 -1.66 1.83
C ASP A 590 15.32 -0.34 1.09
N HIS A 591 16.43 0.28 0.70
CA HIS A 591 16.35 1.44 -0.18
C HIS A 591 16.12 1.04 -1.62
N VAL A 592 16.63 -0.13 -2.03
CA VAL A 592 16.29 -0.68 -3.33
C VAL A 592 14.83 -1.09 -3.36
N PHE A 593 14.34 -1.64 -2.24
CA PHE A 593 12.94 -2.04 -2.13
C PHE A 593 12.01 -0.84 -2.20
N LEU A 594 12.43 0.28 -1.61
CA LEU A 594 11.64 1.51 -1.68
C LEU A 594 11.79 2.20 -3.02
N GLY A 595 12.93 2.04 -3.69
CA GLY A 595 13.14 2.65 -4.99
C GLY A 595 12.43 1.92 -6.13
N LEU A 596 12.02 0.67 -5.91
CA LEU A 596 11.29 -0.05 -6.94
C LEU A 596 9.89 0.51 -7.15
N PHE A 597 9.25 0.96 -6.06
CA PHE A 597 7.96 1.63 -6.21
C PHE A 597 8.12 2.99 -6.85
N TRP A 598 9.19 3.70 -6.51
CA TRP A 598 9.39 5.04 -7.04
C TRP A 598 9.85 4.98 -8.48
N MET A 599 10.53 3.91 -8.87
CA MET A 599 10.74 3.64 -10.28
C MET A 599 9.43 3.33 -10.97
N TYR A 600 8.54 2.59 -10.29
CA TYR A 600 7.21 2.34 -10.84
C TYR A 600 6.44 3.63 -10.98
N ASN A 601 6.56 4.53 -10.00
CA ASN A 601 5.86 5.81 -10.08
C ASN A 601 6.47 6.71 -11.14
N SER A 602 7.80 6.65 -11.30
CA SER A 602 8.48 7.50 -12.27
C SER A 602 8.16 7.06 -13.70
N LEU A 603 8.24 5.76 -13.97
CA LEU A 603 8.13 5.31 -15.35
C LEU A 603 6.68 5.25 -15.82
N SER A 604 5.73 5.01 -14.92
CA SER A 604 4.35 4.88 -15.36
C SER A 604 3.74 6.21 -15.79
N VAL A 605 4.21 7.34 -15.28
CA VAL A 605 3.71 8.62 -15.76
C VAL A 605 4.47 9.05 -17.00
N VAL A 606 5.65 8.46 -17.23
CA VAL A 606 6.38 8.71 -18.48
C VAL A 606 5.62 8.11 -19.66
N LEU A 607 5.12 6.89 -19.48
CA LEU A 607 4.34 6.24 -20.53
C LEU A 607 2.91 6.75 -20.60
N PHE A 608 2.38 7.29 -19.52
CA PHE A 608 1.09 7.97 -19.62
C PHE A 608 1.23 9.31 -20.32
N HIS A 609 2.40 9.94 -20.18
CA HIS A 609 2.72 11.10 -21.00
C HIS A 609 2.85 10.69 -22.47
N PHE A 610 3.51 9.55 -22.72
CA PHE A 610 3.71 9.09 -24.09
C PHE A 610 2.39 8.70 -24.74
N SER A 611 1.58 7.87 -24.06
CA SER A 611 0.39 7.31 -24.67
C SER A 611 -0.71 8.34 -24.91
N TRP A 612 -0.64 9.50 -24.27
CA TRP A 612 -1.60 10.56 -24.51
C TRP A 612 -1.09 11.65 -25.43
N LYS A 613 0.20 11.99 -25.37
CA LYS A 613 0.76 13.00 -26.28
C LYS A 613 0.76 12.50 -27.71
N MET A 614 1.01 11.21 -27.91
CA MET A 614 1.03 10.66 -29.26
C MET A 614 -0.38 10.54 -29.83
N GLN A 615 -1.34 10.09 -29.02
CA GLN A 615 -2.70 9.88 -29.52
C GLN A 615 -3.43 11.18 -29.79
N SER A 616 -3.13 12.22 -29.02
CA SER A 616 -3.83 13.50 -29.16
C SER A 616 -3.17 14.43 -30.15
N ASP A 617 -1.84 14.56 -30.10
CA ASP A 617 -1.16 15.58 -30.88
C ASP A 617 -0.40 15.03 -32.07
N VAL A 618 -0.08 13.73 -32.09
CA VAL A 618 0.78 13.14 -33.10
C VAL A 618 0.03 12.15 -33.98
N TRP A 619 -0.47 11.06 -33.40
CA TRP A 619 -1.05 9.99 -34.18
C TRP A 619 -2.46 10.33 -34.63
N GLY A 620 -2.83 9.84 -35.80
CA GLY A 620 -4.17 10.04 -36.31
C GLY A 620 -4.23 9.75 -37.79
N ASN A 621 -5.40 10.02 -38.37
CA ASN A 621 -5.65 9.80 -39.78
C ASN A 621 -5.50 11.09 -40.56
N VAL A 622 -5.08 10.96 -41.83
CA VAL A 622 -4.91 12.08 -42.73
C VAL A 622 -5.86 11.89 -43.90
N THR A 623 -6.64 12.94 -44.20
CA THR A 623 -7.56 12.91 -45.32
C THR A 623 -6.79 13.14 -46.63
N ALA A 624 -7.52 13.05 -47.75
CA ALA A 624 -6.90 13.23 -49.06
C ALA A 624 -6.50 14.68 -49.33
N ASP A 625 -7.06 15.63 -48.60
CA ASP A 625 -6.71 17.04 -48.77
C ASP A 625 -5.48 17.46 -48.00
N GLY A 626 -5.10 16.70 -46.95
CA GLY A 626 -3.95 17.01 -46.14
C GLY A 626 -4.26 17.37 -44.71
N ALA A 627 -5.53 17.40 -44.32
CA ALA A 627 -5.89 17.72 -42.94
C ALA A 627 -5.75 16.49 -42.06
N VAL A 628 -5.37 16.72 -40.81
CA VAL A 628 -5.10 15.64 -39.85
C VAL A 628 -6.22 15.58 -38.83
N SER A 629 -6.74 14.39 -38.60
CA SER A 629 -7.73 14.13 -37.57
C SER A 629 -7.14 13.10 -36.61
N HIS A 630 -6.80 13.53 -35.40
CA HIS A 630 -6.06 12.68 -34.48
C HIS A 630 -7.00 11.69 -33.78
N ILE A 631 -6.43 10.86 -32.92
CA ILE A 631 -7.19 9.79 -32.27
C ILE A 631 -8.12 10.35 -31.22
N THR A 632 -7.56 11.00 -30.20
CA THR A 632 -8.37 11.54 -29.11
C THR A 632 -8.73 13.00 -29.31
N GLY A 633 -8.14 13.67 -30.30
CA GLY A 633 -8.59 15.00 -30.69
C GLY A 633 -7.94 16.16 -29.96
N ASN A 634 -6.63 16.08 -29.74
CA ASN A 634 -5.79 17.18 -29.26
C ASN A 634 -6.21 17.67 -27.87
N ASN A 635 -6.70 16.76 -27.02
CA ASN A 635 -7.19 17.12 -25.70
C ASN A 635 -6.11 17.02 -24.63
N PHE A 636 -4.84 16.92 -25.02
CA PHE A 636 -3.74 16.96 -24.08
C PHE A 636 -3.43 18.36 -23.60
N ALA A 637 -3.73 19.38 -24.41
CA ALA A 637 -3.32 20.75 -24.09
C ALA A 637 -4.13 21.30 -22.92
N GLN A 638 -5.45 21.12 -22.94
CA GLN A 638 -6.31 21.64 -21.90
C GLN A 638 -6.79 20.57 -20.93
N GLY A 639 -6.45 19.31 -21.15
CA GLY A 639 -6.88 18.24 -20.29
C GLY A 639 -5.82 17.79 -19.31
N ALA A 640 -4.59 17.66 -19.78
CA ALA A 640 -3.49 17.11 -18.98
C ALA A 640 -2.94 18.08 -17.95
N ILE A 641 -3.51 19.28 -17.83
CA ILE A 641 -3.04 20.25 -16.86
C ILE A 641 -3.65 20.02 -15.48
N THR A 642 -4.68 19.18 -15.39
CA THR A 642 -5.36 18.86 -14.14
C THR A 642 -5.28 17.37 -13.88
N ILE A 643 -5.37 16.98 -12.61
CA ILE A 643 -5.42 15.56 -12.27
C ILE A 643 -6.75 14.95 -12.72
N ASN A 644 -7.83 15.74 -12.69
CA ASN A 644 -9.13 15.26 -13.15
C ASN A 644 -9.12 14.96 -14.64
N GLY A 645 -8.46 15.79 -15.44
CA GLY A 645 -8.34 15.51 -16.86
C GLY A 645 -7.44 14.34 -17.16
N TRP A 646 -6.45 14.10 -16.29
CA TRP A 646 -5.66 12.88 -16.37
C TRP A 646 -6.49 11.67 -15.96
N LEU A 647 -7.56 11.89 -15.20
CA LEU A 647 -8.41 10.78 -14.78
C LEU A 647 -9.60 10.60 -15.71
N ARG A 648 -10.26 11.69 -16.08
CA ARG A 648 -11.46 11.60 -16.89
C ARG A 648 -11.15 11.30 -18.36
N ASP A 649 -10.24 12.07 -18.95
CA ASP A 649 -10.01 11.97 -20.39
C ASP A 649 -8.87 11.03 -20.76
N PHE A 650 -8.14 10.50 -19.79
CA PHE A 650 -7.11 9.51 -20.10
C PHE A 650 -7.38 8.15 -19.48
N LEU A 651 -7.54 8.07 -18.16
CA LEU A 651 -7.66 6.77 -17.53
C LEU A 651 -9.08 6.23 -17.59
N TRP A 652 -10.07 7.11 -17.68
CA TRP A 652 -11.46 6.66 -17.78
C TRP A 652 -11.87 6.41 -19.22
N ALA A 653 -11.50 7.32 -20.12
CA ALA A 653 -11.99 7.24 -21.49
C ALA A 653 -11.24 6.22 -22.34
N GLN A 654 -9.92 6.10 -22.15
CA GLN A 654 -9.13 5.18 -22.95
C GLN A 654 -9.12 3.76 -22.40
N ALA A 655 -9.63 3.54 -21.19
CA ALA A 655 -9.85 2.20 -20.67
C ALA A 655 -11.23 1.67 -21.02
N SER A 656 -11.89 2.26 -22.01
CA SER A 656 -13.18 1.79 -22.48
C SER A 656 -13.06 0.63 -23.46
N GLN A 657 -11.86 0.34 -23.95
CA GLN A 657 -11.67 -0.79 -24.84
C GLN A 657 -11.06 -2.00 -24.14
N VAL A 658 -10.52 -1.83 -22.93
CA VAL A 658 -10.04 -2.97 -22.17
C VAL A 658 -11.14 -3.59 -21.31
N ILE A 659 -12.21 -2.84 -21.02
CA ILE A 659 -13.32 -3.37 -20.24
C ILE A 659 -14.50 -3.79 -21.11
N GLN A 660 -14.62 -3.26 -22.33
CA GLN A 660 -15.60 -3.74 -23.29
C GLN A 660 -15.02 -4.80 -24.22
N SER A 661 -13.99 -5.51 -23.77
CA SER A 661 -13.27 -6.48 -24.58
C SER A 661 -13.79 -7.90 -24.41
N TYR A 662 -14.74 -8.12 -23.50
CA TYR A 662 -15.25 -9.46 -23.26
C TYR A 662 -16.15 -9.91 -24.40
N GLY A 663 -15.84 -11.08 -24.95
CA GLY A 663 -16.55 -11.58 -26.10
C GLY A 663 -15.85 -11.34 -27.43
N SER A 664 -14.62 -10.84 -27.41
CA SER A 664 -13.86 -10.63 -28.63
C SER A 664 -12.45 -11.19 -28.46
N ALA A 665 -11.57 -10.92 -29.43
CA ALA A 665 -10.19 -11.38 -29.36
C ALA A 665 -9.36 -10.60 -28.34
N LEU A 666 -9.84 -9.46 -27.89
CA LEU A 666 -9.16 -8.63 -26.90
C LEU A 666 -9.48 -9.07 -25.46
N SER A 667 -10.13 -10.23 -25.30
CA SER A 667 -10.70 -10.61 -24.01
C SER A 667 -9.63 -10.99 -23.00
N ALA A 668 -8.51 -11.56 -23.45
CA ALA A 668 -7.46 -11.94 -22.52
C ALA A 668 -6.72 -10.74 -21.96
N TYR A 669 -6.76 -9.60 -22.64
CA TYR A 669 -6.25 -8.37 -22.06
C TYR A 669 -7.18 -7.86 -20.97
N GLY A 670 -8.50 -8.02 -21.17
CA GLY A 670 -9.44 -7.70 -20.12
C GLY A 670 -9.36 -8.64 -18.94
N LEU A 671 -9.03 -9.91 -19.19
CA LEU A 671 -8.75 -10.84 -18.10
C LEU A 671 -7.43 -10.51 -17.41
N MET A 672 -6.44 -10.04 -18.16
CA MET A 672 -5.19 -9.59 -17.55
C MET A 672 -5.33 -8.24 -16.87
N PHE A 673 -6.29 -7.41 -17.32
CA PHE A 673 -6.59 -6.14 -16.66
C PHE A 673 -7.09 -6.36 -15.24
N LEU A 674 -8.10 -7.21 -15.09
CA LEU A 674 -8.57 -7.57 -13.75
C LEU A 674 -7.62 -8.52 -13.07
N GLY A 675 -6.89 -9.34 -13.84
CA GLY A 675 -5.92 -10.25 -13.26
C GLY A 675 -4.76 -9.56 -12.58
N ALA A 676 -4.41 -8.37 -13.05
CA ALA A 676 -3.33 -7.60 -12.45
C ALA A 676 -3.82 -6.63 -11.39
N HIS A 677 -5.08 -6.18 -11.47
CA HIS A 677 -5.69 -5.47 -10.36
C HIS A 677 -5.76 -6.34 -9.12
N PHE A 678 -5.90 -7.66 -9.30
CA PHE A 678 -5.96 -8.60 -8.20
C PHE A 678 -4.61 -8.76 -7.52
N ILE A 679 -3.55 -8.99 -8.31
CA ILE A 679 -2.24 -9.29 -7.73
C ILE A 679 -1.59 -8.03 -7.16
N TRP A 680 -1.95 -6.86 -7.70
CA TRP A 680 -1.48 -5.60 -7.14
C TRP A 680 -2.02 -5.40 -5.74
N ALA A 681 -3.32 -5.66 -5.55
CA ALA A 681 -3.91 -5.60 -4.23
C ALA A 681 -3.45 -6.73 -3.33
N PHE A 682 -3.09 -7.87 -3.93
CA PHE A 682 -2.58 -8.99 -3.14
C PHE A 682 -1.22 -8.68 -2.56
N SER A 683 -0.49 -7.75 -3.19
CA SER A 683 0.83 -7.32 -2.70
C SER A 683 0.73 -6.58 -1.38
N LEU A 684 -0.36 -5.83 -1.18
CA LEU A 684 -0.49 -5.01 0.02
C LEU A 684 -0.76 -5.84 1.26
N MET A 685 -1.15 -7.11 1.07
CA MET A 685 -1.22 -8.06 2.17
C MET A 685 0.14 -8.30 2.79
N PHE A 686 1.20 -8.26 1.97
CA PHE A 686 2.57 -8.45 2.44
C PHE A 686 3.23 -7.13 2.81
N LEU A 687 2.88 -6.04 2.12
CA LEU A 687 3.52 -4.75 2.36
C LEU A 687 3.03 -4.10 3.64
N PHE A 688 1.73 -4.08 3.88
CA PHE A 688 1.21 -3.33 5.02
C PHE A 688 1.36 -4.13 6.31
N SER A 689 1.48 -5.45 6.22
CA SER A 689 1.51 -6.32 7.38
C SER A 689 2.95 -6.65 7.77
N GLY A 690 3.08 -7.48 8.80
CA GLY A 690 4.37 -7.90 9.31
C GLY A 690 4.34 -9.36 9.71
N ARG A 691 5.53 -9.92 9.92
CA ARG A 691 5.69 -11.37 10.03
C ARG A 691 5.05 -11.93 11.29
N GLY A 692 5.20 -11.26 12.43
CA GLY A 692 4.78 -11.80 13.72
C GLY A 692 3.29 -11.95 13.90
N TYR A 693 2.47 -11.35 13.03
CA TYR A 693 1.06 -11.74 12.98
C TYR A 693 0.94 -13.16 12.43
N TRP A 694 1.53 -13.41 11.27
CA TRP A 694 1.30 -14.65 10.55
C TRP A 694 1.99 -15.82 11.20
N GLN A 695 3.03 -15.56 11.99
CA GLN A 695 3.71 -16.66 12.66
C GLN A 695 2.85 -17.25 13.78
N GLU A 696 2.05 -16.43 14.44
CA GLU A 696 1.12 -16.91 15.45
C GLU A 696 -0.20 -17.38 14.85
N LEU A 697 -0.54 -16.91 13.65
CA LEU A 697 -1.68 -17.49 12.94
C LEU A 697 -1.33 -18.90 12.45
N ILE A 698 -0.07 -19.12 12.08
CA ILE A 698 0.40 -20.44 11.69
C ILE A 698 0.50 -21.36 12.91
N GLU A 699 0.79 -20.80 14.09
CA GLU A 699 0.87 -21.58 15.34
C GLU A 699 -0.44 -22.23 15.72
N SER A 700 -1.58 -21.69 15.29
CA SER A 700 -2.86 -22.35 15.45
C SER A 700 -3.15 -23.33 14.33
N ILE A 701 -2.46 -23.19 13.20
CA ILE A 701 -2.67 -24.08 12.06
C ILE A 701 -1.71 -25.27 12.12
N VAL A 702 -0.52 -25.11 12.70
CA VAL A 702 0.29 -26.27 13.05
C VAL A 702 -0.30 -27.00 14.25
N TRP A 703 -1.23 -26.37 14.97
CA TRP A 703 -1.93 -27.04 16.05
C TRP A 703 -2.95 -28.04 15.50
N ALA A 704 -3.74 -27.63 14.50
CA ALA A 704 -4.71 -28.53 13.93
C ALA A 704 -4.10 -29.60 13.02
N HIS A 705 -2.84 -29.42 12.61
CA HIS A 705 -2.13 -30.48 11.92
C HIS A 705 -1.43 -31.40 12.92
N ASN A 706 -1.10 -30.87 14.11
CA ASN A 706 -0.70 -31.72 15.23
C ASN A 706 -1.88 -32.40 15.89
N LYS A 707 -3.07 -31.83 15.76
CA LYS A 707 -4.25 -32.42 16.40
C LYS A 707 -4.63 -33.73 15.73
N LEU A 708 -4.59 -33.77 14.40
CA LEU A 708 -4.82 -35.01 13.68
C LEU A 708 -3.53 -35.75 13.33
N LYS A 709 -2.43 -35.44 14.01
CA LYS A 709 -1.19 -36.22 14.09
C LYS A 709 -0.46 -36.35 12.76
N PHE A 710 -0.32 -35.28 11.97
CA PHE A 710 0.42 -35.37 10.72
C PHE A 710 1.26 -34.13 10.41
N ALA A 711 1.74 -33.42 11.43
CA ALA A 711 2.46 -32.17 11.18
C ALA A 711 3.83 -32.45 10.56
N PRO A 712 4.25 -31.62 9.59
CA PRO A 712 5.52 -31.86 8.91
C PRO A 712 6.71 -31.58 9.81
N SER A 713 7.78 -32.36 9.59
CA SER A 713 9.01 -32.18 10.34
C SER A 713 9.75 -30.92 9.91
N ILE A 714 9.59 -30.51 8.65
CA ILE A 714 9.96 -29.16 8.24
C ILE A 714 8.94 -28.23 8.87
N GLN A 715 9.37 -27.46 9.87
CA GLN A 715 8.44 -26.69 10.67
C GLN A 715 7.93 -25.49 9.87
N PRO A 716 6.61 -25.30 9.78
CA PRO A 716 6.08 -24.17 9.01
C PRO A 716 6.38 -22.85 9.68
N ARG A 717 7.05 -21.97 8.95
CA ARG A 717 7.38 -20.63 9.42
C ARG A 717 6.78 -19.59 8.49
N ALA A 718 6.53 -18.42 9.05
CA ALA A 718 6.16 -17.28 8.25
C ALA A 718 7.37 -16.80 7.44
N LEU A 719 7.09 -16.04 6.39
CA LEU A 719 8.17 -15.44 5.61
C LEU A 719 8.93 -14.44 6.45
N SER A 720 10.19 -14.21 6.09
CA SER A 720 11.00 -13.24 6.81
C SER A 720 10.51 -11.82 6.51
N ILE A 721 10.99 -10.88 7.31
CA ILE A 721 10.65 -9.48 7.12
C ILE A 721 11.18 -8.97 5.80
N THR A 722 12.43 -9.32 5.49
CA THR A 722 13.03 -8.91 4.22
C THR A 722 12.41 -9.66 3.05
N GLN A 723 11.92 -10.88 3.28
CA GLN A 723 11.27 -11.60 2.20
C GLN A 723 9.85 -11.10 1.97
N GLY A 724 9.12 -10.82 3.05
CA GLY A 724 7.77 -10.29 2.90
C GLY A 724 7.74 -8.91 2.25
N ARG A 725 8.83 -8.15 2.40
CA ARG A 725 9.00 -6.95 1.60
C ARG A 725 9.23 -7.30 0.13
N ALA A 726 9.96 -8.39 -0.13
CA ALA A 726 10.26 -8.77 -1.51
C ALA A 726 9.06 -9.40 -2.20
N VAL A 727 8.30 -10.25 -1.50
CA VAL A 727 7.06 -10.80 -2.01
C VAL A 727 6.02 -9.71 -2.29
N GLY A 728 5.98 -8.67 -1.48
CA GLY A 728 5.08 -7.57 -1.73
C GLY A 728 5.52 -6.69 -2.88
N VAL A 729 6.81 -6.40 -2.98
CA VAL A 729 7.27 -5.51 -4.05
C VAL A 729 7.27 -6.24 -5.40
N ALA A 730 7.34 -7.58 -5.38
CA ALA A 730 7.25 -8.33 -6.63
C ALA A 730 5.83 -8.28 -7.20
N HIS A 731 4.83 -8.59 -6.36
CA HIS A 731 3.45 -8.60 -6.80
C HIS A 731 2.89 -7.20 -7.03
N TYR A 732 3.49 -6.17 -6.42
CA TYR A 732 3.11 -4.79 -6.71
C TYR A 732 3.51 -4.43 -8.13
N LEU A 733 4.75 -4.75 -8.50
CA LEU A 733 5.23 -4.47 -9.85
C LEU A 733 4.59 -5.40 -10.87
N LEU A 734 4.44 -6.68 -10.53
CA LEU A 734 3.77 -7.63 -11.42
C LEU A 734 2.30 -7.27 -11.61
N GLY A 735 1.64 -6.80 -10.55
CA GLY A 735 0.25 -6.39 -10.69
C GLY A 735 0.09 -4.99 -11.21
N GLY A 736 1.12 -4.16 -11.10
CA GLY A 736 1.01 -2.80 -11.57
C GLY A 736 1.35 -2.63 -13.03
N ILE A 737 2.41 -3.30 -13.48
CA ILE A 737 2.85 -3.19 -14.86
C ILE A 737 1.91 -3.95 -15.78
N ALA A 738 1.46 -5.13 -15.36
CA ALA A 738 0.54 -5.91 -16.18
C ALA A 738 -0.84 -5.29 -16.26
N THR A 739 -1.18 -4.38 -15.35
CA THR A 739 -2.36 -3.55 -15.55
C THR A 739 -2.12 -2.57 -16.68
N THR A 740 -0.92 -1.99 -16.72
CA THR A 740 -0.56 -1.04 -17.75
C THR A 740 -0.25 -1.75 -19.06
N TRP A 741 0.25 -2.98 -18.98
CA TRP A 741 0.41 -3.82 -20.16
C TRP A 741 -0.93 -4.10 -20.83
N SER A 742 -1.95 -4.39 -20.02
CA SER A 742 -3.26 -4.75 -20.54
C SER A 742 -4.02 -3.54 -21.05
N PHE A 743 -3.90 -2.41 -20.36
CA PHE A 743 -4.59 -1.20 -20.78
C PHE A 743 -3.99 -0.64 -22.07
N PHE A 744 -2.66 -0.66 -22.19
CA PHE A 744 -2.02 -0.14 -23.38
C PHE A 744 -2.32 -1.00 -24.59
N HIS A 745 -2.25 -2.33 -24.43
CA HIS A 745 -2.42 -3.25 -25.56
C HIS A 745 -3.82 -3.21 -26.13
N ALA A 746 -4.84 -3.33 -25.29
CA ALA A 746 -6.22 -3.38 -25.77
C ALA A 746 -6.72 -2.03 -26.26
N ARG A 747 -6.02 -0.94 -25.93
CA ARG A 747 -6.39 0.37 -26.45
C ARG A 747 -5.92 0.54 -27.89
N ILE A 748 -4.62 0.42 -28.13
CA ILE A 748 -4.03 0.75 -29.43
C ILE A 748 -4.22 -0.33 -30.48
N ILE A 749 -4.55 -1.56 -30.08
CA ILE A 749 -4.98 -2.54 -31.05
C ILE A 749 -6.34 -2.13 -31.62
N SER A 750 -7.20 -1.57 -30.77
CA SER A 750 -8.54 -1.19 -31.19
C SER A 750 -8.58 0.14 -31.92
N VAL A 751 -7.66 1.06 -31.62
CA VAL A 751 -7.70 2.40 -32.20
C VAL A 751 -6.60 2.65 -33.22
N GLY A 752 -5.52 1.87 -33.22
CA GLY A 752 -4.42 2.13 -34.12
C GLY A 752 -3.85 0.90 -34.82
N GLY B 2 10.84 17.39 31.92
CA GLY B 2 11.33 18.70 31.54
C GLY B 2 10.22 19.71 31.34
N THR B 3 9.40 19.49 30.31
CA THR B 3 8.28 20.39 30.04
C THR B 3 7.02 19.91 30.74
N LYS B 4 6.02 20.78 30.86
CA LYS B 4 4.74 20.46 31.44
C LYS B 4 3.85 19.61 30.56
N PHE B 5 3.97 19.71 29.23
CA PHE B 5 3.12 18.91 28.37
C PHE B 5 3.85 17.66 27.90
N PRO B 6 3.22 16.47 27.98
CA PRO B 6 1.86 16.24 28.48
C PRO B 6 1.75 16.05 30.00
N LYS B 7 0.70 16.64 30.57
CA LYS B 7 0.44 16.57 32.01
C LYS B 7 0.21 15.12 32.45
N ALA B 8 -0.42 14.32 31.60
CA ALA B 8 -0.90 13.00 31.99
C ALA B 8 0.26 12.02 32.20
N SER B 9 1.40 12.28 31.57
CA SER B 9 2.51 11.32 31.57
C SER B 9 3.83 12.07 31.69
N GLN B 10 4.47 11.97 32.86
CA GLN B 10 5.75 12.61 33.12
C GLN B 10 6.89 12.03 32.29
N ALA B 11 6.81 10.76 31.91
CA ALA B 11 7.85 10.13 31.12
C ALA B 11 7.89 10.63 29.68
N LEU B 12 6.73 10.86 29.06
CA LEU B 12 6.63 11.61 27.82
C LEU B 12 7.13 13.04 28.00
N ALA B 13 6.75 13.69 29.11
CA ALA B 13 7.16 15.07 29.39
C ALA B 13 8.68 15.26 29.48
N GLN B 14 9.44 14.17 29.63
CA GLN B 14 10.89 14.30 29.71
C GLN B 14 11.54 13.97 28.37
N ASP B 15 10.75 13.53 27.40
CA ASP B 15 11.25 13.23 26.07
C ASP B 15 11.59 14.53 25.36
N PRO B 16 12.85 14.74 24.97
CA PRO B 16 13.25 15.99 24.30
C PRO B 16 12.97 16.05 22.80
N THR B 17 12.35 15.03 22.22
CA THR B 17 12.11 14.98 20.79
C THR B 17 10.65 15.31 20.48
N THR B 18 10.33 15.35 19.19
CA THR B 18 9.00 15.60 18.65
C THR B 18 8.00 14.50 18.98
N ARG B 19 8.48 13.29 19.28
CA ARG B 19 7.64 12.16 19.67
C ARG B 19 6.70 12.49 20.83
N ARG B 20 7.16 13.35 21.75
CA ARG B 20 6.44 13.81 22.93
C ARG B 20 5.06 14.36 22.62
N ILE B 21 4.99 15.29 21.66
CA ILE B 21 3.73 15.94 21.29
C ILE B 21 2.74 14.93 20.73
N TRP B 22 3.18 14.14 19.74
CA TRP B 22 2.38 13.09 19.12
C TRP B 22 1.82 12.12 20.15
N TYR B 23 2.71 11.49 20.93
CA TYR B 23 2.29 10.57 21.98
C TYR B 23 1.50 11.25 23.09
N GLY B 24 1.75 12.53 23.37
CA GLY B 24 0.95 13.24 24.35
C GLY B 24 -0.46 13.50 23.87
N ILE B 25 -0.64 13.63 22.57
CA ILE B 25 -1.98 13.69 21.99
C ILE B 25 -2.65 12.31 22.05
N ALA B 26 -1.92 11.25 21.70
CA ALA B 26 -2.45 9.89 21.70
C ALA B 26 -2.76 9.34 23.09
N THR B 27 -1.93 9.60 24.09
CA THR B 27 -2.13 9.06 25.43
C THR B 27 -2.90 10.01 26.33
N ALA B 28 -3.81 10.81 25.78
CA ALA B 28 -4.45 11.87 26.54
C ALA B 28 -5.80 11.45 27.09
N ASN B 29 -6.70 10.99 26.23
CA ASN B 29 -7.98 10.46 26.65
C ASN B 29 -7.89 8.98 27.06
N ASP B 30 -6.68 8.45 27.22
CA ASP B 30 -6.41 7.13 27.79
C ASP B 30 -6.16 7.35 29.28
N PHE B 31 -7.20 7.83 29.96
CA PHE B 31 -7.23 8.16 31.39
C PHE B 31 -6.58 7.12 32.30
N GLU B 32 -6.74 5.82 32.02
CA GLU B 32 -6.17 4.76 32.84
C GLU B 32 -4.66 4.83 32.99
N THR B 33 -3.95 5.30 31.97
CA THR B 33 -2.49 5.35 32.00
C THR B 33 -1.94 6.69 32.47
N ASN B 34 -2.77 7.55 33.06
CA ASN B 34 -2.30 8.83 33.58
C ASN B 34 -1.47 8.61 34.85
N ASP B 35 -0.83 9.68 35.31
CA ASP B 35 0.02 9.58 36.48
C ASP B 35 -0.79 9.74 37.76
N GLY B 36 -0.61 8.79 38.68
CA GLY B 36 -1.26 8.85 39.98
C GLY B 36 -2.76 8.65 39.99
N ILE B 37 -3.34 8.16 38.89
CA ILE B 37 -4.80 8.12 38.79
C ILE B 37 -5.33 6.92 39.54
N THR B 38 -5.99 7.19 40.67
CA THR B 38 -6.62 6.18 41.51
C THR B 38 -7.91 5.70 40.85
N GLU B 39 -8.42 4.54 41.29
CA GLU B 39 -9.64 3.98 40.73
C GLU B 39 -10.83 4.92 40.93
N GLU B 40 -10.96 5.50 42.13
CA GLU B 40 -12.06 6.41 42.39
C GLU B 40 -11.98 7.65 41.51
N ASN B 41 -10.78 8.22 41.35
CA ASN B 41 -10.61 9.40 40.51
C ASN B 41 -10.87 9.09 39.04
N LEU B 42 -10.53 7.87 38.61
CA LEU B 42 -10.71 7.42 37.24
C LEU B 42 -12.18 7.48 36.79
N TYR B 43 -13.06 6.83 37.56
CA TYR B 43 -14.49 6.75 37.27
C TYR B 43 -15.16 8.12 37.20
N GLN B 44 -14.84 9.02 38.14
CA GLN B 44 -15.44 10.36 38.16
C GLN B 44 -15.06 11.13 36.91
N LYS B 45 -13.86 10.90 36.38
CA LYS B 45 -13.42 11.56 35.16
C LYS B 45 -14.19 11.03 33.96
N ILE B 46 -14.42 9.70 33.92
CA ILE B 46 -15.20 9.08 32.84
C ILE B 46 -16.57 9.74 32.74
N PHE B 47 -17.32 9.69 33.86
CA PHE B 47 -18.64 10.29 34.02
C PHE B 47 -18.70 11.71 33.47
N ALA B 48 -17.75 12.56 33.91
CA ALA B 48 -17.72 13.96 33.48
C ALA B 48 -17.42 14.08 31.99
N SER B 49 -16.52 13.21 31.48
CA SER B 49 -16.19 13.20 30.06
C SER B 49 -17.42 12.85 29.22
N HIS B 50 -18.30 12.01 29.78
CA HIS B 50 -19.53 11.60 29.11
C HIS B 50 -20.47 12.77 28.97
N PHE B 51 -20.55 13.64 29.99
CA PHE B 51 -21.39 14.82 29.93
C PHE B 51 -20.92 15.74 28.80
N GLY B 52 -19.61 15.90 28.68
CA GLY B 52 -19.04 16.72 27.62
C GLY B 52 -19.38 16.18 26.25
N HIS B 53 -19.29 14.85 26.09
CA HIS B 53 -19.63 14.21 24.81
C HIS B 53 -21.11 14.42 24.48
N LEU B 54 -21.99 14.21 25.47
CA LEU B 54 -23.43 14.42 25.31
C LEU B 54 -23.74 15.83 24.82
N ALA B 55 -23.11 16.83 25.44
CA ALA B 55 -23.30 18.23 25.06
C ALA B 55 -22.95 18.46 23.61
N ILE B 56 -21.84 17.88 23.15
CA ILE B 56 -21.40 18.02 21.76
C ILE B 56 -22.46 17.45 20.82
N ILE B 57 -23.03 16.29 21.18
CA ILE B 57 -24.09 15.66 20.39
C ILE B 57 -25.27 16.61 20.31
N PHE B 58 -25.66 17.18 21.45
CA PHE B 58 -26.77 18.14 21.54
C PHE B 58 -26.50 19.38 20.70
N LEU B 59 -25.26 19.90 20.76
CA LEU B 59 -24.89 21.08 20.00
C LEU B 59 -24.89 20.78 18.51
N TRP B 60 -24.43 19.59 18.13
CA TRP B 60 -24.38 19.13 16.75
C TRP B 60 -25.77 19.14 16.11
N THR B 61 -26.75 18.51 16.76
CA THR B 61 -28.09 18.48 16.19
C THR B 61 -28.81 19.80 16.37
N SER B 62 -28.36 20.63 17.32
CA SER B 62 -28.84 22.02 17.34
C SER B 62 -28.30 22.78 16.15
N GLY B 63 -27.07 22.48 15.73
CA GLY B 63 -26.49 23.14 14.58
C GLY B 63 -27.13 22.71 13.28
N ASN B 64 -27.64 21.49 13.23
CA ASN B 64 -28.36 21.03 12.04
C ASN B 64 -29.75 21.66 11.97
N LEU B 65 -30.42 21.79 13.12
CA LEU B 65 -31.70 22.49 13.18
C LEU B 65 -31.55 23.97 12.83
N PHE B 66 -30.61 24.65 13.49
CA PHE B 66 -30.40 26.08 13.28
C PHE B 66 -30.06 26.42 11.83
N HIS B 67 -29.13 25.67 11.23
CA HIS B 67 -28.75 25.97 9.85
C HIS B 67 -29.87 25.66 8.86
N VAL B 68 -30.69 24.65 9.15
CA VAL B 68 -31.80 24.33 8.26
C VAL B 68 -32.86 25.44 8.36
N ALA B 69 -33.24 25.81 9.58
CA ALA B 69 -34.22 26.87 9.79
C ALA B 69 -33.76 28.20 9.19
N TRP B 70 -32.46 28.50 9.34
CA TRP B 70 -31.93 29.78 8.87
C TRP B 70 -31.59 29.78 7.38
N GLN B 71 -30.96 28.72 6.87
CA GLN B 71 -30.51 28.74 5.48
C GLN B 71 -31.08 27.63 4.60
N GLY B 72 -31.94 26.76 5.12
CA GLY B 72 -32.52 25.69 4.34
C GLY B 72 -33.76 26.13 3.59
N ASN B 73 -34.55 25.14 3.19
CA ASN B 73 -35.81 25.37 2.48
C ASN B 73 -36.89 24.44 3.00
N PHE B 74 -36.90 24.22 4.33
CA PHE B 74 -37.88 23.34 4.98
C PHE B 74 -39.32 23.73 4.69
N GLU B 75 -39.64 25.03 4.79
CA GLU B 75 -41.00 25.48 4.53
C GLU B 75 -41.37 25.26 3.08
N GLN B 76 -40.41 25.45 2.16
CA GLN B 76 -40.65 25.19 0.74
C GLN B 76 -40.75 23.71 0.47
N TRP B 77 -39.96 22.89 1.18
CA TRP B 77 -39.96 21.44 1.03
C TRP B 77 -41.24 20.79 1.50
N VAL B 78 -41.77 21.23 2.64
CA VAL B 78 -43.01 20.71 3.22
C VAL B 78 -44.16 20.81 2.22
N LYS B 79 -44.20 21.88 1.44
CA LYS B 79 -45.24 22.08 0.43
C LYS B 79 -45.20 21.04 -0.68
N ASP B 80 -44.02 20.67 -1.17
CA ASP B 80 -43.90 19.65 -2.22
C ASP B 80 -42.64 18.82 -2.00
N PRO B 81 -42.71 17.82 -1.11
CA PRO B 81 -41.54 16.96 -0.81
C PRO B 81 -40.95 16.22 -2.01
N LEU B 82 -41.75 15.99 -3.06
CA LEU B 82 -41.28 15.17 -4.19
C LEU B 82 -40.27 15.91 -5.05
N ASN B 83 -40.43 17.21 -5.23
CA ASN B 83 -39.61 17.95 -6.18
C ASN B 83 -38.66 18.94 -5.55
N THR B 84 -38.80 19.24 -4.28
CA THR B 84 -37.90 20.16 -3.58
C THR B 84 -36.68 19.43 -3.07
N ARG B 85 -35.51 19.95 -3.40
CA ARG B 85 -34.24 19.43 -2.92
C ARG B 85 -33.93 20.03 -1.55
N PRO B 86 -33.77 19.21 -0.51
CA PRO B 86 -33.47 19.74 0.83
C PRO B 86 -32.11 20.43 0.86
N ILE B 87 -32.07 21.61 1.46
CA ILE B 87 -30.86 22.41 1.57
C ILE B 87 -30.22 22.19 2.94
N ALA B 88 -28.93 21.85 2.92
CA ALA B 88 -28.15 21.60 4.12
C ALA B 88 -27.82 22.89 4.86
N HIS B 89 -27.21 23.83 4.14
CA HIS B 89 -26.78 25.13 4.65
C HIS B 89 -26.22 25.95 3.50
N ALA B 90 -26.02 27.23 3.78
CA ALA B 90 -25.48 28.16 2.80
C ALA B 90 -24.00 27.90 2.57
N ILE B 91 -23.52 28.38 1.44
CA ILE B 91 -22.12 28.23 1.07
C ILE B 91 -21.46 29.60 1.14
N SER B 92 -20.43 29.72 1.97
CA SER B 92 -19.66 30.97 2.07
C SER B 92 -18.19 30.61 1.98
N ASP B 93 -17.70 30.47 0.76
CA ASP B 93 -16.32 30.15 0.48
C ASP B 93 -15.79 31.28 -0.39
N PRO B 94 -15.04 32.23 0.19
CA PRO B 94 -14.48 33.37 -0.57
C PRO B 94 -13.74 33.03 -1.86
N HIS B 95 -13.14 31.84 -1.97
CA HIS B 95 -12.36 31.45 -3.13
C HIS B 95 -13.20 31.20 -4.38
N PHE B 96 -14.53 31.15 -4.26
CA PHE B 96 -15.39 30.91 -5.40
C PHE B 96 -15.37 32.07 -6.39
N GLY B 97 -15.52 31.72 -7.67
CA GLY B 97 -15.64 32.69 -8.74
C GLY B 97 -17.09 32.93 -9.08
N GLN B 98 -17.29 33.64 -10.20
CA GLN B 98 -18.64 34.05 -10.57
C GLN B 98 -19.45 32.89 -11.13
N ARG B 99 -18.87 32.11 -12.06
CA ARG B 99 -19.55 30.97 -12.64
C ARG B 99 -19.76 29.85 -11.61
N ALA B 100 -18.90 29.74 -10.61
CA ALA B 100 -19.09 28.74 -9.57
C ALA B 100 -20.20 29.12 -8.60
N ILE B 101 -20.44 30.41 -8.40
CA ILE B 101 -21.56 30.84 -7.58
C ILE B 101 -22.88 30.58 -8.32
N GLU B 102 -22.87 30.72 -9.65
CA GLU B 102 -24.06 30.42 -10.44
C GLU B 102 -24.35 28.93 -10.50
N ALA B 103 -23.35 28.08 -10.29
CA ALA B 103 -23.57 26.64 -10.33
C ALA B 103 -24.10 26.09 -9.01
N PHE B 104 -23.68 26.65 -7.88
CA PHE B 104 -24.13 26.17 -6.58
C PHE B 104 -25.32 26.95 -6.05
N SER B 105 -25.78 27.96 -6.78
CA SER B 105 -27.05 28.63 -6.45
C SER B 105 -28.18 27.80 -7.05
N GLN B 106 -28.43 26.67 -6.40
CA GLN B 106 -29.39 25.67 -6.86
C GLN B 106 -30.59 25.63 -5.93
N ALA B 107 -31.46 24.63 -6.14
CA ALA B 107 -32.70 24.40 -5.38
C ALA B 107 -33.61 25.64 -5.30
N GLY B 108 -33.49 26.55 -6.26
CA GLY B 108 -34.29 27.75 -6.30
C GLY B 108 -33.81 28.84 -5.37
N ALA B 109 -32.56 28.75 -4.91
CA ALA B 109 -31.99 29.74 -4.00
C ALA B 109 -31.28 30.83 -4.77
N SER B 110 -31.04 31.96 -4.09
CA SER B 110 -30.35 33.08 -4.68
C SER B 110 -28.90 33.18 -4.21
N SER B 111 -28.54 32.38 -3.22
CA SER B 111 -27.21 32.20 -2.69
C SER B 111 -26.71 30.81 -3.04
N PRO B 112 -25.39 30.58 -3.08
CA PRO B 112 -24.90 29.21 -3.13
C PRO B 112 -25.26 28.46 -1.85
N VAL B 113 -25.71 27.20 -2.02
CA VAL B 113 -26.11 26.32 -0.93
C VAL B 113 -25.78 24.88 -1.29
N ASN B 114 -25.88 24.01 -0.28
CA ASN B 114 -25.62 22.59 -0.41
C ASN B 114 -26.93 21.82 -0.35
N ILE B 115 -27.12 20.89 -1.28
CA ILE B 115 -28.27 20.00 -1.22
C ILE B 115 -28.04 18.98 -0.12
N SER B 116 -28.97 18.89 0.82
CA SER B 116 -28.78 18.02 1.98
C SER B 116 -29.04 16.57 1.64
N TYR B 117 -28.27 15.66 2.25
CA TYR B 117 -28.45 14.23 2.04
C TYR B 117 -28.48 13.46 3.36
N SER B 118 -28.62 14.14 4.50
CA SER B 118 -28.64 13.47 5.78
C SER B 118 -30.02 12.93 6.15
N GLY B 119 -31.05 13.30 5.41
CA GLY B 119 -32.40 12.85 5.69
C GLY B 119 -33.06 13.53 6.85
N VAL B 120 -32.46 14.61 7.38
CA VAL B 120 -33.02 15.33 8.52
C VAL B 120 -34.37 15.97 8.19
N TYR B 121 -34.56 16.39 6.94
CA TYR B 121 -35.85 16.97 6.53
C TYR B 121 -36.97 15.97 6.65
N GLN B 122 -36.72 14.73 6.25
CA GLN B 122 -37.77 13.72 6.30
C GLN B 122 -37.99 13.20 7.70
N TRP B 123 -37.00 13.36 8.59
CA TRP B 123 -37.18 12.93 9.97
C TRP B 123 -37.99 13.97 10.74
N TRP B 124 -37.61 15.24 10.61
CA TRP B 124 -38.26 16.36 11.27
C TRP B 124 -39.70 16.55 10.82
N TYR B 125 -39.98 16.33 9.52
CA TYR B 125 -41.33 16.43 8.98
C TYR B 125 -42.29 15.48 9.68
N THR B 126 -41.98 14.18 9.69
CA THR B 126 -42.79 13.13 10.33
C THR B 126 -43.14 13.42 11.78
N GLN B 127 -42.20 13.97 12.55
CA GLN B 127 -42.43 14.30 13.95
C GLN B 127 -43.45 15.42 14.13
N GLY B 128 -43.74 16.18 13.08
CA GLY B 128 -44.79 17.19 13.11
C GLY B 128 -44.33 18.59 12.78
N MET B 129 -43.05 18.79 12.51
CA MET B 129 -42.56 20.13 12.20
C MET B 129 -42.99 20.51 10.79
N ARG B 130 -43.45 21.75 10.64
CA ARG B 130 -43.92 22.23 9.35
C ARG B 130 -43.28 23.55 8.97
N THR B 131 -42.98 24.40 9.95
CA THR B 131 -42.40 25.71 9.69
C THR B 131 -41.03 25.83 10.33
N ASN B 132 -40.26 26.80 9.82
CA ASN B 132 -38.92 27.12 10.31
C ASN B 132 -38.90 27.49 11.80
N GLU B 133 -39.98 28.07 12.32
CA GLU B 133 -39.98 28.53 13.70
C GLU B 133 -40.04 27.35 14.68
N GLU B 134 -40.61 26.22 14.27
CA GLU B 134 -40.55 25.02 15.11
C GLU B 134 -39.16 24.41 15.10
N LEU B 135 -38.44 24.57 13.99
CA LEU B 135 -37.06 24.11 13.91
C LEU B 135 -36.15 24.90 14.84
N TYR B 136 -36.24 26.23 14.76
CA TYR B 136 -35.44 27.12 15.61
C TYR B 136 -35.69 26.86 17.09
N ASN B 137 -36.93 26.52 17.46
CA ASN B 137 -37.26 26.21 18.84
C ASN B 137 -36.57 24.93 19.32
N GLY B 138 -36.29 24.01 18.40
CA GLY B 138 -35.50 22.85 18.76
C GLY B 138 -34.05 23.18 19.00
N ALA B 139 -33.47 24.05 18.17
CA ALA B 139 -32.06 24.45 18.34
C ALA B 139 -31.79 25.13 19.67
N ILE B 140 -32.64 26.07 20.09
CA ILE B 140 -32.42 26.77 21.35
C ILE B 140 -32.56 25.81 22.52
N PHE B 141 -33.51 24.86 22.44
CA PHE B 141 -33.71 23.90 23.52
C PHE B 141 -32.51 22.98 23.68
N LEU B 142 -31.90 22.57 22.57
CA LEU B 142 -30.73 21.71 22.64
C LEU B 142 -29.52 22.46 23.15
N LEU B 143 -29.48 23.79 22.92
CA LEU B 143 -28.41 24.63 23.43
C LEU B 143 -28.44 24.62 24.95
N ILE B 144 -29.64 24.66 25.52
CA ILE B 144 -29.82 24.62 26.97
C ILE B 144 -29.45 23.24 27.50
N LEU B 145 -29.89 22.17 26.82
CA LEU B 145 -29.59 20.81 27.24
C LEU B 145 -28.10 20.52 27.20
N SER B 146 -27.39 21.09 26.22
CA SER B 146 -25.94 21.01 26.23
C SER B 146 -25.36 21.81 27.39
N ALA B 147 -25.88 23.01 27.66
CA ALA B 147 -25.47 23.77 28.82
C ALA B 147 -25.90 23.08 30.11
N LEU B 148 -27.02 22.35 30.09
CA LEU B 148 -27.37 21.50 31.21
C LEU B 148 -26.41 20.32 31.32
N SER B 149 -25.90 19.82 30.19
CA SER B 149 -24.95 18.71 30.21
C SER B 149 -23.57 19.18 30.66
N LEU B 150 -23.11 20.31 30.14
CA LEU B 150 -21.83 20.89 30.52
C LEU B 150 -21.76 21.27 31.99
N PHE B 151 -22.80 21.94 32.51
CA PHE B 151 -22.83 22.33 33.92
C PHE B 151 -22.79 21.11 34.82
N ALA B 152 -23.60 20.10 34.49
CA ALA B 152 -23.68 18.86 35.26
C ALA B 152 -22.34 18.13 35.33
N GLY B 153 -21.58 18.10 34.22
CA GLY B 153 -20.27 17.46 34.25
C GLY B 153 -19.36 18.19 35.21
N TRP B 154 -19.39 19.52 35.19
CA TRP B 154 -18.59 20.32 36.10
C TRP B 154 -19.09 20.11 37.52
N LEU B 155 -20.42 20.05 37.67
CA LEU B 155 -21.06 19.88 38.96
C LEU B 155 -20.66 18.57 39.63
N HIS B 156 -20.75 17.45 38.90
CA HIS B 156 -20.41 16.16 39.48
C HIS B 156 -18.91 15.93 39.63
N LEU B 157 -18.09 16.97 39.44
CA LEU B 157 -16.66 16.96 39.68
C LEU B 157 -16.31 17.74 40.93
N GLN B 158 -17.28 18.47 41.47
CA GLN B 158 -17.07 19.26 42.68
C GLN B 158 -17.11 18.32 43.89
N PRO B 159 -16.24 18.55 44.90
CA PRO B 159 -16.15 17.70 46.13
C PRO B 159 -17.45 17.18 46.70
N LYS B 160 -18.41 18.06 47.01
CA LYS B 160 -19.68 17.66 47.60
C LYS B 160 -20.55 16.84 46.66
N PHE B 161 -20.30 16.89 45.35
CA PHE B 161 -21.12 16.18 44.37
C PHE B 161 -20.37 15.09 43.61
N ARG B 162 -19.14 14.73 44.02
CA ARG B 162 -18.40 13.68 43.34
C ARG B 162 -18.97 12.32 43.72
N PRO B 163 -19.50 11.54 42.76
CA PRO B 163 -20.05 10.22 43.08
C PRO B 163 -19.00 9.30 43.68
N ASN B 164 -19.43 8.43 44.59
CA ASN B 164 -18.52 7.49 45.21
C ASN B 164 -18.16 6.39 44.19
N LEU B 165 -17.13 5.61 44.52
CA LEU B 165 -16.76 4.48 43.66
C LEU B 165 -17.87 3.44 43.61
N SER B 166 -18.45 3.11 44.78
CA SER B 166 -19.53 2.14 44.90
C SER B 166 -20.72 2.47 44.01
N TRP B 167 -21.04 3.77 43.87
CA TRP B 167 -22.15 4.20 43.02
C TRP B 167 -21.94 3.83 41.56
N PHE B 168 -20.72 3.98 41.05
CA PHE B 168 -20.46 3.66 39.66
C PHE B 168 -20.52 2.17 39.39
N LYS B 169 -20.16 1.36 40.37
CA LYS B 169 -20.15 -0.09 40.22
C LYS B 169 -21.45 -0.73 40.67
N ASN B 170 -22.43 0.06 41.10
CA ASN B 170 -23.73 -0.45 41.52
C ASN B 170 -24.47 -0.84 40.24
N ALA B 171 -24.14 -2.02 39.72
CA ALA B 171 -24.69 -2.58 38.49
C ALA B 171 -26.19 -2.80 38.47
N GLU B 172 -26.75 -3.56 39.44
CA GLU B 172 -28.18 -3.88 39.46
C GLU B 172 -29.07 -2.64 39.44
N SER B 173 -28.67 -1.57 40.13
CA SER B 173 -29.45 -0.34 40.14
C SER B 173 -29.46 0.34 38.79
N ARG B 174 -28.34 0.24 38.05
CA ARG B 174 -28.22 0.87 36.75
C ARG B 174 -29.08 0.20 35.69
N LEU B 175 -29.06 -1.14 35.61
CA LEU B 175 -29.92 -1.86 34.66
C LEU B 175 -31.40 -1.53 34.87
N ASN B 176 -31.88 -1.62 36.12
CA ASN B 176 -33.26 -1.28 36.44
C ASN B 176 -33.64 0.13 36.02
N HIS B 177 -32.83 1.12 36.40
CA HIS B 177 -33.10 2.51 36.05
C HIS B 177 -32.94 2.83 34.57
N HIS B 178 -32.02 2.16 33.86
CA HIS B 178 -31.86 2.49 32.45
C HIS B 178 -32.93 1.82 31.61
N LEU B 179 -33.22 0.54 31.88
CA LEU B 179 -34.28 -0.15 31.15
C LEU B 179 -35.63 0.48 31.46
N GLY B 180 -35.88 0.76 32.74
CA GLY B 180 -37.09 1.43 33.17
C GLY B 180 -37.14 2.88 32.71
N GLY B 181 -36.25 3.72 33.21
CA GLY B 181 -36.26 5.11 32.83
C GLY B 181 -35.78 5.44 31.43
N LEU B 182 -34.45 5.41 31.24
CA LEU B 182 -33.77 5.72 29.97
C LEU B 182 -34.41 5.04 28.75
N PHE B 183 -34.73 3.76 28.83
CA PHE B 183 -35.34 3.12 27.67
C PHE B 183 -36.86 3.13 27.70
N GLY B 184 -37.46 2.55 28.75
CA GLY B 184 -38.90 2.46 28.93
C GLY B 184 -39.68 3.76 28.89
N THR B 185 -39.45 4.62 29.89
CA THR B 185 -40.23 5.85 30.03
C THR B 185 -39.94 6.84 28.91
N SER B 186 -38.72 6.85 28.38
CA SER B 186 -38.44 7.62 27.18
C SER B 186 -39.26 7.11 25.99
N SER B 187 -39.32 5.79 25.80
CA SER B 187 -40.13 5.23 24.72
C SER B 187 -41.59 5.57 24.93
N LEU B 188 -42.03 5.49 26.20
CA LEU B 188 -43.40 5.86 26.56
C LEU B 188 -43.65 7.32 26.24
N ALA B 189 -42.67 8.18 26.56
CA ALA B 189 -42.79 9.61 26.27
C ALA B 189 -42.84 9.84 24.77
N TRP B 190 -42.06 9.07 24.01
CA TRP B 190 -42.06 9.22 22.56
C TRP B 190 -43.41 8.81 21.95
N THR B 191 -44.07 7.83 22.56
CA THR B 191 -45.46 7.54 22.20
C THR B 191 -46.36 8.73 22.45
N GLY B 192 -46.10 9.46 23.54
CA GLY B 192 -46.82 10.69 23.82
C GLY B 192 -46.66 11.75 22.75
N HIS B 193 -45.44 11.89 22.21
CA HIS B 193 -45.23 12.89 21.17
C HIS B 193 -45.98 12.51 19.90
N ILE B 194 -46.06 11.22 19.59
CA ILE B 194 -46.62 10.80 18.31
C ILE B 194 -48.14 10.94 18.31
N VAL B 195 -48.79 10.54 19.39
CA VAL B 195 -50.25 10.62 19.41
C VAL B 195 -50.71 12.07 19.61
N HIS B 196 -49.91 12.91 20.27
CA HIS B 196 -50.38 14.25 20.56
C HIS B 196 -49.92 15.27 19.51
N VAL B 197 -48.87 14.97 18.75
CA VAL B 197 -48.31 15.93 17.78
C VAL B 197 -48.18 15.35 16.38
N ALA B 198 -47.32 14.31 16.22
CA ALA B 198 -47.05 13.67 14.92
C ALA B 198 -48.30 13.26 14.17
N ILE B 199 -49.18 12.50 14.82
CA ILE B 199 -50.43 12.03 14.21
C ILE B 199 -51.29 13.26 13.90
N PRO B 200 -51.56 14.23 14.82
CA PRO B 200 -52.36 15.42 14.43
C PRO B 200 -51.80 16.19 13.24
N GLU B 201 -50.48 16.46 13.20
CA GLU B 201 -49.90 17.22 12.09
C GLU B 201 -49.97 16.46 10.77
N SER B 202 -50.01 15.13 10.82
CA SER B 202 -50.13 14.36 9.59
C SER B 202 -51.54 14.40 9.04
N ARG B 203 -52.50 14.86 9.84
CA ARG B 203 -53.90 14.96 9.45
C ARG B 203 -54.32 16.41 9.23
N GLY B 204 -53.35 17.30 8.99
CA GLY B 204 -53.60 18.69 8.74
C GLY B 204 -53.95 19.56 9.93
N GLN B 205 -53.85 19.05 11.15
CA GLN B 205 -54.16 19.84 12.33
C GLN B 205 -52.86 20.22 13.04
N HIS B 206 -52.66 21.52 13.24
CA HIS B 206 -51.44 21.98 13.91
C HIS B 206 -51.58 21.90 15.42
N VAL B 207 -50.66 21.18 16.05
CA VAL B 207 -50.58 21.08 17.50
C VAL B 207 -49.18 21.48 17.93
N GLY B 208 -49.09 22.53 18.75
CA GLY B 208 -47.82 23.00 19.24
C GLY B 208 -47.90 23.22 20.73
N TRP B 209 -46.85 23.76 21.35
CA TRP B 209 -46.85 24.03 22.79
C TRP B 209 -47.93 25.02 23.19
N ASP B 210 -48.25 25.95 22.27
CA ASP B 210 -49.24 26.99 22.50
C ASP B 210 -50.67 26.47 22.64
N ASN B 211 -50.97 25.24 22.21
CA ASN B 211 -52.35 24.76 22.28
C ASN B 211 -52.52 23.30 22.70
N PHE B 212 -51.47 22.49 22.73
CA PHE B 212 -51.52 21.06 23.07
C PHE B 212 -52.32 20.70 24.33
N LEU B 213 -52.40 21.60 25.31
CA LEU B 213 -53.16 21.31 26.52
C LEU B 213 -54.66 21.43 26.30
N GLN B 214 -55.09 22.03 25.19
CA GLN B 214 -56.51 22.19 24.93
C GLN B 214 -57.04 21.07 24.04
N VAL B 215 -56.36 20.79 22.93
CA VAL B 215 -56.85 19.84 21.94
C VAL B 215 -56.60 18.42 22.43
N ALA B 216 -57.46 17.47 21.98
CA ALA B 216 -57.37 16.07 22.36
C ALA B 216 -56.88 15.23 21.19
N PRO B 217 -56.07 14.20 21.46
CA PRO B 217 -55.56 13.35 20.37
C PRO B 217 -56.60 12.41 19.80
N HIS B 218 -57.67 12.13 20.53
CA HIS B 218 -58.75 11.25 20.13
C HIS B 218 -60.06 11.85 20.61
N PRO B 219 -61.10 11.85 19.73
CA PRO B 219 -62.45 12.39 20.06
C PRO B 219 -62.92 12.29 21.52
N ALA B 220 -62.90 11.11 22.12
CA ALA B 220 -63.30 10.94 23.52
C ALA B 220 -62.29 10.06 24.23
N GLY B 221 -61.04 10.51 24.23
CA GLY B 221 -59.96 9.73 24.82
C GLY B 221 -59.80 9.95 26.31
N LEU B 222 -59.22 8.95 26.98
CA LEU B 222 -58.83 8.76 28.39
C LEU B 222 -59.93 8.27 29.32
N GLN B 223 -61.19 8.25 28.88
CA GLN B 223 -62.14 7.39 29.59
C GLN B 223 -62.11 5.93 29.13
N PRO B 224 -61.93 5.56 27.85
CA PRO B 224 -61.75 4.14 27.53
C PRO B 224 -60.45 3.51 28.02
N PHE B 225 -59.39 4.30 28.18
CA PHE B 225 -58.10 3.79 28.62
C PHE B 225 -58.18 3.16 30.00
N PHE B 226 -58.76 3.85 30.97
CA PHE B 226 -58.87 3.30 32.31
C PHE B 226 -59.96 2.24 32.41
N THR B 227 -61.11 2.43 31.76
CA THR B 227 -62.20 1.45 31.77
C THR B 227 -61.91 0.20 30.94
N GLY B 228 -60.71 0.05 30.38
CA GLY B 228 -60.31 -1.10 29.60
C GLY B 228 -60.82 -1.19 28.17
N ASN B 229 -61.63 -0.25 27.69
CA ASN B 229 -62.11 -0.33 26.30
C ASN B 229 -61.06 0.27 25.35
N TRP B 230 -59.88 -0.36 25.34
CA TRP B 230 -58.73 0.04 24.54
C TRP B 230 -58.98 -0.02 23.03
N GLY B 231 -59.92 -0.86 22.58
CA GLY B 231 -60.23 -1.02 21.16
C GLY B 231 -60.76 0.17 20.44
N VAL B 232 -61.24 1.20 21.15
CA VAL B 232 -61.78 2.40 20.50
C VAL B 232 -60.69 3.16 19.77
N TYR B 233 -59.42 3.02 20.16
CA TYR B 233 -58.32 3.74 19.52
C TYR B 233 -57.97 3.10 18.18
N THR B 234 -58.55 1.95 17.87
CA THR B 234 -58.45 1.30 16.57
C THR B 234 -59.71 1.57 15.76
N GLU B 235 -60.24 2.79 15.86
CA GLU B 235 -61.32 3.23 14.97
C GLU B 235 -60.76 3.60 13.62
N ASN B 236 -61.58 4.27 12.78
CA ASN B 236 -61.38 4.46 11.35
C ASN B 236 -60.00 5.03 10.99
N PRO B 237 -59.14 4.19 10.37
CA PRO B 237 -57.80 4.64 9.99
C PRO B 237 -57.81 5.61 8.82
N ASP B 238 -56.65 5.84 8.22
CA ASP B 238 -56.62 6.71 7.06
C ASP B 238 -56.81 5.87 5.81
N THR B 239 -57.53 6.43 4.84
CA THR B 239 -57.84 5.73 3.60
C THR B 239 -56.63 5.74 2.68
N ALA B 240 -56.62 4.83 1.70
CA ALA B 240 -55.53 4.77 0.73
C ALA B 240 -55.42 6.04 -0.10
N ASN B 241 -56.51 6.82 -0.18
CA ASN B 241 -56.52 8.08 -0.93
C ASN B 241 -55.81 9.21 -0.18
N HIS B 242 -55.45 8.99 1.10
CA HIS B 242 -55.07 10.08 1.99
C HIS B 242 -53.76 10.74 1.58
N VAL B 243 -53.75 12.06 1.61
CA VAL B 243 -52.59 12.88 1.31
C VAL B 243 -52.01 13.43 2.61
N PHE B 244 -50.80 12.97 2.93
CA PHE B 244 -50.09 13.31 4.16
C PHE B 244 -50.00 14.81 4.39
N GLY B 245 -50.34 15.24 5.60
CA GLY B 245 -50.31 16.64 5.96
C GLY B 245 -51.58 17.41 5.71
N SER B 246 -52.71 16.74 5.50
CA SER B 246 -53.99 17.40 5.31
C SER B 246 -55.10 16.54 5.90
N SER B 247 -56.30 17.11 5.95
CA SER B 247 -57.46 16.46 6.55
C SER B 247 -58.30 15.69 5.54
N ASP B 248 -57.89 15.65 4.28
CA ASP B 248 -58.63 14.93 3.25
C ASP B 248 -58.33 13.44 3.40
N GLY B 249 -59.34 12.68 3.84
CA GLY B 249 -59.15 11.26 4.04
C GLY B 249 -58.57 10.89 5.39
N ALA B 250 -58.36 11.87 6.25
CA ALA B 250 -57.78 11.67 7.57
C ALA B 250 -58.77 10.99 8.51
N GLY B 251 -58.25 10.11 9.38
CA GLY B 251 -59.07 9.42 10.35
C GLY B 251 -58.89 10.04 11.73
N THR B 252 -59.11 9.20 12.74
CA THR B 252 -58.97 9.64 14.14
C THR B 252 -58.25 8.63 15.02
N ALA B 253 -57.89 7.46 14.51
CA ALA B 253 -57.18 6.46 15.29
C ALA B 253 -55.80 6.98 15.74
N ILE B 254 -55.38 6.51 16.91
CA ILE B 254 -54.07 6.88 17.45
C ILE B 254 -53.19 5.69 17.74
N LEU B 255 -53.75 4.48 17.78
CA LEU B 255 -53.00 3.25 18.05
C LEU B 255 -53.63 2.24 17.11
N THR B 256 -52.86 1.68 16.20
CA THR B 256 -53.40 0.73 15.24
C THR B 256 -52.39 -0.39 14.98
N PHE B 257 -52.76 -1.28 14.07
CA PHE B 257 -51.92 -2.39 13.68
C PHE B 257 -52.18 -2.72 12.21
N LEU B 258 -52.10 -1.68 11.38
CA LEU B 258 -52.34 -1.83 9.93
C LEU B 258 -51.26 -2.63 9.23
N GLY B 259 -50.00 -2.33 9.47
CA GLY B 259 -48.92 -2.99 8.79
C GLY B 259 -48.65 -2.33 7.44
N GLY B 260 -47.51 -2.67 6.85
CA GLY B 260 -47.15 -2.13 5.56
C GLY B 260 -46.82 -0.65 5.60
N PHE B 261 -46.96 0.01 4.45
CA PHE B 261 -46.61 1.41 4.29
C PHE B 261 -47.78 2.22 3.73
N HIS B 262 -47.77 3.50 4.10
CA HIS B 262 -48.72 4.48 3.57
C HIS B 262 -48.50 4.55 2.05
N PRO B 263 -49.55 4.34 1.25
CA PRO B 263 -49.40 4.33 -0.22
C PRO B 263 -48.82 5.59 -0.88
N GLN B 264 -49.00 6.77 -0.32
CA GLN B 264 -48.44 7.96 -0.95
C GLN B 264 -47.00 8.23 -0.55
N THR B 265 -46.70 8.36 0.74
CA THR B 265 -45.34 8.64 1.19
C THR B 265 -44.39 7.47 1.01
N GLN B 266 -44.91 6.26 0.77
CA GLN B 266 -44.16 5.00 0.73
C GLN B 266 -43.36 4.80 2.00
N SER B 267 -44.02 4.99 3.14
CA SER B 267 -43.40 4.80 4.44
C SER B 267 -44.47 4.41 5.47
N LEU B 268 -44.00 3.95 6.64
CA LEU B 268 -44.86 3.51 7.74
C LEU B 268 -45.92 4.52 8.14
N TRP B 269 -47.01 3.99 8.71
CA TRP B 269 -48.09 4.83 9.19
C TRP B 269 -47.65 5.38 10.53
N LEU B 270 -47.89 6.68 10.76
CA LEU B 270 -47.55 7.30 12.05
C LEU B 270 -48.26 6.61 13.19
N THR B 271 -49.55 6.29 13.02
CA THR B 271 -50.33 5.61 14.05
C THR B 271 -49.76 4.23 14.35
N ASP B 272 -49.17 3.58 13.35
CA ASP B 272 -48.53 2.28 13.53
C ASP B 272 -47.24 2.41 14.34
N ILE B 273 -46.50 3.49 14.13
CA ILE B 273 -45.27 3.75 14.88
C ILE B 273 -45.60 4.04 16.34
N ALA B 274 -46.77 4.63 16.61
CA ALA B 274 -47.14 4.99 17.98
C ALA B 274 -47.36 3.75 18.83
N HIS B 275 -48.10 2.77 18.30
CA HIS B 275 -48.37 1.52 19.02
C HIS B 275 -47.10 0.77 19.34
N HIS B 276 -46.15 0.75 18.39
CA HIS B 276 -44.86 0.07 18.56
C HIS B 276 -44.10 0.57 19.79
N HIS B 277 -43.95 1.88 19.92
CA HIS B 277 -43.24 2.46 21.05
C HIS B 277 -43.98 2.25 22.37
N LEU B 278 -45.31 2.27 22.35
CA LEU B 278 -46.08 2.04 23.57
C LEU B 278 -45.85 0.62 24.06
N ALA B 279 -45.87 -0.35 23.13
CA ALA B 279 -45.63 -1.74 23.45
C ALA B 279 -44.22 -1.95 23.98
N ILE B 280 -43.23 -1.41 23.24
CA ILE B 280 -41.82 -1.49 23.63
C ILE B 280 -41.61 -0.90 25.02
N ALA B 281 -42.29 0.22 25.31
CA ALA B 281 -42.21 0.87 26.63
C ALA B 281 -42.60 -0.09 27.74
N VAL B 282 -43.74 -0.78 27.58
CA VAL B 282 -44.25 -1.76 28.55
C VAL B 282 -43.23 -2.86 28.80
N LEU B 283 -42.66 -3.43 27.73
CA LEU B 283 -41.65 -4.48 27.82
C LEU B 283 -40.46 -4.05 28.68
N PHE B 284 -39.95 -2.85 28.46
CA PHE B 284 -38.81 -2.37 29.24
C PHE B 284 -39.19 -2.06 30.68
N ILE B 285 -40.37 -1.48 30.93
CA ILE B 285 -40.78 -1.17 32.30
C ILE B 285 -40.96 -2.45 33.12
N VAL B 286 -41.50 -3.51 32.51
CA VAL B 286 -41.66 -4.77 33.25
C VAL B 286 -40.29 -5.39 33.53
N ALA B 287 -39.41 -5.52 32.50
CA ALA B 287 -38.07 -6.05 32.64
C ALA B 287 -37.22 -5.24 33.60
N GLY B 288 -37.51 -3.95 33.77
CA GLY B 288 -36.80 -3.06 34.67
C GLY B 288 -37.11 -3.23 36.14
N HIS B 289 -37.85 -4.27 36.52
CA HIS B 289 -38.17 -4.54 37.91
C HIS B 289 -37.66 -5.92 38.33
N MET B 290 -36.56 -6.38 37.71
CA MET B 290 -36.01 -7.68 38.01
C MET B 290 -34.83 -7.65 38.99
N TYR B 291 -33.97 -6.65 38.90
CA TYR B 291 -32.79 -6.60 39.77
C TYR B 291 -33.09 -5.77 41.02
N GLY B 321 -16.48 -15.22 39.98
CA GLY B 321 -17.36 -15.52 38.86
C GLY B 321 -17.09 -14.66 37.64
N LEU B 322 -17.87 -14.88 36.58
CA LEU B 322 -17.72 -14.09 35.37
C LEU B 322 -18.21 -12.66 35.57
N TYR B 323 -19.37 -12.51 36.22
CA TYR B 323 -20.08 -11.23 36.19
C TYR B 323 -19.38 -10.19 37.07
N ASP B 324 -18.55 -10.65 38.02
CA ASP B 324 -17.76 -9.70 38.80
C ASP B 324 -16.61 -9.15 37.97
N THR B 325 -16.05 -9.96 37.07
CA THR B 325 -14.95 -9.48 36.23
C THR B 325 -15.46 -8.59 35.10
N VAL B 326 -16.75 -8.68 34.78
CA VAL B 326 -17.39 -7.65 33.97
C VAL B 326 -17.41 -6.34 34.73
N ASN B 327 -17.62 -6.41 36.04
CA ASN B 327 -17.91 -5.21 36.82
C ASN B 327 -16.64 -4.45 37.18
N ASN B 328 -15.50 -5.14 37.27
CA ASN B 328 -14.27 -4.45 37.64
C ASN B 328 -13.46 -3.98 36.43
N SER B 329 -13.83 -4.42 35.22
CA SER B 329 -13.09 -3.99 34.03
C SER B 329 -13.95 -3.07 33.16
N LEU B 330 -13.49 -1.82 33.01
CA LEU B 330 -14.19 -0.86 32.17
C LEU B 330 -14.07 -1.21 30.69
N HIS B 331 -12.99 -1.90 30.32
CA HIS B 331 -12.77 -2.32 28.94
C HIS B 331 -13.70 -3.47 28.54
N PHE B 332 -14.02 -4.35 29.49
CA PHE B 332 -14.93 -5.45 29.19
C PHE B 332 -16.32 -4.90 28.91
N GLN B 333 -16.79 -3.98 29.76
CA GLN B 333 -18.09 -3.34 29.61
C GLN B 333 -18.16 -2.58 28.30
N LEU B 334 -17.13 -1.78 28.00
CA LEU B 334 -17.10 -0.97 26.78
C LEU B 334 -17.10 -1.86 25.55
N GLY B 335 -16.32 -2.93 25.57
CA GLY B 335 -16.26 -3.84 24.43
C GLY B 335 -17.61 -4.51 24.17
N LEU B 336 -18.31 -4.89 25.23
CA LEU B 336 -19.67 -5.40 25.08
C LEU B 336 -20.65 -4.32 24.67
N ALA B 337 -20.46 -3.09 25.18
CA ALA B 337 -21.34 -2.00 24.79
C ALA B 337 -21.09 -1.56 23.37
N LEU B 338 -19.84 -1.68 22.90
CA LEU B 338 -19.56 -1.41 21.50
C LEU B 338 -20.15 -2.51 20.62
N ALA B 339 -20.08 -3.76 21.08
CA ALA B 339 -20.65 -4.88 20.33
C ALA B 339 -22.17 -4.77 20.26
N ALA B 340 -22.79 -4.37 21.36
CA ALA B 340 -24.24 -4.18 21.39
C ALA B 340 -24.65 -3.01 20.51
N LEU B 341 -23.90 -1.91 20.56
CA LEU B 341 -24.19 -0.79 19.67
C LEU B 341 -23.87 -1.13 18.23
N GLY B 342 -22.75 -1.84 17.99
CA GLY B 342 -22.39 -2.21 16.63
C GLY B 342 -23.39 -3.13 15.95
N VAL B 343 -23.98 -4.06 16.69
CA VAL B 343 -24.98 -4.95 16.12
C VAL B 343 -26.23 -4.16 15.73
N ILE B 344 -26.75 -3.37 16.67
CA ILE B 344 -27.95 -2.60 16.37
C ILE B 344 -27.70 -1.43 15.43
N THR B 345 -26.44 -1.08 15.15
CA THR B 345 -26.18 0.00 14.21
C THR B 345 -26.36 -0.55 12.79
N SER B 346 -25.98 -1.82 12.62
CA SER B 346 -26.18 -2.53 11.36
C SER B 346 -27.66 -2.75 11.15
N LEU B 347 -28.36 -3.08 12.24
CA LEU B 347 -29.79 -3.33 12.25
C LEU B 347 -30.56 -2.11 11.74
N VAL B 348 -30.19 -0.92 12.24
CA VAL B 348 -30.80 0.33 11.80
C VAL B 348 -30.67 0.49 10.29
N ALA B 349 -29.51 0.14 9.73
CA ALA B 349 -29.29 0.25 8.30
C ALA B 349 -30.13 -0.75 7.51
N GLN B 350 -30.18 -2.00 7.94
CA GLN B 350 -30.94 -3.04 7.25
C GLN B 350 -32.44 -2.74 7.25
N HIS B 351 -32.99 -2.34 8.38
CA HIS B 351 -34.41 -2.07 8.48
C HIS B 351 -34.85 -0.72 7.92
N MET B 352 -33.97 0.28 7.80
CA MET B 352 -34.46 1.55 7.28
C MET B 352 -34.58 1.57 5.77
N TYR B 353 -33.79 0.77 5.05
CA TYR B 353 -33.92 0.80 3.60
C TYR B 353 -35.08 -0.07 3.11
N SER B 354 -35.36 -1.15 3.82
CA SER B 354 -36.42 -2.07 3.42
C SER B 354 -37.76 -1.66 4.03
N ILE B 355 -37.73 -1.14 5.25
CA ILE B 355 -38.93 -0.65 5.93
C ILE B 355 -38.74 0.85 6.16
N PRO B 356 -39.09 1.72 5.21
CA PRO B 356 -38.87 3.15 5.37
C PRO B 356 -39.72 3.73 6.49
N PRO B 357 -39.13 4.36 7.50
CA PRO B 357 -39.94 4.91 8.58
C PRO B 357 -40.23 6.39 8.50
N TYR B 358 -39.61 7.12 7.57
CA TYR B 358 -39.84 8.55 7.44
C TYR B 358 -40.47 8.84 6.08
N ALA B 359 -41.50 9.69 6.10
CA ALA B 359 -42.24 10.11 4.92
C ALA B 359 -41.29 10.64 3.85
N TYR B 360 -41.48 10.18 2.61
CA TYR B 360 -40.75 10.63 1.42
C TYR B 360 -39.25 10.39 1.50
N LEU B 361 -38.80 9.48 2.38
CA LEU B 361 -37.38 9.12 2.41
C LEU B 361 -37.09 8.04 1.38
N ALA B 362 -38.08 7.23 1.04
CA ALA B 362 -37.90 6.25 -0.05
C ALA B 362 -37.86 6.93 -1.41
N ARG B 363 -38.42 8.14 -1.52
CA ARG B 363 -38.46 8.83 -2.81
C ARG B 363 -37.15 9.54 -3.12
N ASP B 364 -36.45 10.05 -2.11
CA ASP B 364 -35.15 10.68 -2.33
C ASP B 364 -34.11 9.58 -2.22
N PHE B 365 -33.61 9.12 -3.38
CA PHE B 365 -32.78 7.92 -3.42
C PHE B 365 -31.37 8.19 -2.90
N THR B 366 -30.92 9.44 -2.96
CA THR B 366 -29.54 9.74 -2.61
C THR B 366 -29.34 9.70 -1.10
N THR B 367 -30.30 10.22 -0.34
CA THR B 367 -30.15 10.19 1.12
C THR B 367 -30.39 8.80 1.67
N GLN B 368 -31.19 7.98 0.97
CA GLN B 368 -31.34 6.59 1.38
C GLN B 368 -30.07 5.81 1.12
N ALA B 369 -29.35 6.16 0.04
CA ALA B 369 -28.02 5.62 -0.20
C ALA B 369 -27.05 6.10 0.86
N ALA B 370 -27.08 7.38 1.19
CA ALA B 370 -26.20 7.94 2.21
C ALA B 370 -26.45 7.33 3.58
N LEU B 371 -27.71 7.23 4.00
CA LEU B 371 -28.05 6.68 5.33
C LEU B 371 -27.63 5.23 5.51
N TYR B 372 -27.70 4.40 4.46
CA TYR B 372 -27.33 3.00 4.63
C TYR B 372 -25.82 2.88 4.77
N THR B 373 -25.09 3.54 3.88
CA THR B 373 -23.64 3.52 3.86
C THR B 373 -23.03 4.08 5.15
N HIS B 374 -23.50 5.26 5.57
CA HIS B 374 -23.04 5.92 6.79
C HIS B 374 -23.14 5.02 8.01
N HIS B 375 -24.33 4.52 8.31
CA HIS B 375 -24.55 3.65 9.46
C HIS B 375 -23.85 2.29 9.34
N GLN B 376 -23.62 1.78 8.12
CA GLN B 376 -22.93 0.50 8.00
C GLN B 376 -21.45 0.65 8.27
N TYR B 377 -20.84 1.76 7.86
CA TYR B 377 -19.44 1.98 8.15
C TYR B 377 -19.23 2.19 9.64
N ILE B 378 -20.11 2.96 10.30
CA ILE B 378 -20.05 3.17 11.74
C ILE B 378 -20.13 1.84 12.47
N ALA B 379 -21.06 0.99 12.01
CA ALA B 379 -21.27 -0.33 12.60
C ALA B 379 -20.02 -1.17 12.48
N GLY B 380 -19.33 -1.07 11.34
CA GLY B 380 -18.10 -1.81 11.16
C GLY B 380 -17.03 -1.34 12.12
N PHE B 381 -16.96 -0.02 12.36
CA PHE B 381 -15.99 0.51 13.31
C PHE B 381 -16.30 0.06 14.72
N LEU B 382 -17.57 0.16 15.12
CA LEU B 382 -18.00 -0.28 16.45
C LEU B 382 -17.69 -1.75 16.70
N MET B 383 -18.08 -2.63 15.76
CA MET B 383 -17.82 -4.07 15.90
C MET B 383 -16.32 -4.37 15.98
N VAL B 384 -15.52 -3.71 15.16
CA VAL B 384 -14.07 -3.88 15.21
C VAL B 384 -13.53 -3.34 16.54
N GLY B 385 -14.08 -2.21 16.98
CA GLY B 385 -13.70 -1.58 18.23
C GLY B 385 -14.06 -2.41 19.42
N ALA B 386 -15.19 -3.13 19.32
CA ALA B 386 -15.66 -4.01 20.38
C ALA B 386 -14.61 -5.08 20.67
N PHE B 387 -14.05 -5.65 19.61
CA PHE B 387 -13.02 -6.67 19.76
C PHE B 387 -11.69 -6.04 20.16
N ALA B 388 -11.52 -4.75 19.87
CA ALA B 388 -10.28 -4.07 20.22
C ALA B 388 -10.20 -3.87 21.72
N HIS B 389 -11.30 -3.40 22.32
CA HIS B 389 -11.33 -3.16 23.75
C HIS B 389 -11.41 -4.48 24.52
N GLY B 390 -11.83 -5.55 23.83
CA GLY B 390 -11.85 -6.86 24.42
C GLY B 390 -10.43 -7.37 24.58
N ALA B 391 -9.60 -7.10 23.57
CA ALA B 391 -8.19 -7.48 23.62
C ALA B 391 -7.45 -6.66 24.66
N ILE B 392 -7.87 -5.41 24.87
CA ILE B 392 -7.24 -4.55 25.86
C ILE B 392 -7.54 -5.12 27.24
N PHE B 393 -8.77 -5.60 27.43
CA PHE B 393 -9.19 -6.24 28.68
C PHE B 393 -8.32 -7.44 29.01
N LEU B 394 -8.05 -8.29 28.00
CA LEU B 394 -7.24 -9.48 28.22
C LEU B 394 -5.79 -9.20 28.64
N VAL B 395 -5.20 -8.10 28.20
CA VAL B 395 -3.81 -7.83 28.57
C VAL B 395 -3.69 -7.02 29.86
N ARG B 396 -4.60 -6.06 30.08
CA ARG B 396 -4.50 -5.17 31.22
C ARG B 396 -5.47 -5.46 32.36
N ASP B 397 -6.58 -6.14 32.09
CA ASP B 397 -7.56 -6.34 33.16
C ASP B 397 -7.84 -7.81 33.48
N TYR B 398 -7.62 -8.73 32.54
CA TYR B 398 -7.90 -10.14 32.77
C TYR B 398 -6.93 -10.69 33.80
N ASP B 399 -7.45 -11.14 34.94
CA ASP B 399 -6.61 -11.74 35.98
C ASP B 399 -6.85 -13.24 35.90
N ALA B 400 -5.88 -13.97 35.32
CA ALA B 400 -6.04 -15.39 35.04
C ALA B 400 -6.11 -16.24 36.31
N GLU B 401 -5.56 -15.75 37.42
CA GLU B 401 -5.67 -16.50 38.67
C GLU B 401 -7.07 -16.38 39.27
N GLN B 402 -7.70 -15.22 39.11
CA GLN B 402 -9.05 -15.04 39.64
C GLN B 402 -10.10 -15.45 38.61
N ASN B 403 -9.67 -16.02 37.49
CA ASN B 403 -10.57 -16.46 36.42
C ASN B 403 -10.18 -17.88 36.05
N LYS B 404 -10.81 -18.85 36.69
CA LYS B 404 -10.54 -20.26 36.45
C LYS B 404 -11.86 -21.00 36.36
N ASN B 405 -11.91 -21.97 35.43
CA ASN B 405 -13.03 -22.89 35.21
C ASN B 405 -14.34 -22.20 34.84
N ASN B 406 -14.29 -20.97 34.33
CA ASN B 406 -15.50 -20.34 33.81
C ASN B 406 -15.38 -20.19 32.29
N VAL B 407 -16.44 -19.67 31.68
CA VAL B 407 -16.56 -19.49 30.22
C VAL B 407 -15.38 -18.71 29.64
N LEU B 408 -14.90 -17.67 30.34
CA LEU B 408 -13.76 -16.88 29.89
C LEU B 408 -12.49 -17.70 29.78
N ALA B 409 -12.09 -18.35 30.89
CA ALA B 409 -10.88 -19.15 30.93
C ALA B 409 -10.98 -20.46 30.16
N ARG B 410 -12.16 -20.83 29.68
CA ARG B 410 -12.33 -22.00 28.83
C ARG B 410 -12.15 -21.66 27.36
N ILE B 411 -12.51 -20.43 26.95
CA ILE B 411 -12.29 -19.99 25.58
C ILE B 411 -10.80 -19.81 25.32
N ILE B 412 -10.05 -19.32 26.31
CA ILE B 412 -8.60 -19.22 26.18
C ILE B 412 -7.97 -20.62 26.19
N ASP B 413 -8.64 -21.60 26.80
CA ASP B 413 -8.07 -22.94 26.95
C ASP B 413 -8.05 -23.69 25.62
N HIS B 414 -9.07 -23.50 24.78
CA HIS B 414 -9.05 -24.12 23.45
C HIS B 414 -8.96 -23.03 22.38
N LYS B 415 -8.24 -21.95 22.71
CA LYS B 415 -8.04 -20.81 21.83
C LYS B 415 -7.49 -21.18 20.44
N GLU B 416 -6.57 -22.15 20.36
CA GLU B 416 -6.02 -22.52 19.05
C GLU B 416 -7.05 -23.24 18.20
N ALA B 417 -8.00 -23.95 18.82
CA ALA B 417 -9.06 -24.61 18.07
C ALA B 417 -9.95 -23.60 17.39
N ILE B 418 -10.40 -22.60 18.15
CA ILE B 418 -11.26 -21.51 17.68
C ILE B 418 -10.60 -20.75 16.53
N ILE B 419 -9.34 -20.35 16.71
CA ILE B 419 -8.63 -19.60 15.68
C ILE B 419 -8.44 -20.44 14.42
N SER B 420 -8.01 -21.71 14.57
CA SER B 420 -7.80 -22.59 13.43
C SER B 420 -9.08 -22.82 12.64
N HIS B 421 -10.22 -22.93 13.33
CA HIS B 421 -11.48 -23.11 12.65
C HIS B 421 -11.89 -21.84 11.94
N LEU B 422 -11.69 -20.67 12.59
CA LEU B 422 -11.96 -19.39 11.95
C LEU B 422 -11.08 -19.22 10.73
N SER B 423 -9.85 -19.73 10.79
CA SER B 423 -8.93 -19.72 9.67
C SER B 423 -9.45 -20.57 8.54
N TRP B 424 -9.99 -21.77 8.85
CA TRP B 424 -10.50 -22.69 7.84
C TRP B 424 -11.69 -22.10 7.09
N VAL B 425 -12.72 -21.62 7.81
CA VAL B 425 -13.91 -21.03 7.20
C VAL B 425 -13.56 -19.88 6.27
N SER B 426 -12.60 -19.02 6.65
CA SER B 426 -12.21 -17.90 5.80
C SER B 426 -11.63 -18.46 4.50
N LEU B 427 -10.67 -19.37 4.62
CA LEU B 427 -10.04 -20.04 3.48
C LEU B 427 -11.06 -20.77 2.63
N PHE B 428 -11.99 -21.49 3.28
CA PHE B 428 -13.05 -22.22 2.60
C PHE B 428 -13.92 -21.29 1.77
N LEU B 429 -14.51 -20.29 2.45
CA LEU B 429 -15.34 -19.29 1.79
C LEU B 429 -14.59 -18.58 0.67
N GLY B 430 -13.36 -18.13 0.96
CA GLY B 430 -12.57 -17.37 0.00
C GLY B 430 -12.16 -18.08 -1.27
N PHE B 431 -11.57 -19.28 -1.14
CA PHE B 431 -11.13 -20.07 -2.29
C PHE B 431 -12.26 -20.29 -3.29
N HIS B 432 -13.45 -20.64 -2.80
CA HIS B 432 -14.60 -20.94 -3.62
C HIS B 432 -15.38 -19.74 -4.15
N THR B 433 -15.66 -18.71 -3.34
CA THR B 433 -16.38 -17.55 -3.89
C THR B 433 -15.54 -16.85 -4.96
N LEU B 434 -14.25 -16.61 -4.71
CA LEU B 434 -13.38 -15.99 -5.69
C LEU B 434 -13.25 -16.92 -6.89
N GLY B 435 -13.18 -18.22 -6.62
CA GLY B 435 -13.04 -19.22 -7.68
C GLY B 435 -14.22 -19.19 -8.64
N LEU B 436 -15.45 -19.07 -8.12
CA LEU B 436 -16.62 -18.99 -8.99
C LEU B 436 -16.60 -17.69 -9.79
N TYR B 437 -16.21 -16.58 -9.15
CA TYR B 437 -16.12 -15.31 -9.86
C TYR B 437 -15.10 -15.39 -10.98
N VAL B 438 -13.92 -15.97 -10.69
CA VAL B 438 -12.88 -16.08 -11.71
C VAL B 438 -13.35 -17.04 -12.81
N HIS B 439 -14.07 -18.10 -12.42
CA HIS B 439 -14.64 -19.06 -13.37
C HIS B 439 -15.57 -18.35 -14.33
N ASN B 440 -16.56 -17.63 -13.77
CA ASN B 440 -17.55 -16.87 -14.54
C ASN B 440 -16.89 -15.83 -15.43
N ASP B 441 -15.91 -15.07 -14.90
CA ASP B 441 -15.20 -14.04 -15.65
C ASP B 441 -14.57 -14.59 -16.92
N VAL B 442 -13.81 -15.68 -16.79
CA VAL B 442 -13.15 -16.31 -17.94
C VAL B 442 -14.18 -16.78 -18.96
N VAL B 443 -15.14 -17.56 -18.49
CA VAL B 443 -16.21 -18.13 -19.31
C VAL B 443 -17.05 -17.05 -19.99
N GLN B 444 -17.21 -15.88 -19.34
CA GLN B 444 -17.92 -14.77 -19.97
C GLN B 444 -17.02 -14.04 -20.97
N ALA B 445 -15.73 -13.95 -20.66
CA ALA B 445 -14.76 -13.34 -21.56
C ALA B 445 -14.61 -14.10 -22.86
N PHE B 446 -14.76 -15.42 -22.83
CA PHE B 446 -14.60 -16.24 -24.02
C PHE B 446 -15.87 -16.33 -24.86
N GLY B 447 -16.84 -15.45 -24.64
CA GLY B 447 -18.04 -15.45 -25.45
C GLY B 447 -19.06 -16.51 -25.14
N THR B 448 -18.95 -17.19 -23.99
CA THR B 448 -19.87 -18.26 -23.60
C THR B 448 -20.50 -18.02 -22.24
N PRO B 449 -21.37 -17.01 -22.09
CA PRO B 449 -22.01 -16.75 -20.78
C PRO B 449 -22.84 -17.92 -20.22
N GLU B 450 -23.32 -18.82 -21.07
CA GLU B 450 -24.12 -19.97 -20.68
C GLU B 450 -23.36 -21.00 -19.86
N LYS B 451 -22.04 -20.94 -19.83
CA LYS B 451 -21.19 -21.84 -19.07
C LYS B 451 -20.94 -21.37 -17.64
N GLN B 452 -21.51 -20.24 -17.23
CA GLN B 452 -21.32 -19.75 -15.87
C GLN B 452 -21.97 -20.66 -14.83
N ILE B 453 -21.42 -20.61 -13.62
CA ILE B 453 -21.96 -21.35 -12.48
C ILE B 453 -22.78 -20.36 -11.68
N LEU B 454 -24.10 -20.50 -11.74
CA LEU B 454 -25.04 -19.60 -11.07
C LEU B 454 -25.91 -20.41 -10.12
N ILE B 455 -25.74 -20.19 -8.82
CA ILE B 455 -26.50 -20.93 -7.82
C ILE B 455 -27.65 -20.02 -7.36
N GLU B 456 -28.86 -20.56 -7.41
CA GLU B 456 -30.03 -19.81 -6.97
C GLU B 456 -30.05 -19.73 -5.44
N PRO B 457 -30.34 -18.55 -4.88
CA PRO B 457 -30.42 -18.36 -3.41
C PRO B 457 -31.68 -18.95 -2.82
N VAL B 458 -31.83 -20.28 -2.98
CA VAL B 458 -33.03 -20.99 -2.57
C VAL B 458 -33.32 -20.93 -1.07
N PHE B 459 -32.31 -20.95 -0.18
CA PHE B 459 -32.63 -20.86 1.24
C PHE B 459 -33.21 -19.49 1.56
N ALA B 460 -32.68 -18.44 0.90
CA ALA B 460 -33.17 -17.08 1.10
C ALA B 460 -34.55 -16.91 0.50
N GLN B 461 -34.73 -17.35 -0.75
CA GLN B 461 -36.00 -17.31 -1.45
C GLN B 461 -37.08 -18.10 -0.73
N TRP B 462 -36.69 -19.14 0.01
CA TRP B 462 -37.62 -19.83 0.89
C TRP B 462 -38.13 -18.91 1.99
N ILE B 463 -37.22 -18.16 2.65
CA ILE B 463 -37.57 -17.24 3.73
C ILE B 463 -38.52 -16.16 3.24
N GLN B 464 -38.28 -15.62 2.05
CA GLN B 464 -39.17 -14.62 1.47
C GLN B 464 -40.56 -15.18 1.24
N SER B 465 -40.65 -16.46 0.84
CA SER B 465 -41.95 -17.12 0.75
C SER B 465 -42.51 -17.45 2.12
N VAL B 466 -41.64 -17.69 3.12
CA VAL B 466 -42.10 -17.83 4.50
C VAL B 466 -42.67 -16.51 5.00
N HIS B 467 -42.11 -15.39 4.55
CA HIS B 467 -42.62 -14.09 4.97
C HIS B 467 -43.76 -13.60 4.08
N GLY B 468 -44.13 -14.34 3.03
CA GLY B 468 -45.24 -13.90 2.21
C GLY B 468 -44.99 -13.51 0.76
N LYS B 469 -43.75 -13.56 0.30
CA LYS B 469 -43.47 -13.19 -1.08
C LYS B 469 -43.86 -14.34 -2.01
N SER B 470 -44.92 -14.14 -2.80
CA SER B 470 -45.51 -15.16 -3.64
C SER B 470 -44.86 -15.25 -5.02
N LEU B 471 -43.61 -14.82 -5.14
CA LEU B 471 -42.96 -14.77 -6.44
C LEU B 471 -42.34 -16.10 -6.81
N TYR B 472 -41.63 -16.72 -5.86
CA TYR B 472 -40.94 -17.98 -6.15
C TYR B 472 -41.87 -19.18 -6.03
N GLY B 473 -43.06 -18.99 -5.44
CA GLY B 473 -44.02 -20.07 -5.31
C GLY B 473 -43.63 -21.27 -4.47
N PHE B 474 -42.95 -21.05 -3.34
CA PHE B 474 -42.57 -22.16 -2.47
C PHE B 474 -43.74 -22.63 -1.60
N GLU B 475 -44.68 -21.73 -1.29
CA GLU B 475 -46.04 -22.05 -0.84
C GLU B 475 -46.08 -22.74 0.53
N VAL B 476 -45.33 -22.23 1.51
CA VAL B 476 -45.42 -22.72 2.88
C VAL B 476 -45.10 -21.57 3.84
N LEU B 477 -45.92 -21.47 4.90
CA LEU B 477 -45.98 -20.38 5.88
C LEU B 477 -46.18 -19.00 5.26
N LEU B 478 -47.35 -18.40 5.45
CA LEU B 478 -47.77 -17.07 4.98
C LEU B 478 -47.74 -16.88 3.46
N ASN B 479 -47.38 -17.91 2.70
CA ASN B 479 -47.69 -18.04 1.28
C ASN B 479 -48.77 -19.07 1.05
N ASN B 480 -48.86 -20.05 1.94
CA ASN B 480 -49.93 -21.03 1.95
C ASN B 480 -51.11 -20.41 2.69
N ALA B 481 -52.25 -20.27 1.99
CA ALA B 481 -53.37 -19.51 2.54
C ALA B 481 -54.11 -20.26 3.65
N ASP B 482 -53.90 -21.56 3.79
CA ASP B 482 -54.56 -22.37 4.80
C ASP B 482 -53.64 -22.71 5.97
N SER B 483 -52.36 -22.32 5.89
CA SER B 483 -51.38 -22.56 6.92
C SER B 483 -51.77 -21.88 8.24
N ILE B 484 -51.41 -22.55 9.34
CA ILE B 484 -51.69 -22.10 10.70
C ILE B 484 -51.09 -20.73 11.00
N THR B 485 -49.99 -20.34 10.34
CA THR B 485 -49.38 -19.06 10.65
C THR B 485 -50.15 -17.89 10.05
N ARG B 486 -50.96 -18.16 9.02
CA ARG B 486 -51.78 -17.09 8.44
C ARG B 486 -53.19 -17.11 9.04
N VAL B 487 -53.68 -18.29 9.40
CA VAL B 487 -55.04 -18.40 9.95
C VAL B 487 -55.06 -18.11 11.45
N ALA B 488 -54.17 -18.78 12.21
CA ALA B 488 -54.03 -18.70 13.68
C ALA B 488 -55.35 -18.97 14.39
N PRO B 489 -55.80 -20.23 14.47
CA PRO B 489 -57.13 -20.51 15.01
C PRO B 489 -57.23 -20.42 16.52
N GLY B 490 -56.16 -20.03 17.22
CA GLY B 490 -56.25 -19.91 18.66
C GLY B 490 -57.05 -18.71 19.13
N SER B 491 -56.79 -17.53 18.55
CA SER B 491 -57.50 -16.32 18.96
C SER B 491 -57.88 -15.39 17.83
N ALA B 492 -57.66 -15.78 16.56
CA ALA B 492 -57.88 -14.94 15.36
C ALA B 492 -57.12 -13.62 15.44
N GLN B 493 -55.81 -13.72 15.70
CA GLN B 493 -54.84 -12.62 15.78
C GLN B 493 -54.35 -11.94 14.50
N PRO B 494 -54.37 -12.58 13.28
CA PRO B 494 -53.26 -12.38 12.33
C PRO B 494 -53.31 -11.08 11.52
N ILE B 495 -54.02 -10.06 12.00
CA ILE B 495 -54.38 -8.87 11.24
C ILE B 495 -53.23 -8.00 10.72
N TRP B 496 -51.96 -8.34 11.04
CA TRP B 496 -50.89 -7.58 10.41
C TRP B 496 -50.70 -7.96 8.94
N LEU B 497 -51.16 -9.16 8.57
CA LEU B 497 -51.04 -9.76 7.25
C LEU B 497 -51.54 -8.98 6.03
N PRO B 498 -52.70 -8.27 6.03
CA PRO B 498 -53.08 -7.56 4.79
C PRO B 498 -52.13 -6.45 4.38
N GLY B 499 -51.84 -5.51 5.28
CA GLY B 499 -50.92 -4.42 4.97
C GLY B 499 -49.53 -4.87 4.57
N TRP B 500 -49.00 -5.88 5.27
CA TRP B 500 -47.68 -6.43 4.99
C TRP B 500 -47.60 -7.09 3.62
N LEU B 501 -48.56 -7.96 3.29
CA LEU B 501 -48.56 -8.68 2.02
C LEU B 501 -48.69 -7.79 0.79
N ASP B 502 -49.43 -6.68 0.86
CA ASP B 502 -49.55 -5.78 -0.27
C ASP B 502 -48.20 -5.17 -0.67
N ALA B 503 -47.44 -4.67 0.29
CA ALA B 503 -46.13 -4.06 0.08
C ALA B 503 -45.06 -5.06 -0.35
N ILE B 504 -45.03 -6.26 0.26
CA ILE B 504 -44.02 -7.26 -0.06
C ILE B 504 -44.26 -7.88 -1.44
N ASN B 505 -45.45 -7.71 -2.01
CA ASN B 505 -45.71 -8.32 -3.31
C ASN B 505 -45.72 -7.28 -4.42
N SER B 506 -45.86 -6.00 -4.10
CA SER B 506 -45.84 -4.95 -5.09
C SER B 506 -44.39 -4.59 -5.39
N GLY B 507 -44.05 -4.45 -6.67
CA GLY B 507 -42.69 -4.14 -7.05
C GLY B 507 -42.36 -2.66 -7.03
N ASN B 508 -42.72 -1.97 -5.96
CA ASN B 508 -42.54 -0.53 -5.85
C ASN B 508 -41.71 -0.11 -4.65
N ASN B 509 -41.11 -1.06 -3.92
CA ASN B 509 -40.33 -0.72 -2.74
C ASN B 509 -39.13 -1.67 -2.64
N SER B 510 -38.53 -1.69 -1.45
CA SER B 510 -37.37 -2.53 -1.16
C SER B 510 -37.65 -3.54 -0.06
N LEU B 511 -38.93 -3.81 0.20
CA LEU B 511 -39.34 -4.78 1.22
C LEU B 511 -39.17 -6.19 0.67
N PHE B 512 -37.97 -6.76 0.89
CA PHE B 512 -37.58 -8.11 0.46
C PHE B 512 -37.43 -8.19 -1.06
N LEU B 513 -36.51 -7.36 -1.56
CA LEU B 513 -36.14 -7.26 -2.97
C LEU B 513 -35.90 -8.63 -3.61
N THR B 514 -36.26 -8.75 -4.89
CA THR B 514 -36.04 -9.97 -5.65
C THR B 514 -34.54 -10.21 -5.76
N ILE B 515 -34.12 -11.47 -5.61
CA ILE B 515 -32.71 -11.82 -5.66
C ILE B 515 -32.49 -12.95 -6.64
N GLY B 516 -31.25 -13.05 -7.10
CA GLY B 516 -30.87 -14.08 -8.04
C GLY B 516 -29.44 -14.53 -7.81
N PRO B 517 -28.82 -15.10 -8.86
CA PRO B 517 -27.42 -15.59 -8.76
C PRO B 517 -26.41 -14.57 -8.30
N GLY B 518 -26.57 -13.31 -8.71
CA GLY B 518 -25.65 -12.26 -8.30
C GLY B 518 -25.62 -12.08 -6.79
N ASP B 519 -26.81 -12.09 -6.17
CA ASP B 519 -26.97 -11.94 -4.74
C ASP B 519 -26.37 -13.10 -3.96
N PHE B 520 -26.31 -14.29 -4.56
CA PHE B 520 -25.74 -15.45 -3.89
C PHE B 520 -24.26 -15.27 -3.64
N LEU B 521 -23.51 -15.00 -4.71
CA LEU B 521 -22.06 -14.82 -4.66
C LEU B 521 -21.63 -13.73 -3.70
N VAL B 522 -22.24 -12.54 -3.80
CA VAL B 522 -21.90 -11.42 -2.91
C VAL B 522 -22.16 -11.75 -1.46
N HIS B 523 -23.29 -12.42 -1.15
CA HIS B 523 -23.59 -12.79 0.24
C HIS B 523 -22.52 -13.68 0.84
N HIS B 524 -21.84 -14.48 0.02
CA HIS B 524 -20.77 -15.31 0.52
C HIS B 524 -19.49 -14.51 0.59
N ALA B 525 -19.40 -13.44 -0.21
CA ALA B 525 -18.26 -12.54 -0.16
C ALA B 525 -18.35 -11.75 1.14
N ILE B 526 -19.57 -11.31 1.46
CA ILE B 526 -19.81 -10.56 2.68
C ILE B 526 -19.56 -11.48 3.87
N ALA B 527 -19.97 -12.75 3.73
CA ALA B 527 -19.75 -13.77 4.76
C ALA B 527 -18.26 -13.97 4.94
N LEU B 528 -17.54 -14.01 3.82
CA LEU B 528 -16.09 -14.14 3.82
C LEU B 528 -15.46 -12.97 4.57
N GLY B 529 -16.04 -11.79 4.38
CA GLY B 529 -15.53 -10.61 5.06
C GLY B 529 -15.80 -10.64 6.54
N LEU B 530 -17.02 -11.04 6.94
CA LEU B 530 -17.35 -11.11 8.36
C LEU B 530 -16.54 -12.17 9.08
N HIS B 531 -16.21 -13.28 8.42
CA HIS B 531 -15.44 -14.33 9.07
C HIS B 531 -13.97 -13.97 9.16
N THR B 532 -13.41 -13.41 8.08
CA THR B 532 -11.99 -13.04 8.09
C THR B 532 -11.72 -11.88 9.04
N THR B 533 -12.63 -10.89 9.11
CA THR B 533 -12.44 -9.75 10.00
C THR B 533 -12.51 -10.21 11.44
N THR B 534 -13.43 -11.13 11.74
CA THR B 534 -13.57 -11.66 13.09
C THR B 534 -12.34 -12.48 13.45
N LEU B 535 -11.80 -13.21 12.47
CA LEU B 535 -10.62 -14.06 12.64
C LEU B 535 -9.42 -13.24 13.13
N ILE B 536 -9.15 -12.13 12.45
CA ILE B 536 -8.02 -11.25 12.78
C ILE B 536 -8.20 -10.73 14.21
N LEU B 537 -9.42 -10.31 14.54
CA LEU B 537 -9.73 -9.76 15.85
C LEU B 537 -9.71 -10.85 16.92
N VAL B 538 -10.21 -12.05 16.61
CA VAL B 538 -10.24 -13.12 17.59
C VAL B 538 -8.84 -13.67 17.85
N LYS B 539 -8.05 -13.91 16.79
CA LYS B 539 -6.69 -14.40 16.97
C LYS B 539 -5.85 -13.36 17.73
N GLY B 540 -6.02 -12.08 17.41
CA GLY B 540 -5.28 -11.03 18.11
C GLY B 540 -5.60 -10.99 19.59
N ALA B 541 -6.89 -11.13 19.94
CA ALA B 541 -7.31 -11.11 21.34
C ALA B 541 -6.86 -12.36 22.07
N LEU B 542 -7.07 -13.54 21.47
CA LEU B 542 -6.70 -14.77 22.15
C LEU B 542 -5.18 -14.95 22.27
N ASP B 543 -4.40 -14.25 21.44
CA ASP B 543 -2.95 -14.34 21.52
C ASP B 543 -2.34 -13.11 22.15
N ALA B 544 -3.18 -12.15 22.56
CA ALA B 544 -2.77 -10.92 23.22
C ALA B 544 -1.90 -11.16 24.44
N ARG B 545 -2.28 -12.07 25.32
CA ARG B 545 -1.47 -12.37 26.50
C ARG B 545 -0.19 -13.11 26.17
N GLY B 546 -0.17 -13.89 25.11
CA GLY B 546 1.03 -14.61 24.73
C GLY B 546 0.80 -15.67 23.66
N SER B 547 1.89 -16.01 22.97
CA SER B 547 1.94 -17.02 21.92
C SER B 547 3.31 -17.68 22.03
N LYS B 548 3.61 -18.62 21.14
CA LYS B 548 4.94 -19.24 21.18
C LYS B 548 6.01 -18.25 20.74
N LEU B 549 5.70 -17.40 19.77
CA LEU B 549 6.68 -16.44 19.29
C LEU B 549 6.95 -15.37 20.35
N MET B 550 5.99 -15.13 21.25
CA MET B 550 6.16 -14.14 22.30
C MET B 550 5.38 -14.57 23.55
N PRO B 551 5.94 -15.49 24.35
CA PRO B 551 5.28 -15.95 25.58
C PRO B 551 4.89 -14.90 26.61
N ASP B 552 5.61 -13.78 26.72
CA ASP B 552 5.30 -12.78 27.74
C ASP B 552 4.68 -11.51 27.19
N LYS B 553 4.00 -11.59 26.04
CA LYS B 553 3.38 -10.46 25.35
C LYS B 553 2.58 -9.54 26.26
N LYS B 554 1.82 -10.09 27.22
CA LYS B 554 1.01 -9.31 28.16
C LYS B 554 1.83 -8.29 28.96
N ASP B 555 3.13 -8.53 29.18
CA ASP B 555 3.98 -7.64 29.96
C ASP B 555 4.32 -6.36 29.23
N PHE B 556 4.12 -6.32 27.92
CA PHE B 556 4.41 -5.16 27.08
C PHE B 556 3.18 -4.33 26.75
N GLY B 557 2.01 -4.71 27.23
CA GLY B 557 0.80 -3.95 26.96
C GLY B 557 0.16 -4.22 25.61
N TYR B 558 -0.96 -3.53 25.41
CA TYR B 558 -1.77 -3.64 24.20
C TYR B 558 -1.03 -3.21 22.95
N SER B 559 -0.25 -2.13 23.02
CA SER B 559 0.39 -1.55 21.84
C SER B 559 1.88 -1.40 22.12
N PHE B 560 2.71 -2.06 21.32
CA PHE B 560 4.15 -1.88 21.38
C PHE B 560 4.68 -2.18 19.98
N PRO B 561 5.83 -1.53 19.54
CA PRO B 561 6.36 -1.76 18.18
C PRO B 561 6.50 -3.20 17.68
N CYS B 562 7.19 -4.04 18.44
CA CYS B 562 7.56 -5.42 18.11
C CYS B 562 8.51 -5.89 19.21
N ASP B 563 9.29 -6.92 18.88
CA ASP B 563 10.24 -7.51 19.80
C ASP B 563 11.58 -7.75 19.09
N GLY B 564 11.87 -6.92 18.10
CA GLY B 564 13.12 -6.98 17.38
C GLY B 564 13.19 -8.04 16.29
N PRO B 565 14.29 -8.03 15.53
CA PRO B 565 14.47 -8.99 14.44
C PRO B 565 14.84 -10.39 14.90
N GLY B 566 14.99 -10.61 16.20
CA GLY B 566 15.32 -11.92 16.71
C GLY B 566 14.12 -12.84 16.64
N ARG B 567 14.38 -14.12 16.90
CA ARG B 567 13.38 -15.20 16.88
C ARG B 567 12.65 -15.28 15.54
N GLY B 568 13.35 -14.93 14.46
CA GLY B 568 12.78 -14.96 13.13
C GLY B 568 12.22 -13.65 12.64
N GLY B 569 11.78 -12.78 13.55
CA GLY B 569 11.20 -11.50 13.19
C GLY B 569 9.87 -11.38 13.90
N THR B 570 9.58 -10.21 14.46
CA THR B 570 8.35 -10.07 15.25
C THR B 570 7.46 -8.88 14.91
N CYS B 571 7.61 -8.27 13.74
CA CYS B 571 6.74 -7.15 13.35
C CYS B 571 5.27 -7.51 13.46
N ASP B 572 4.45 -6.54 13.89
CA ASP B 572 2.99 -6.66 14.01
C ASP B 572 2.57 -7.78 14.96
N ILE B 573 3.30 -7.94 16.07
CA ILE B 573 3.00 -9.00 17.03
C ILE B 573 2.10 -8.53 18.17
N SER B 574 1.85 -7.23 18.29
CA SER B 574 1.05 -6.77 19.40
C SER B 574 -0.43 -6.86 19.04
N ALA B 575 -1.26 -6.96 20.08
CA ALA B 575 -2.71 -7.02 19.92
C ALA B 575 -3.23 -5.79 19.17
N TRP B 576 -2.57 -4.64 19.32
CA TRP B 576 -3.00 -3.42 18.64
C TRP B 576 -2.86 -3.58 17.14
N ASP B 577 -1.78 -4.22 16.70
CA ASP B 577 -1.49 -4.46 15.30
C ASP B 577 -2.51 -5.38 14.67
N ALA B 578 -3.10 -6.28 15.47
CA ALA B 578 -4.14 -7.16 14.96
C ALA B 578 -5.38 -6.36 14.64
N PHE B 579 -5.74 -5.39 15.50
CA PHE B 579 -6.88 -4.53 15.24
C PHE B 579 -6.60 -3.77 13.95
N TYR B 580 -5.34 -3.28 13.84
CA TYR B 580 -4.84 -2.52 12.70
C TYR B 580 -5.01 -3.27 11.39
N LEU B 581 -4.72 -4.56 11.38
CA LEU B 581 -4.89 -5.31 10.16
C LEU B 581 -6.37 -5.51 9.88
N ALA B 582 -7.16 -5.74 10.94
CA ALA B 582 -8.59 -5.92 10.83
C ALA B 582 -9.33 -4.68 10.31
N VAL B 583 -8.77 -3.47 10.48
CA VAL B 583 -9.41 -2.28 9.93
C VAL B 583 -9.37 -2.31 8.41
N PHE B 584 -8.35 -2.92 7.84
CA PHE B 584 -8.31 -3.09 6.40
C PHE B 584 -9.40 -4.06 5.93
N TRP B 585 -9.60 -5.14 6.67
CA TRP B 585 -10.62 -6.11 6.29
C TRP B 585 -12.04 -5.62 6.49
N MET B 586 -12.32 -4.84 7.54
CA MET B 586 -13.69 -4.33 7.73
C MET B 586 -14.07 -3.38 6.60
N LEU B 587 -13.17 -2.45 6.23
CA LEU B 587 -13.44 -1.51 5.14
C LEU B 587 -13.74 -2.26 3.87
N ASN B 588 -12.95 -3.30 3.58
CA ASN B 588 -13.17 -4.17 2.44
C ASN B 588 -14.54 -4.84 2.55
N THR B 589 -14.89 -5.29 3.77
CA THR B 589 -16.15 -5.97 4.00
C THR B 589 -17.32 -5.01 3.86
N ILE B 590 -17.25 -3.87 4.57
CA ILE B 590 -18.31 -2.85 4.49
C ILE B 590 -18.35 -2.27 3.08
N GLY B 591 -17.21 -2.31 2.37
CA GLY B 591 -17.18 -1.85 1.00
C GLY B 591 -18.01 -2.75 0.11
N TRP B 592 -17.73 -4.07 0.17
CA TRP B 592 -18.49 -5.07 -0.58
C TRP B 592 -19.97 -5.02 -0.25
N THR B 593 -20.30 -4.74 1.02
CA THR B 593 -21.69 -4.54 1.44
C THR B 593 -22.29 -3.33 0.75
N THR B 594 -21.64 -2.17 0.88
CA THR B 594 -22.14 -0.94 0.29
C THR B 594 -22.08 -0.94 -1.23
N PHE B 595 -21.07 -1.59 -1.82
CA PHE B 595 -20.99 -1.71 -3.28
C PHE B 595 -22.21 -2.46 -3.81
N TYR B 596 -22.57 -3.55 -3.13
CA TYR B 596 -23.69 -4.40 -3.46
C TYR B 596 -25.02 -3.67 -3.32
N TRP B 597 -25.23 -3.03 -2.16
CA TRP B 597 -26.47 -2.32 -1.88
C TRP B 597 -26.70 -1.21 -2.90
N HIS B 598 -25.63 -0.51 -3.28
CA HIS B 598 -25.78 0.61 -4.20
C HIS B 598 -26.13 0.16 -5.61
N TRP B 599 -25.32 -0.72 -6.20
CA TRP B 599 -25.57 -1.22 -7.55
C TRP B 599 -26.94 -1.88 -7.68
N LYS B 600 -27.33 -2.72 -6.72
CA LYS B 600 -28.63 -3.39 -6.79
C LYS B 600 -29.77 -2.39 -6.79
N HIS B 601 -29.75 -1.44 -5.84
CA HIS B 601 -30.77 -0.41 -5.73
C HIS B 601 -30.78 0.53 -6.92
N LEU B 602 -29.62 0.72 -7.57
CA LEU B 602 -29.49 1.59 -8.73
C LEU B 602 -30.40 1.15 -9.86
N GLY B 603 -30.41 -0.16 -10.14
CA GLY B 603 -31.25 -0.74 -11.15
C GLY B 603 -32.70 -0.67 -10.71
N VAL B 604 -32.93 -1.01 -9.44
CA VAL B 604 -34.26 -0.98 -8.82
C VAL B 604 -34.87 0.41 -8.89
N TRP B 605 -34.05 1.45 -8.68
CA TRP B 605 -34.60 2.81 -8.71
C TRP B 605 -34.85 3.28 -10.14
N GLN B 606 -34.11 2.75 -11.10
CA GLN B 606 -34.32 3.07 -12.51
C GLN B 606 -35.32 2.15 -13.18
N GLY B 607 -35.84 1.16 -12.46
CA GLY B 607 -36.76 0.18 -12.98
C GLY B 607 -36.20 -0.72 -14.06
N ASN B 608 -34.88 -0.85 -14.13
CA ASN B 608 -34.18 -1.69 -15.11
C ASN B 608 -33.27 -2.60 -14.29
N VAL B 609 -33.89 -3.53 -13.56
CA VAL B 609 -33.20 -4.50 -12.72
C VAL B 609 -32.29 -5.47 -13.48
N ALA B 610 -32.50 -5.63 -14.80
CA ALA B 610 -31.72 -6.53 -15.64
C ALA B 610 -30.21 -6.29 -15.61
N GLN B 611 -29.77 -5.03 -15.50
CA GLN B 611 -28.34 -4.72 -15.49
C GLN B 611 -27.61 -5.41 -14.34
N PHE B 612 -28.11 -5.25 -13.10
CA PHE B 612 -27.49 -5.90 -11.96
C PHE B 612 -27.56 -7.42 -12.03
N ASN B 613 -28.76 -7.98 -12.25
CA ASN B 613 -29.01 -9.42 -12.32
C ASN B 613 -28.07 -10.17 -13.27
N GLU B 614 -27.75 -9.58 -14.44
CA GLU B 614 -26.88 -10.29 -15.37
C GLU B 614 -25.40 -9.95 -15.24
N SER B 615 -25.04 -8.72 -14.89
CA SER B 615 -23.63 -8.34 -14.78
C SER B 615 -22.98 -8.65 -13.45
N SER B 616 -23.73 -8.76 -12.36
CA SER B 616 -23.14 -9.01 -11.04
C SER B 616 -22.63 -10.42 -10.82
N THR B 617 -22.83 -11.35 -11.76
CA THR B 617 -22.38 -12.70 -11.52
C THR B 617 -20.93 -12.88 -11.96
N TYR B 618 -20.35 -11.88 -12.60
CA TYR B 618 -18.93 -11.88 -12.96
C TYR B 618 -18.36 -10.52 -12.54
N LEU B 619 -17.09 -10.50 -12.16
CA LEU B 619 -16.50 -9.26 -11.64
C LEU B 619 -16.31 -8.16 -12.67
N MET B 620 -16.12 -8.46 -13.96
CA MET B 620 -16.00 -7.39 -14.95
C MET B 620 -17.28 -6.55 -15.03
N GLY B 621 -18.41 -7.12 -14.61
CA GLY B 621 -19.66 -6.38 -14.62
C GLY B 621 -19.64 -5.33 -13.54
N TRP B 622 -19.04 -5.67 -12.40
CA TRP B 622 -18.89 -4.75 -11.29
C TRP B 622 -17.88 -3.66 -11.60
N PHE B 623 -17.01 -3.90 -12.58
CA PHE B 623 -15.96 -2.98 -12.95
C PHE B 623 -16.38 -2.10 -14.11
N ARG B 624 -17.21 -2.64 -15.01
CA ARG B 624 -17.63 -1.89 -16.19
C ARG B 624 -18.98 -1.22 -15.98
N ASP B 625 -19.97 -1.96 -15.48
CA ASP B 625 -21.31 -1.43 -15.34
C ASP B 625 -21.59 -0.81 -13.98
N TYR B 626 -20.67 -0.91 -13.02
CA TYR B 626 -20.88 -0.27 -11.73
C TYR B 626 -19.93 0.89 -11.48
N LEU B 627 -18.63 0.64 -11.47
CA LEU B 627 -17.69 1.72 -11.17
C LEU B 627 -17.50 2.66 -12.34
N TRP B 628 -17.07 2.13 -13.50
CA TRP B 628 -16.84 2.93 -14.69
C TRP B 628 -18.10 3.60 -15.24
N LEU B 629 -19.20 2.86 -15.35
CA LEU B 629 -20.46 3.40 -15.86
C LEU B 629 -21.02 4.54 -15.02
N ASN B 630 -21.15 4.33 -13.71
CA ASN B 630 -21.74 5.36 -12.86
C ASN B 630 -20.80 6.50 -12.50
N SER B 631 -19.55 6.48 -12.97
CA SER B 631 -18.64 7.58 -12.68
C SER B 631 -18.56 8.59 -13.81
N SER B 632 -19.37 8.43 -14.86
CA SER B 632 -19.38 9.32 -16.02
C SER B 632 -19.61 10.78 -15.65
N GLN B 633 -20.73 11.08 -14.98
CA GLN B 633 -21.00 12.46 -14.58
C GLN B 633 -20.08 12.96 -13.47
N LEU B 634 -19.91 12.18 -12.38
CA LEU B 634 -19.04 12.54 -11.25
C LEU B 634 -17.68 13.04 -11.73
N ILE B 635 -17.01 12.27 -12.59
CA ILE B 635 -15.70 12.61 -13.13
C ILE B 635 -15.75 13.84 -14.03
N ASN B 636 -16.95 14.27 -14.46
CA ASN B 636 -17.13 15.46 -15.27
C ASN B 636 -17.70 16.63 -14.48
N GLY B 637 -17.59 16.59 -13.14
CA GLY B 637 -18.03 17.70 -12.29
C GLY B 637 -17.46 19.04 -12.71
N TYR B 638 -16.24 19.01 -13.25
CA TYR B 638 -15.57 20.16 -13.85
C TYR B 638 -14.69 19.55 -14.94
N ASN B 639 -14.44 20.30 -16.00
CA ASN B 639 -13.65 19.88 -17.14
C ASN B 639 -13.22 21.11 -17.97
N PRO B 640 -12.52 20.96 -19.12
CA PRO B 640 -12.15 22.18 -19.89
C PRO B 640 -13.30 22.99 -20.47
N PHE B 641 -14.55 22.55 -20.39
CA PHE B 641 -15.65 23.30 -20.96
C PHE B 641 -16.52 23.99 -19.91
N GLY B 642 -16.37 23.65 -18.65
CA GLY B 642 -17.15 24.29 -17.62
C GLY B 642 -17.15 23.52 -16.33
N MET B 643 -18.16 23.77 -15.52
CA MET B 643 -18.34 23.09 -14.25
C MET B 643 -19.82 23.09 -13.86
N ASN B 644 -20.26 22.03 -13.20
CA ASN B 644 -21.63 21.88 -12.75
C ASN B 644 -21.65 21.74 -11.23
N ASN B 645 -22.84 21.50 -10.69
CA ASN B 645 -23.09 21.38 -9.26
C ASN B 645 -22.44 20.15 -8.60
N LEU B 646 -21.59 19.41 -9.33
CA LEU B 646 -20.88 18.24 -8.86
C LEU B 646 -19.38 18.46 -8.80
N SER B 647 -18.93 19.71 -8.97
CA SER B 647 -17.51 20.03 -8.88
C SER B 647 -16.95 19.74 -7.49
N VAL B 648 -17.76 19.94 -6.44
CA VAL B 648 -17.31 19.67 -5.09
C VAL B 648 -17.01 18.17 -4.96
N TRP B 649 -17.98 17.30 -5.27
CA TRP B 649 -17.87 15.86 -5.21
C TRP B 649 -16.75 15.34 -6.09
N ALA B 650 -16.51 16.03 -7.22
CA ALA B 650 -15.46 15.62 -8.14
C ALA B 650 -14.10 15.95 -7.54
N TRP B 651 -14.01 17.09 -6.86
CA TRP B 651 -12.77 17.49 -6.21
C TRP B 651 -12.52 16.56 -5.03
N MET B 652 -13.57 16.30 -4.23
CA MET B 652 -13.48 15.41 -3.06
C MET B 652 -13.08 14.00 -3.49
N PHE B 653 -13.57 13.55 -4.64
CA PHE B 653 -13.26 12.22 -5.17
C PHE B 653 -11.77 12.10 -5.40
N LEU B 654 -11.18 13.12 -6.01
CA LEU B 654 -9.73 13.15 -6.24
C LEU B 654 -9.00 13.33 -4.91
N PHE B 655 -9.58 14.16 -4.04
CA PHE B 655 -9.03 14.43 -2.71
C PHE B 655 -8.92 13.14 -1.92
N GLY B 656 -9.95 12.31 -1.98
CA GLY B 656 -9.95 11.04 -1.29
C GLY B 656 -8.88 10.10 -1.79
N HIS B 657 -8.71 10.01 -3.12
CA HIS B 657 -7.69 9.15 -3.72
C HIS B 657 -6.29 9.53 -3.26
N LEU B 658 -6.02 10.84 -3.13
CA LEU B 658 -4.70 11.30 -2.75
C LEU B 658 -4.37 10.98 -1.29
N ILE B 659 -5.33 11.12 -0.39
CA ILE B 659 -5.06 10.83 1.02
C ILE B 659 -5.10 9.33 1.31
N TRP B 660 -5.90 8.55 0.55
CA TRP B 660 -5.81 7.09 0.58
C TRP B 660 -4.41 6.64 0.22
N ALA B 661 -3.90 7.14 -0.90
CA ALA B 661 -2.58 6.77 -1.40
C ALA B 661 -1.47 7.28 -0.50
N THR B 662 -1.70 8.41 0.19
CA THR B 662 -0.71 8.96 1.10
C THR B 662 -0.52 8.04 2.29
N GLY B 663 -1.57 7.30 2.67
CA GLY B 663 -1.45 6.35 3.75
C GLY B 663 -0.55 5.20 3.43
N PHE B 664 -0.48 4.81 2.15
CA PHE B 664 0.38 3.72 1.71
C PHE B 664 1.84 4.02 1.99
N MET B 665 2.21 5.31 2.01
CA MET B 665 3.58 5.72 2.26
C MET B 665 4.04 5.31 3.66
N PHE B 666 3.22 5.59 4.67
CA PHE B 666 3.54 5.23 6.04
C PHE B 666 3.47 3.72 6.28
N LEU B 667 2.59 3.03 5.54
CA LEU B 667 2.40 1.58 5.69
C LEU B 667 3.48 0.76 4.98
N ILE B 668 4.07 1.28 3.91
CA ILE B 668 5.07 0.52 3.17
C ILE B 668 6.47 0.92 3.61
N SER B 669 6.72 2.22 3.73
CA SER B 669 8.04 2.67 4.16
C SER B 669 8.01 2.77 5.67
N TRP B 670 9.06 2.26 6.32
CA TRP B 670 9.12 2.20 7.77
C TRP B 670 10.14 3.22 8.31
N ARG B 671 10.11 3.36 9.64
CA ARG B 671 10.85 4.38 10.42
C ARG B 671 12.29 4.65 10.00
N GLY B 672 13.14 3.61 9.97
CA GLY B 672 14.56 3.71 9.65
C GLY B 672 14.94 4.54 8.47
N TYR B 673 14.28 4.35 7.31
CA TYR B 673 14.57 5.16 6.13
C TYR B 673 14.45 6.64 6.44
N TRP B 674 13.36 6.99 7.11
CA TRP B 674 13.02 8.36 7.47
C TRP B 674 13.91 8.95 8.54
N GLN B 675 14.19 8.21 9.62
CA GLN B 675 15.06 8.72 10.67
C GLN B 675 16.43 9.11 10.14
N GLU B 676 16.99 8.31 9.24
CA GLU B 676 18.29 8.66 8.66
C GLU B 676 18.18 9.84 7.72
N LEU B 677 17.07 9.96 6.99
CA LEU B 677 16.84 11.08 6.09
C LEU B 677 16.71 12.38 6.86
N ILE B 678 15.95 12.35 7.97
CA ILE B 678 15.74 13.49 8.86
C ILE B 678 17.08 13.99 9.42
N GLU B 679 18.01 13.08 9.73
CA GLU B 679 19.33 13.45 10.23
C GLU B 679 20.09 14.34 9.27
N THR B 680 19.97 14.11 7.96
CA THR B 680 20.62 14.97 6.98
C THR B 680 19.97 16.35 6.97
N LEU B 681 18.68 16.43 7.30
CA LEU B 681 17.96 17.69 7.36
C LEU B 681 18.36 18.47 8.60
N VAL B 682 18.60 17.75 9.70
CA VAL B 682 19.06 18.41 10.92
C VAL B 682 20.43 19.02 10.67
N TRP B 683 21.32 18.24 10.02
CA TRP B 683 22.65 18.71 9.65
C TRP B 683 22.57 19.94 8.76
N ALA B 684 21.75 19.86 7.70
CA ALA B 684 21.59 20.93 6.72
C ALA B 684 21.10 22.22 7.35
N HIS B 685 20.10 22.15 8.25
CA HIS B 685 19.58 23.32 8.92
C HIS B 685 20.66 24.02 9.74
N GLU B 686 21.35 23.27 10.60
CA GLU B 686 22.40 23.81 11.45
C GLU B 686 23.59 24.39 10.69
N ARG B 687 23.83 24.01 9.43
CA ARG B 687 24.98 24.54 8.71
C ARG B 687 24.65 25.60 7.66
N THR B 688 23.42 26.09 7.61
CA THR B 688 23.06 27.11 6.62
C THR B 688 22.86 28.47 7.28
N PRO B 689 23.69 29.47 6.96
CA PRO B 689 23.52 30.79 7.57
C PRO B 689 22.15 31.37 7.28
N LEU B 690 21.71 32.24 8.20
CA LEU B 690 20.43 32.97 8.30
C LEU B 690 19.29 32.05 8.73
N ALA B 691 19.55 30.74 8.79
CA ALA B 691 18.58 29.77 9.26
C ALA B 691 19.08 29.10 10.52
N ASN B 692 20.40 28.83 10.60
CA ASN B 692 21.12 28.33 11.78
C ASN B 692 20.71 29.07 13.05
N LEU B 693 20.55 30.39 12.90
CA LEU B 693 20.20 31.38 13.91
C LEU B 693 18.97 31.00 14.73
N VAL B 694 18.05 30.24 14.14
CA VAL B 694 16.82 29.89 14.86
C VAL B 694 16.92 28.41 15.16
N ARG B 695 16.26 27.98 16.23
CA ARG B 695 16.33 26.58 16.61
C ARG B 695 15.02 25.98 17.08
N TRP B 696 14.88 24.69 16.83
CA TRP B 696 13.73 23.93 17.27
C TRP B 696 13.77 23.75 18.79
N LYS B 697 12.61 23.68 19.41
CA LYS B 697 12.63 23.42 20.85
C LYS B 697 12.57 21.93 21.09
N ASP B 698 11.91 21.22 20.17
CA ASP B 698 11.79 19.78 20.16
C ASP B 698 12.64 19.21 19.03
N LYS B 699 13.54 18.28 19.35
CA LYS B 699 14.42 17.71 18.33
C LYS B 699 13.61 16.93 17.31
N PRO B 700 13.78 17.16 16.01
CA PRO B 700 13.00 16.43 15.01
C PRO B 700 13.41 14.96 14.94
N VAL B 701 12.42 14.08 14.95
CA VAL B 701 12.62 12.64 14.81
C VAL B 701 11.49 12.07 13.98
N ALA B 702 11.78 10.97 13.31
CA ALA B 702 10.82 10.23 12.52
C ALA B 702 9.67 9.73 13.38
N LEU B 703 8.51 9.52 12.75
CA LEU B 703 7.34 8.98 13.45
C LEU B 703 7.68 7.62 14.01
N SER B 704 6.98 7.22 15.08
CA SER B 704 7.29 5.93 15.67
C SER B 704 6.75 4.78 14.83
N ILE B 705 7.14 3.56 15.24
CA ILE B 705 6.71 2.35 14.55
C ILE B 705 5.20 2.17 14.65
N VAL B 706 4.67 2.27 15.88
CA VAL B 706 3.24 2.18 16.12
C VAL B 706 2.52 3.37 15.51
N GLN B 707 3.07 4.58 15.72
CA GLN B 707 2.54 5.83 15.17
C GLN B 707 2.28 5.76 13.67
N ALA B 708 3.26 5.28 12.91
CA ALA B 708 3.16 5.18 11.46
C ALA B 708 2.05 4.27 11.00
N ARG B 709 1.85 3.15 11.70
CA ARG B 709 0.76 2.24 11.39
C ARG B 709 -0.56 2.96 11.56
N LEU B 710 -0.70 3.68 12.69
CA LEU B 710 -1.89 4.46 12.98
C LEU B 710 -2.08 5.59 11.98
N VAL B 711 -1.01 6.34 11.68
CA VAL B 711 -1.11 7.46 10.75
C VAL B 711 -1.41 6.98 9.34
N GLY B 712 -0.74 5.89 8.92
CA GLY B 712 -1.02 5.30 7.62
C GLY B 712 -2.45 4.81 7.50
N LEU B 713 -2.89 4.01 8.49
CA LEU B 713 -4.26 3.49 8.51
C LEU B 713 -5.30 4.61 8.56
N ALA B 714 -5.02 5.68 9.31
CA ALA B 714 -5.95 6.80 9.41
C ALA B 714 -6.10 7.49 8.07
N HIS B 715 -5.00 7.68 7.35
CA HIS B 715 -5.05 8.28 6.02
C HIS B 715 -5.83 7.36 5.09
N PHE B 716 -5.43 6.07 5.07
CA PHE B 716 -6.07 5.03 4.26
C PHE B 716 -7.58 5.03 4.46
N ALA B 717 -8.02 5.02 5.73
CA ALA B 717 -9.43 4.83 6.04
C ALA B 717 -10.23 6.11 5.86
N VAL B 718 -9.66 7.27 6.18
CA VAL B 718 -10.29 8.54 5.81
C VAL B 718 -10.43 8.61 4.30
N GLY B 719 -9.39 8.22 3.57
CA GLY B 719 -9.43 8.24 2.12
C GLY B 719 -10.42 7.25 1.56
N TYR B 720 -10.48 6.05 2.16
CA TYR B 720 -11.41 4.99 1.75
C TYR B 720 -12.86 5.50 1.77
N ILE B 721 -13.25 6.10 2.89
CA ILE B 721 -14.61 6.61 3.10
C ILE B 721 -14.89 7.87 2.28
N VAL B 722 -13.95 8.82 2.26
CA VAL B 722 -14.16 10.10 1.55
C VAL B 722 -14.28 9.88 0.04
N THR B 723 -13.55 8.90 -0.50
CA THR B 723 -13.64 8.58 -1.92
C THR B 723 -15.01 7.98 -2.25
N TYR B 724 -15.46 7.01 -1.44
CA TYR B 724 -16.74 6.38 -1.69
C TYR B 724 -17.90 7.31 -1.42
N ALA B 725 -17.78 8.20 -0.44
CA ALA B 725 -18.86 9.14 -0.16
C ALA B 725 -19.06 10.09 -1.33
N ALA B 726 -17.97 10.60 -1.90
CA ALA B 726 -18.05 11.49 -3.05
C ALA B 726 -18.72 10.80 -4.24
N PHE B 727 -18.30 9.57 -4.54
CA PHE B 727 -18.87 8.82 -5.66
C PHE B 727 -20.33 8.45 -5.46
N LEU B 728 -20.66 7.84 -4.30
CA LEU B 728 -22.02 7.40 -3.95
C LEU B 728 -23.03 8.53 -4.07
N ILE B 729 -22.73 9.68 -3.49
CA ILE B 729 -23.64 10.81 -3.50
C ILE B 729 -23.79 11.37 -4.90
N ALA B 730 -22.68 11.66 -5.58
CA ALA B 730 -22.74 12.23 -6.93
C ALA B 730 -23.33 11.30 -7.98
N SER B 731 -22.99 10.01 -7.98
CA SER B 731 -23.52 9.08 -8.97
C SER B 731 -25.03 8.92 -8.88
N THR B 732 -25.58 8.86 -7.67
CA THR B 732 -27.02 8.71 -7.50
C THR B 732 -27.76 10.01 -7.73
N ALA B 733 -27.21 11.14 -7.29
CA ALA B 733 -27.85 12.44 -7.48
C ALA B 733 -27.88 12.86 -8.94
N SER B 734 -27.04 12.27 -9.78
CA SER B 734 -26.95 12.67 -11.17
C SER B 734 -28.07 12.10 -12.02
N LYS B 735 -28.51 10.88 -11.74
CA LYS B 735 -29.51 10.20 -12.55
C LYS B 735 -30.81 9.95 -11.80
N PHE B 736 -30.76 9.87 -10.47
CA PHE B 736 -31.89 9.61 -9.58
C PHE B 736 -32.61 8.31 -9.92
N ALA C 2 14.95 6.14 30.20
CA ALA C 2 15.73 5.09 29.55
C ALA C 2 14.97 3.77 29.53
N HIS C 3 15.43 2.84 28.71
CA HIS C 3 14.82 1.52 28.67
C HIS C 3 15.27 0.69 29.86
N THR C 4 14.43 -0.28 30.23
CA THR C 4 14.73 -1.19 31.33
C THR C 4 15.16 -2.53 30.76
N VAL C 5 16.28 -3.05 31.26
CA VAL C 5 16.80 -4.35 30.83
C VAL C 5 16.93 -5.24 32.07
N LYS C 6 16.13 -6.30 32.11
CA LYS C 6 16.09 -7.23 33.23
C LYS C 6 16.72 -8.54 32.80
N ILE C 7 17.40 -9.20 33.73
CA ILE C 7 18.05 -10.49 33.51
C ILE C 7 17.43 -11.49 34.46
N TYR C 8 16.83 -12.53 33.90
CA TYR C 8 16.13 -13.58 34.61
C TYR C 8 17.11 -14.68 35.01
N ASP C 9 16.69 -15.52 35.96
CA ASP C 9 17.55 -16.57 36.50
C ASP C 9 17.76 -17.77 35.59
N THR C 10 17.40 -17.72 34.31
CA THR C 10 17.67 -18.85 33.43
C THR C 10 18.97 -18.67 32.65
N CYS C 11 19.74 -17.64 32.96
CA CYS C 11 21.00 -17.35 32.26
C CYS C 11 22.03 -18.46 32.47
N ILE C 12 22.67 -18.86 31.38
CA ILE C 12 23.69 -19.89 31.41
C ILE C 12 25.09 -19.33 31.24
N GLY C 13 25.28 -18.04 31.48
CA GLY C 13 26.57 -17.36 31.37
C GLY C 13 27.34 -17.56 30.09
N CYS C 14 26.65 -17.60 28.95
CA CYS C 14 27.29 -17.79 27.66
C CYS C 14 28.01 -16.56 27.14
N THR C 15 27.70 -15.37 27.68
CA THR C 15 28.25 -14.05 27.36
C THR C 15 27.84 -13.50 26.00
N GLN C 16 27.02 -14.24 25.23
CA GLN C 16 26.59 -13.80 23.90
C GLN C 16 25.86 -12.47 23.89
N CYS C 17 24.89 -12.26 24.80
CA CYS C 17 24.16 -11.00 24.89
C CYS C 17 25.11 -9.83 25.08
N VAL C 18 25.97 -9.92 26.12
CA VAL C 18 26.98 -8.92 26.46
C VAL C 18 27.82 -8.53 25.24
N ARG C 19 28.20 -9.53 24.43
CA ARG C 19 29.03 -9.28 23.26
C ARG C 19 28.22 -8.86 22.05
N ALA C 20 26.91 -8.70 22.19
CA ALA C 20 26.05 -8.24 21.11
C ALA C 20 25.68 -6.78 21.27
N CYS C 21 25.63 -6.28 22.51
CA CYS C 21 25.26 -4.92 22.83
C CYS C 21 26.16 -3.88 22.17
N PRO C 22 25.61 -2.97 21.35
CA PRO C 22 26.39 -1.95 20.68
C PRO C 22 26.78 -0.73 21.52
N THR C 23 26.28 -0.60 22.74
CA THR C 23 26.59 0.55 23.59
C THR C 23 27.20 0.18 24.94
N ASP C 24 27.57 -1.09 25.15
CA ASP C 24 28.15 -1.62 26.38
C ASP C 24 27.25 -1.35 27.59
N VAL C 25 26.06 -1.94 27.54
CA VAL C 25 25.11 -1.83 28.64
C VAL C 25 25.24 -3.01 29.60
N LEU C 26 25.75 -4.14 29.10
CA LEU C 26 25.77 -5.36 29.89
C LEU C 26 27.18 -5.84 30.19
N GLU C 27 27.29 -6.59 31.29
CA GLU C 27 28.54 -7.21 31.73
C GLU C 27 28.23 -8.47 32.52
N MET C 28 29.20 -9.38 32.57
CA MET C 28 29.10 -10.61 33.35
C MET C 28 29.55 -10.34 34.77
N VAL C 29 28.80 -10.84 35.76
CA VAL C 29 29.20 -10.66 37.15
C VAL C 29 29.16 -11.99 37.89
N PRO C 30 29.99 -12.17 38.94
CA PRO C 30 29.97 -13.42 39.71
C PRO C 30 28.61 -13.79 40.30
N TRP C 31 28.22 -15.04 40.13
CA TRP C 31 26.96 -15.54 40.67
C TRP C 31 27.23 -16.12 42.05
N ASP C 32 26.28 -15.93 42.97
CA ASP C 32 26.50 -16.46 44.29
C ASP C 32 25.75 -17.78 44.50
N GLY C 33 24.97 -18.22 43.51
CA GLY C 33 24.24 -19.47 43.67
C GLY C 33 25.09 -20.72 43.60
N CYS C 34 26.34 -20.59 43.15
CA CYS C 34 27.29 -21.68 42.99
C CYS C 34 28.72 -21.25 43.24
N ARG C 35 28.96 -19.93 43.22
CA ARG C 35 30.25 -19.23 43.11
C ARG C 35 31.15 -19.78 41.98
N ALA C 36 30.55 -20.34 40.93
CA ALA C 36 31.29 -20.90 39.80
C ALA C 36 30.88 -20.28 38.48
N ASN C 37 29.59 -20.04 38.26
CA ASN C 37 29.13 -19.54 36.98
C ASN C 37 28.86 -18.03 37.04
N GLN C 38 28.35 -17.50 35.93
CA GLN C 38 28.19 -16.08 35.69
C GLN C 38 26.79 -15.77 35.18
N ILE C 39 26.29 -14.59 35.53
CA ILE C 39 24.98 -14.16 35.07
C ILE C 39 25.15 -12.79 34.42
N ALA C 40 24.25 -12.47 33.49
CA ALA C 40 24.32 -11.17 32.83
C ALA C 40 23.72 -10.10 33.75
N SER C 41 24.16 -8.86 33.55
CA SER C 41 23.70 -7.76 34.37
C SER C 41 23.54 -6.55 33.47
N ALA C 42 22.78 -5.56 33.95
CA ALA C 42 22.57 -4.33 33.19
C ALA C 42 22.84 -3.11 34.08
N PRO C 43 24.12 -2.78 34.33
CA PRO C 43 24.43 -1.64 35.17
C PRO C 43 24.36 -0.28 34.49
N ARG C 44 24.35 -0.21 33.16
CA ARG C 44 24.33 1.05 32.43
C ARG C 44 23.11 1.15 31.53
N THR C 45 21.91 0.95 32.08
CA THR C 45 20.70 0.97 31.27
C THR C 45 20.39 2.37 30.72
N GLU C 46 20.98 3.42 31.28
CA GLU C 46 20.78 4.78 30.77
C GLU C 46 21.38 4.98 29.38
N ASP C 47 22.21 4.06 28.91
CA ASP C 47 22.80 4.11 27.59
C ASP C 47 22.14 3.12 26.62
N CYS C 48 21.16 2.37 27.10
CA CYS C 48 20.48 1.37 26.28
C CYS C 48 19.65 2.06 25.21
N VAL C 49 19.91 1.70 23.95
CA VAL C 49 19.16 2.25 22.84
C VAL C 49 17.95 1.40 22.51
N GLY C 50 17.85 0.20 23.06
CA GLY C 50 16.72 -0.68 22.80
C GLY C 50 16.78 -1.46 21.51
N CYS C 51 17.97 -1.64 20.92
CA CYS C 51 18.14 -2.37 19.67
C CYS C 51 17.71 -3.83 19.76
N LYS C 52 17.75 -4.42 20.97
CA LYS C 52 17.39 -5.81 21.26
C LYS C 52 18.37 -6.82 20.66
N ARG C 53 19.58 -6.38 20.31
CA ARG C 53 20.61 -7.31 19.83
C ARG C 53 20.98 -8.35 20.87
N CYS C 54 20.89 -8.01 22.16
CA CYS C 54 21.20 -8.90 23.27
C CYS C 54 20.32 -10.15 23.25
N GLU C 55 19.00 -9.97 23.34
CA GLU C 55 18.02 -11.06 23.28
C GLU C 55 18.19 -11.95 22.07
N SER C 56 18.49 -11.37 20.90
CA SER C 56 18.69 -12.14 19.67
C SER C 56 19.93 -13.03 19.74
N ALA C 57 20.82 -12.78 20.68
CA ALA C 57 22.01 -13.59 20.94
C ALA C 57 21.81 -14.62 22.04
N CYS C 58 20.76 -14.49 22.86
CA CYS C 58 20.53 -15.42 23.96
C CYS C 58 20.13 -16.79 23.42
N PRO C 59 20.85 -17.86 23.79
CA PRO C 59 20.55 -19.21 23.28
C PRO C 59 19.38 -19.93 23.92
N THR C 60 19.03 -19.62 25.18
CA THR C 60 18.00 -20.28 25.95
C THR C 60 16.63 -20.16 25.27
N ASP C 61 15.86 -21.24 25.34
CA ASP C 61 14.54 -21.26 24.74
C ASP C 61 13.60 -20.42 25.57
N PHE C 62 13.42 -19.20 25.08
CA PHE C 62 12.72 -18.04 25.60
C PHE C 62 13.64 -17.39 26.62
N LEU C 63 14.08 -16.21 26.22
CA LEU C 63 15.00 -15.24 26.79
C LEU C 63 15.24 -15.23 28.29
N SER C 64 16.51 -15.00 28.65
CA SER C 64 16.91 -14.85 30.03
C SER C 64 17.14 -13.38 30.32
N ILE C 65 17.39 -12.59 29.29
CA ILE C 65 17.54 -11.15 29.35
C ILE C 65 16.38 -10.56 28.56
N ARG C 66 15.67 -9.59 29.14
CA ARG C 66 14.52 -9.04 28.46
C ARG C 66 14.58 -7.51 28.49
N VAL C 67 14.33 -6.90 27.33
CA VAL C 67 14.35 -5.45 27.18
C VAL C 67 12.93 -4.95 26.96
N TYR C 68 12.43 -4.19 27.92
CA TYR C 68 11.10 -3.59 27.87
C TYR C 68 11.29 -2.11 27.57
N LEU C 69 10.96 -1.70 26.35
CA LEU C 69 11.09 -0.30 25.93
C LEU C 69 10.26 0.60 26.84
N GLY C 70 10.87 1.67 27.32
CA GLY C 70 10.24 2.63 28.21
C GLY C 70 10.44 4.04 27.71
N ALA C 71 10.47 4.99 28.67
CA ALA C 71 10.65 6.41 28.39
C ALA C 71 11.86 6.68 27.50
N GLU C 72 11.65 7.46 26.45
CA GLU C 72 12.70 7.78 25.49
C GLU C 72 13.42 9.05 25.92
N THR C 73 14.71 9.11 25.65
CA THR C 73 15.63 10.19 25.98
C THR C 73 16.55 10.36 24.79
N THR C 74 17.38 11.41 24.80
CA THR C 74 18.38 11.64 23.75
C THR C 74 19.26 10.42 23.52
N ARG C 75 19.73 9.79 24.60
CA ARG C 75 20.57 8.60 24.51
C ARG C 75 19.78 7.42 23.93
N SER C 76 18.57 7.17 24.46
CA SER C 76 17.73 6.08 24.01
C SER C 76 17.22 6.24 22.57
N MET C 77 17.04 7.47 22.09
CA MET C 77 16.57 7.65 20.72
C MET C 77 17.70 7.53 19.70
N GLY C 78 18.92 7.38 20.17
CA GLY C 78 20.09 7.22 19.32
C GLY C 78 20.41 8.42 18.46
N LEU C 79 20.15 9.62 18.98
CA LEU C 79 20.39 10.85 18.24
C LEU C 79 21.84 11.27 18.36
N GLY C 80 22.43 11.68 17.25
CA GLY C 80 23.65 12.45 17.27
C GLY C 80 23.40 13.94 17.40
N TYR C 81 22.13 14.34 17.55
CA TYR C 81 21.76 15.74 17.66
C TYR C 81 20.83 15.98 18.85
N THR D 78 43.11 9.82 32.91
CA THR D 78 42.06 10.75 32.51
C THR D 78 41.88 10.76 30.99
N LEU D 79 41.40 11.88 30.46
CA LEU D 79 41.09 11.95 29.03
C LEU D 79 42.34 12.21 28.20
N ASN D 80 43.37 12.82 28.81
CA ASN D 80 44.59 13.30 28.14
C ASN D 80 44.25 14.27 27.00
N LEU D 81 43.28 15.16 27.22
CA LEU D 81 43.00 16.23 26.30
C LEU D 81 43.94 17.40 26.58
N ASN D 82 44.65 17.91 25.56
CA ASN D 82 44.49 17.50 24.15
C ASN D 82 45.44 16.39 23.73
N ALA D 83 45.00 15.63 22.72
CA ALA D 83 45.74 14.57 22.07
C ALA D 83 45.59 14.76 20.57
N PRO D 84 46.54 14.30 19.76
CA PRO D 84 46.46 14.56 18.31
C PRO D 84 45.31 13.81 17.63
N THR D 85 44.39 14.58 17.07
CA THR D 85 43.37 14.04 16.19
C THR D 85 44.04 13.47 14.95
N PRO D 86 43.58 12.31 14.44
CA PRO D 86 44.17 11.72 13.24
C PRO D 86 44.06 12.61 12.01
N ILE D 87 44.90 12.30 11.01
CA ILE D 87 45.03 13.15 9.84
C ILE D 87 43.84 12.89 8.92
N PHE D 88 42.75 13.63 9.13
CA PHE D 88 41.50 13.29 8.47
C PHE D 88 40.99 14.36 7.53
N GLY D 89 40.67 15.55 8.02
CA GLY D 89 40.08 16.61 7.22
C GLY D 89 38.80 16.30 6.46
N GLY D 90 37.66 16.14 7.16
CA GLY D 90 36.42 15.86 6.46
C GLY D 90 35.17 15.68 7.31
N SER D 91 34.23 14.86 6.83
CA SER D 91 33.00 14.47 7.53
C SER D 91 32.07 15.61 7.93
N THR D 92 31.31 16.11 6.98
CA THR D 92 30.02 16.76 7.26
C THR D 92 29.20 16.05 8.33
N GLY D 93 29.13 14.72 8.26
CA GLY D 93 28.39 13.94 9.23
C GLY D 93 29.07 13.70 10.56
N GLY D 94 29.49 14.77 11.25
CA GLY D 94 30.12 14.58 12.55
C GLY D 94 30.10 15.76 13.49
N LEU D 95 29.62 15.51 14.72
CA LEU D 95 29.82 16.35 15.90
C LEU D 95 29.24 17.76 15.74
N LEU D 96 27.92 17.82 15.62
CA LEU D 96 27.20 19.08 15.45
C LEU D 96 26.78 19.63 16.82
N ARG D 97 25.84 20.59 16.84
CA ARG D 97 25.49 21.46 17.97
C ARG D 97 25.11 20.73 19.25
N LYS D 98 24.77 19.44 19.19
CA LYS D 98 24.58 18.68 20.43
C LYS D 98 25.85 18.63 21.26
N ALA D 99 27.01 18.56 20.61
CA ALA D 99 28.30 18.44 21.29
C ALA D 99 28.62 19.65 22.16
N GLU D 100 28.27 20.85 21.69
CA GLU D 100 28.60 22.05 22.43
C GLU D 100 27.58 22.39 23.52
N VAL D 101 26.39 21.78 23.50
CA VAL D 101 25.43 22.05 24.55
C VAL D 101 25.39 20.94 25.60
N GLU D 102 25.51 19.66 25.20
CA GLU D 102 25.43 18.55 26.14
C GLU D 102 25.96 17.26 25.53
N GLU D 103 26.90 16.62 26.24
CA GLU D 103 27.16 15.18 26.13
C GLU D 103 27.65 14.75 24.75
N PHE D 104 28.89 15.11 24.45
CA PHE D 104 29.60 14.41 23.38
C PHE D 104 30.64 13.47 23.99
N TYR D 105 31.24 12.65 23.13
CA TYR D 105 32.03 11.50 23.55
C TYR D 105 33.40 11.55 22.89
N SER D 106 34.34 10.83 23.50
CA SER D 106 35.70 10.76 22.99
C SER D 106 36.24 9.35 23.19
N ILE D 107 36.97 8.85 22.21
CA ILE D 107 37.59 7.53 22.28
C ILE D 107 39.09 7.69 22.08
N THR D 108 39.87 7.08 22.97
CA THR D 108 41.32 7.24 22.98
C THR D 108 41.98 5.87 22.89
N TRP D 109 42.78 5.66 21.85
CA TRP D 109 43.49 4.41 21.67
C TRP D 109 44.90 4.70 21.18
N THR D 110 45.73 3.66 21.18
CA THR D 110 47.07 3.71 20.62
C THR D 110 47.12 2.81 19.41
N GLY D 111 47.36 3.39 18.24
CA GLY D 111 47.50 2.64 17.01
C GLY D 111 48.97 2.36 16.75
N LYS D 112 49.32 1.07 16.73
CA LYS D 112 50.73 0.70 16.57
C LYS D 112 51.09 0.48 15.11
N SER D 113 50.69 1.43 14.26
CA SER D 113 50.93 1.49 12.82
C SER D 113 50.37 2.81 12.31
N GLU D 114 50.52 3.05 11.02
CA GLU D 114 50.00 4.24 10.36
C GLU D 114 48.94 3.89 9.33
N THR D 115 48.04 2.98 9.68
CA THR D 115 47.06 2.44 8.74
C THR D 115 45.82 3.30 8.63
N VAL D 116 45.09 3.11 7.53
CA VAL D 116 43.82 3.79 7.31
C VAL D 116 42.69 2.97 7.90
N PHE D 117 41.72 3.64 8.50
CA PHE D 117 40.60 2.95 9.13
C PHE D 117 39.32 3.73 8.88
N GLU D 118 38.22 3.01 8.70
CA GLU D 118 36.91 3.63 8.54
C GLU D 118 36.47 4.31 9.83
N LEU D 119 35.75 5.41 9.68
CA LEU D 119 35.12 6.10 10.79
C LEU D 119 33.66 5.72 10.89
N PRO D 120 32.99 6.03 12.01
CA PRO D 120 31.53 5.93 12.01
C PRO D 120 30.85 7.00 11.17
N THR D 121 31.55 8.10 10.86
CA THR D 121 30.98 9.19 10.07
C THR D 121 31.07 8.92 8.57
N GLY D 122 32.30 8.82 8.05
CA GLY D 122 32.58 8.44 6.68
C GLY D 122 33.70 7.42 6.75
N GLY D 123 34.48 7.19 5.69
CA GLY D 123 35.63 6.33 5.95
C GLY D 123 36.99 6.70 5.42
N ALA D 124 37.85 7.16 6.34
CA ALA D 124 39.31 7.16 6.44
C ALA D 124 39.61 7.97 7.69
N ALA D 125 40.77 7.75 8.31
CA ALA D 125 41.52 8.96 8.65
C ALA D 125 43.00 8.83 8.32
N ILE D 126 43.75 8.28 9.29
CA ILE D 126 44.95 7.42 9.29
C ILE D 126 45.20 7.30 10.79
N MET D 127 45.53 6.12 11.31
CA MET D 127 45.81 6.07 12.74
C MET D 127 47.23 6.55 13.02
N ARG D 128 47.36 7.45 14.00
CA ARG D 128 48.66 7.94 14.40
C ARG D 128 49.42 6.87 15.19
N ALA D 129 50.69 7.14 15.47
CA ALA D 129 51.42 6.35 16.44
C ALA D 129 50.77 6.52 17.81
N GLY D 130 50.86 7.74 18.35
CA GLY D 130 50.05 8.24 19.45
C GLY D 130 49.92 7.43 20.73
N GLU D 131 48.94 7.67 21.62
CA GLU D 131 48.04 8.85 21.79
C GLU D 131 47.14 9.34 20.64
N ASN D 132 46.19 8.50 20.21
CA ASN D 132 45.19 8.89 19.23
C ASN D 132 43.89 9.22 19.97
N LEU D 133 43.13 10.18 19.43
CA LEU D 133 41.90 10.63 20.06
C LEU D 133 40.92 11.08 18.99
N LEU D 134 39.65 10.73 19.19
CA LEU D 134 38.61 11.10 18.23
C LEU D 134 37.35 11.46 18.98
N ARG D 135 36.82 12.64 18.70
CA ARG D 135 35.58 13.10 19.32
C ARG D 135 34.39 12.68 18.47
N LEU D 136 33.50 11.87 19.05
CA LEU D 136 32.35 11.35 18.34
C LEU D 136 31.07 11.86 19.00
N ALA D 137 29.94 11.60 18.34
CA ALA D 137 28.67 12.17 18.77
C ALA D 137 27.95 11.29 19.79
N ARG D 138 27.98 9.97 19.61
CA ARG D 138 27.25 9.05 20.45
C ARG D 138 28.17 7.99 21.04
N LYS D 139 27.74 7.39 22.15
CA LYS D 139 28.45 6.25 22.74
C LYS D 139 28.37 5.04 21.84
N GLU D 140 27.29 4.95 21.06
CA GLU D 140 27.14 3.92 20.03
C GLU D 140 28.27 3.94 19.03
N GLN D 141 28.66 5.12 18.54
CA GLN D 141 29.71 5.23 17.54
C GLN D 141 31.10 4.93 18.10
N CYS D 142 31.31 5.09 19.41
CA CYS D 142 32.62 4.82 19.99
C CYS D 142 32.85 3.33 20.17
N ILE D 143 31.80 2.58 20.51
CA ILE D 143 31.90 1.13 20.57
C ILE D 143 31.91 0.53 19.17
N ALA D 144 31.20 1.14 18.22
CA ALA D 144 31.22 0.65 16.84
C ALA D 144 32.56 0.91 16.18
N LEU D 145 33.25 1.97 16.59
CA LEU D 145 34.63 2.16 16.17
C LEU D 145 35.58 1.31 17.00
N GLY D 146 35.29 1.17 18.30
CA GLY D 146 36.12 0.34 19.17
C GLY D 146 36.06 -1.14 18.84
N ALA D 147 34.96 -1.61 18.25
CA ALA D 147 34.91 -2.97 17.74
C ALA D 147 35.75 -3.14 16.49
N GLN D 148 35.95 -2.06 15.74
CA GLN D 148 36.74 -2.14 14.51
C GLN D 148 38.24 -2.20 14.81
N LEU D 149 38.69 -1.48 15.83
CA LEU D 149 40.10 -1.51 16.21
C LEU D 149 40.53 -2.84 16.80
N LYS D 150 39.61 -3.56 17.44
CA LYS D 150 39.92 -4.88 17.96
C LYS D 150 39.78 -5.96 16.90
N ASP D 151 38.94 -5.74 15.89
CA ASP D 151 38.77 -6.74 14.85
C ASP D 151 39.87 -6.65 13.80
N LYS D 152 39.98 -5.50 13.13
CA LYS D 152 40.86 -5.39 11.98
C LYS D 152 42.32 -5.18 12.37
N PHE D 153 42.58 -4.40 13.42
CA PHE D 153 43.93 -4.00 13.76
C PHE D 153 44.44 -4.58 15.06
N LYS D 154 43.60 -5.31 15.80
CA LYS D 154 43.92 -6.06 17.02
C LYS D 154 44.45 -5.17 18.15
N ILE D 155 44.11 -3.89 18.15
CA ILE D 155 44.47 -2.99 19.23
C ILE D 155 43.26 -2.84 20.16
N THR D 156 43.30 -3.52 21.29
CA THR D 156 42.19 -3.61 22.22
C THR D 156 42.30 -2.63 23.37
N ASP D 157 43.19 -1.63 23.27
CA ASP D 157 43.40 -0.67 24.34
C ASP D 157 42.63 0.62 24.13
N TYR D 158 41.48 0.56 23.45
CA TYR D 158 40.68 1.76 23.25
C TYR D 158 39.94 2.12 24.54
N LYS D 159 39.76 3.41 24.75
CA LYS D 159 39.32 3.95 26.04
C LYS D 159 38.31 5.04 25.74
N ILE D 160 37.02 4.73 25.83
CA ILE D 160 36.01 5.73 25.53
C ILE D 160 35.74 6.56 26.79
N TYR D 161 35.29 7.79 26.57
CA TYR D 161 35.08 8.75 27.64
C TYR D 161 33.84 9.58 27.35
N ARG D 162 33.44 10.35 28.36
CA ARG D 162 32.43 11.38 28.21
C ARG D 162 32.83 12.57 29.07
N VAL D 163 32.72 13.75 28.47
CA VAL D 163 33.47 14.95 28.82
C VAL D 163 33.00 15.66 30.09
N TYR D 164 33.69 16.75 30.44
CA TYR D 164 33.60 17.61 31.61
C TYR D 164 32.89 18.88 31.12
N PRO D 165 32.79 19.99 31.90
CA PRO D 165 31.48 20.53 32.35
C PRO D 165 30.27 20.32 31.45
N SER D 166 30.38 20.51 30.13
CA SER D 166 29.24 20.29 29.25
C SER D 166 28.94 18.80 29.00
N GLY D 167 29.67 17.88 29.63
CA GLY D 167 29.36 16.45 29.56
C GLY D 167 29.06 15.87 30.92
N GLU D 168 29.00 14.53 31.03
CA GLU D 168 28.43 13.93 32.23
C GLU D 168 29.42 13.10 33.06
N VAL D 169 29.99 12.02 32.52
CA VAL D 169 30.65 11.00 33.34
C VAL D 169 31.93 10.54 32.65
N GLN D 170 33.06 10.69 33.32
CA GLN D 170 34.32 10.22 32.77
C GLN D 170 34.41 8.69 32.80
N PHE D 171 35.20 8.15 31.85
CA PHE D 171 35.65 6.75 31.80
C PHE D 171 34.49 5.76 31.73
N LEU D 172 33.80 5.80 30.59
CA LEU D 172 32.65 4.92 30.37
C LEU D 172 33.05 3.46 30.18
N HIS D 173 34.12 3.17 29.44
CA HIS D 173 34.48 1.79 29.16
C HIS D 173 35.98 1.65 29.06
N PRO D 174 36.59 0.60 29.64
CA PRO D 174 35.97 -0.42 30.50
C PRO D 174 35.75 0.07 31.94
N LYS D 175 34.53 -0.08 32.44
CA LYS D 175 34.14 0.51 33.72
C LYS D 175 34.89 -0.10 34.89
N ASP D 176 35.26 -1.38 34.81
CA ASP D 176 35.96 -2.06 35.88
C ASP D 176 37.41 -2.32 35.48
N GLY D 177 37.85 -1.74 34.37
CA GLY D 177 39.16 -2.01 33.81
C GLY D 177 39.26 -3.29 33.02
N VAL D 178 38.24 -4.15 33.08
CA VAL D 178 38.21 -5.43 32.37
C VAL D 178 37.01 -5.36 31.43
N PHE D 179 37.20 -5.93 30.23
CA PHE D 179 36.17 -5.95 29.20
C PHE D 179 34.91 -6.67 29.70
N PRO D 180 33.72 -6.16 29.32
CA PRO D 180 32.48 -6.63 29.96
C PRO D 180 32.09 -8.06 29.63
N GLU D 181 32.65 -8.65 28.57
CA GLU D 181 32.42 -10.05 28.29
C GLU D 181 33.16 -10.96 29.26
N LYS D 182 34.22 -10.47 29.88
CA LYS D 182 34.95 -11.23 30.88
C LYS D 182 34.35 -10.98 32.25
N VAL D 183 34.29 -12.03 33.06
CA VAL D 183 33.83 -11.89 34.44
C VAL D 183 34.94 -11.23 35.26
N ASN D 184 34.53 -10.40 36.21
CA ASN D 184 35.44 -9.74 37.13
C ASN D 184 34.83 -9.72 38.52
N PRO D 185 35.50 -10.24 39.53
CA PRO D 185 34.99 -10.13 40.90
C PRO D 185 35.04 -8.70 41.40
N GLY D 186 33.99 -8.30 42.12
CA GLY D 186 33.81 -6.94 42.56
C GLY D 186 32.67 -6.21 41.89
N ARG D 187 32.15 -6.75 40.80
CA ARG D 187 30.98 -6.18 40.16
C ARG D 187 29.71 -6.68 40.86
N VAL D 188 28.63 -5.90 40.73
CA VAL D 188 27.36 -6.22 41.36
C VAL D 188 26.32 -6.47 40.27
N ALA D 189 25.39 -7.37 40.56
CA ALA D 189 24.34 -7.72 39.61
C ALA D 189 23.25 -6.66 39.64
N VAL D 190 23.22 -5.80 38.62
CA VAL D 190 22.23 -4.74 38.50
C VAL D 190 21.19 -5.17 37.49
N GLY D 191 19.91 -5.10 37.87
CA GLY D 191 18.84 -5.46 36.97
C GLY D 191 18.54 -6.94 36.90
N SER D 192 18.82 -7.68 37.96
CA SER D 192 18.57 -9.11 37.99
C SER D 192 17.16 -9.42 38.49
N ASN D 193 16.59 -10.49 37.97
CA ASN D 193 15.28 -10.97 38.39
C ASN D 193 15.41 -12.40 38.86
N LYS D 194 14.89 -12.68 40.05
CA LYS D 194 15.04 -14.00 40.68
C LYS D 194 13.90 -14.94 40.32
N ARG D 195 13.62 -15.06 39.02
CA ARG D 195 12.53 -15.88 38.51
C ARG D 195 12.72 -16.05 37.01
N ARG D 196 11.78 -16.75 36.38
CA ARG D 196 11.67 -16.78 34.93
C ARG D 196 10.68 -15.71 34.50
N ILE D 197 10.34 -15.68 33.21
CA ILE D 197 9.37 -14.71 32.74
C ILE D 197 7.95 -15.25 32.80
N GLY D 198 7.79 -16.58 32.76
CA GLY D 198 6.49 -17.17 33.01
C GLY D 198 6.02 -17.05 34.44
N GLN D 199 6.94 -16.84 35.39
CA GLN D 199 6.60 -16.60 36.79
C GLN D 199 6.30 -15.13 37.07
N ASN D 200 6.32 -14.27 36.04
CA ASN D 200 5.99 -12.87 36.23
C ASN D 200 4.48 -12.73 36.45
N PRO D 201 4.06 -11.86 37.36
CA PRO D 201 2.63 -11.77 37.68
C PRO D 201 1.82 -11.11 36.56
N ASP D 202 0.50 -11.21 36.69
CA ASP D 202 -0.40 -10.60 35.73
C ASP D 202 -0.37 -9.08 35.87
N PRO D 203 -0.62 -8.35 34.78
CA PRO D 203 -0.76 -6.90 34.90
C PRO D 203 -2.04 -6.47 35.62
N ALA D 204 -3.05 -7.34 35.69
CA ALA D 204 -4.23 -7.04 36.47
C ALA D 204 -3.95 -7.16 37.97
N LYS D 205 -2.98 -7.99 38.35
CA LYS D 205 -2.60 -8.10 39.75
C LYS D 205 -1.86 -6.85 40.21
N LEU D 206 -1.15 -6.18 39.31
CA LEU D 206 -0.43 -4.96 39.61
C LEU D 206 -1.11 -3.72 39.02
N LYS D 207 -2.44 -3.72 38.93
CA LYS D 207 -3.17 -2.56 38.46
C LYS D 207 -3.34 -1.55 39.57
N PHE D 208 -3.30 -0.26 39.21
CA PHE D 208 -3.45 0.89 40.11
C PHE D 208 -2.42 0.87 41.25
N LYS D 209 -1.20 0.43 40.94
CA LYS D 209 -0.12 0.38 41.91
C LYS D 209 1.15 0.95 41.29
N GLY D 210 2.09 1.32 42.16
CA GLY D 210 3.39 1.78 41.73
C GLY D 210 4.36 0.70 41.34
N GLN D 211 4.01 -0.56 41.56
CA GLN D 211 4.87 -1.67 41.18
C GLN D 211 4.80 -1.92 39.68
N GLU D 212 5.89 -2.44 39.15
CA GLU D 212 6.00 -2.78 37.74
C GLU D 212 5.94 -4.29 37.56
N THR D 213 5.42 -4.71 36.40
CA THR D 213 5.17 -6.11 36.09
C THR D 213 6.46 -6.92 35.99
N PHE D 214 7.57 -6.30 35.57
CA PHE D 214 8.84 -6.97 35.40
C PHE D 214 9.82 -6.78 36.55
N ASP D 215 9.63 -5.77 37.39
CA ASP D 215 10.60 -5.48 38.43
C ASP D 215 10.38 -6.37 39.63
N SER D 216 11.47 -6.66 40.34
CA SER D 216 11.41 -7.50 41.53
C SER D 216 11.45 -6.65 42.81
N MET E 1 13.20 -39.64 39.48
CA MET E 1 14.56 -39.30 39.07
C MET E 1 14.75 -39.57 37.59
N VAL E 2 15.12 -38.53 36.84
CA VAL E 2 15.31 -38.61 35.41
C VAL E 2 16.80 -38.79 35.12
N GLN E 3 17.13 -39.83 34.37
CA GLN E 3 18.50 -40.10 33.95
C GLN E 3 18.71 -39.51 32.56
N ARG E 4 19.96 -39.60 32.09
CA ARG E 4 20.29 -39.16 30.75
C ARG E 4 19.69 -40.11 29.70
N GLY E 5 19.39 -39.56 28.53
CA GLY E 5 18.83 -40.35 27.45
C GLY E 5 17.37 -40.71 27.58
N SER E 6 16.71 -40.30 28.67
CA SER E 6 15.31 -40.63 28.87
C SER E 6 14.40 -39.63 28.17
N LYS E 7 13.22 -40.10 27.78
CA LYS E 7 12.24 -39.25 27.12
C LYS E 7 11.42 -38.51 28.19
N VAL E 8 11.28 -37.20 28.03
CA VAL E 8 10.53 -36.36 28.95
C VAL E 8 9.46 -35.62 28.18
N ARG E 9 8.58 -34.96 28.93
CA ARG E 9 7.65 -33.99 28.39
C ARG E 9 7.72 -32.74 29.25
N ILE E 10 7.73 -31.58 28.60
CA ILE E 10 8.09 -30.32 29.23
C ILE E 10 6.85 -29.67 29.81
N LEU E 11 6.94 -29.27 31.09
CA LEU E 11 5.86 -28.63 31.81
C LEU E 11 6.02 -27.11 31.87
N ARG E 12 7.15 -26.58 31.40
CA ARG E 12 7.36 -25.14 31.37
C ARG E 12 6.48 -24.51 30.30
N LYS E 13 5.52 -23.69 30.72
CA LYS E 13 4.51 -23.16 29.81
C LYS E 13 5.06 -22.11 28.86
N GLU E 14 6.14 -21.41 29.23
CA GLU E 14 6.71 -20.40 28.36
C GLU E 14 7.69 -20.97 27.34
N SER E 15 7.97 -22.26 27.39
CA SER E 15 8.90 -22.87 26.47
C SER E 15 8.25 -23.08 25.11
N TYR E 16 9.09 -23.25 24.08
CA TYR E 16 8.58 -23.56 22.75
C TYR E 16 8.08 -24.99 22.67
N TRP E 17 8.72 -25.90 23.40
CA TRP E 17 8.38 -27.32 23.40
C TRP E 17 7.55 -27.70 24.61
N TYR E 18 6.65 -26.81 25.03
CA TYR E 18 5.72 -27.12 26.11
C TYR E 18 4.75 -28.20 25.66
N GLN E 19 4.53 -29.19 26.53
CA GLN E 19 3.70 -30.38 26.28
C GLN E 19 4.17 -31.15 25.06
N GLU E 20 5.48 -31.21 24.84
CA GLU E 20 6.07 -31.95 23.74
C GLU E 20 7.18 -32.84 24.26
N ILE E 21 7.55 -33.82 23.44
CA ILE E 21 8.41 -34.92 23.87
C ILE E 21 9.84 -34.62 23.43
N GLY E 22 10.77 -34.68 24.39
CA GLY E 22 12.18 -34.56 24.08
C GLY E 22 12.99 -35.55 24.90
N THR E 23 14.24 -35.73 24.50
CA THR E 23 15.14 -36.65 25.16
C THR E 23 16.26 -35.90 25.85
N VAL E 24 16.67 -36.38 27.03
CA VAL E 24 17.65 -35.68 27.84
C VAL E 24 19.04 -35.90 27.25
N ALA E 25 19.79 -34.81 27.07
CA ALA E 25 21.19 -34.95 26.74
C ALA E 25 22.01 -35.33 27.97
N SER E 26 21.90 -34.56 29.06
CA SER E 26 22.69 -34.82 30.25
C SER E 26 22.02 -34.20 31.47
N ILE E 27 22.47 -34.62 32.64
CA ILE E 27 22.11 -34.01 33.91
C ILE E 27 23.39 -33.53 34.58
N ASP E 28 23.40 -32.25 34.97
CA ASP E 28 24.53 -31.69 35.68
C ASP E 28 24.53 -32.21 37.13
N GLN E 29 25.66 -32.74 37.56
CA GLN E 29 25.77 -33.37 38.88
C GLN E 29 26.27 -32.37 39.93
N SER E 30 25.56 -31.25 40.02
CA SER E 30 25.84 -30.24 41.03
C SER E 30 24.52 -29.57 41.40
N GLY E 31 24.60 -28.51 42.21
CA GLY E 31 23.41 -27.83 42.68
C GLY E 31 23.01 -26.64 41.83
N ILE E 32 23.37 -26.68 40.54
CA ILE E 32 22.99 -25.60 39.63
C ILE E 32 21.52 -25.71 39.32
N LYS E 33 20.82 -24.57 39.40
CA LYS E 33 19.40 -24.56 39.04
C LYS E 33 19.25 -24.74 37.54
N TYR E 34 18.17 -25.43 37.16
CA TYR E 34 17.86 -25.94 35.83
C TYR E 34 19.02 -26.77 35.26
N PRO E 35 19.29 -27.98 35.79
CA PRO E 35 20.42 -28.76 35.26
C PRO E 35 20.05 -29.70 34.13
N VAL E 36 18.77 -29.99 33.95
CA VAL E 36 18.33 -31.00 32.99
C VAL E 36 18.40 -30.42 31.58
N ILE E 37 19.35 -30.91 30.79
CA ILE E 37 19.53 -30.48 29.41
C ILE E 37 18.78 -31.45 28.52
N VAL E 38 17.71 -30.98 27.89
CA VAL E 38 16.90 -31.81 27.00
C VAL E 38 17.19 -31.39 25.57
N ARG E 39 17.36 -32.39 24.69
CA ARG E 39 17.56 -32.14 23.27
C ARG E 39 16.31 -32.57 22.51
N PHE E 40 15.85 -31.71 21.61
CA PHE E 40 14.59 -31.89 20.93
C PHE E 40 14.81 -32.09 19.44
N GLU E 41 13.86 -32.75 18.79
CA GLU E 41 13.96 -32.95 17.35
C GLU E 41 13.45 -31.74 16.59
N LYS E 42 12.58 -30.95 17.21
CA LYS E 42 12.04 -29.73 16.61
C LYS E 42 12.87 -28.54 17.05
N VAL E 43 13.11 -27.62 16.13
CA VAL E 43 13.84 -26.40 16.43
C VAL E 43 12.84 -25.30 16.77
N ASN E 44 13.27 -24.36 17.61
CA ASN E 44 12.44 -23.20 17.94
C ASN E 44 12.73 -22.09 16.93
N TYR E 45 12.28 -20.88 17.24
CA TYR E 45 12.47 -19.75 16.34
C TYR E 45 13.92 -19.29 16.27
N SER E 46 14.71 -19.56 17.31
CA SER E 46 16.13 -19.27 17.28
C SER E 46 16.96 -20.44 16.75
N ASN E 47 16.28 -21.47 16.22
CA ASN E 47 16.88 -22.63 15.56
C ASN E 47 17.83 -23.41 16.47
N VAL E 48 17.55 -23.43 17.77
CA VAL E 48 18.34 -24.20 18.71
C VAL E 48 17.51 -25.40 19.15
N ASN E 49 18.18 -26.52 19.44
CA ASN E 49 17.52 -27.77 19.78
C ASN E 49 17.62 -28.14 21.24
N SER E 50 18.34 -27.36 22.04
CA SER E 50 18.58 -27.72 23.44
C SER E 50 18.11 -26.59 24.35
N ASN E 51 17.81 -26.96 25.59
CA ASN E 51 17.46 -26.02 26.63
C ASN E 51 17.71 -26.67 27.99
N ASN E 52 17.79 -25.84 29.01
CA ASN E 52 17.94 -26.28 30.39
C ASN E 52 16.58 -26.19 31.07
N PHE E 53 16.19 -27.27 31.75
CA PHE E 53 14.98 -27.29 32.55
C PHE E 53 15.31 -27.83 33.94
N SER E 54 14.36 -27.68 34.85
CA SER E 54 14.50 -28.27 36.17
C SER E 54 13.84 -29.64 36.19
N LEU E 55 13.95 -30.34 37.32
CA LEU E 55 13.27 -31.62 37.49
C LEU E 55 11.75 -31.46 37.58
N ASP E 56 11.28 -30.30 38.03
CA ASP E 56 9.84 -30.08 38.17
C ASP E 56 9.17 -29.79 36.83
N GLU E 57 9.96 -29.46 35.81
CA GLU E 57 9.41 -29.18 34.49
C GLU E 57 9.48 -30.37 33.55
N VAL E 58 10.06 -31.50 33.98
CA VAL E 58 10.15 -32.70 33.16
C VAL E 58 9.42 -33.83 33.85
N VAL E 59 8.98 -34.80 33.05
CA VAL E 59 8.30 -36.00 33.53
C VAL E 59 9.02 -37.23 32.98
N GLU E 60 8.46 -38.41 33.21
CA GLU E 60 9.11 -39.67 32.87
C GLU E 60 8.23 -40.50 31.94
N VAL E 61 7.77 -39.88 30.85
CA VAL E 61 7.05 -40.62 29.82
C VAL E 61 8.01 -41.59 29.13
N GLU E 62 7.76 -42.89 29.32
CA GLU E 62 8.65 -43.92 28.84
C GLU E 62 7.91 -45.25 28.68
N ASP F 26 -39.35 -25.51 -12.17
CA ASP F 26 -40.12 -24.46 -11.50
C ASP F 26 -39.98 -24.52 -9.98
N VAL F 27 -38.80 -24.19 -9.48
CA VAL F 27 -38.58 -24.13 -8.04
C VAL F 27 -38.35 -22.71 -7.52
N ALA F 28 -37.95 -21.77 -8.38
CA ALA F 28 -37.79 -20.38 -7.99
C ALA F 28 -38.28 -19.46 -9.09
N GLY F 29 -39.37 -19.86 -9.75
CA GLY F 29 -39.81 -19.14 -10.93
C GLY F 29 -38.99 -19.42 -12.16
N LEU F 30 -38.20 -20.50 -12.17
CA LEU F 30 -37.32 -20.81 -13.28
C LEU F 30 -37.97 -21.82 -14.20
N ILE F 31 -38.24 -21.41 -15.44
CA ILE F 31 -38.70 -22.34 -16.47
C ILE F 31 -37.50 -23.19 -16.85
N PRO F 32 -37.70 -24.45 -17.25
CA PRO F 32 -36.57 -25.23 -17.78
C PRO F 32 -36.03 -24.63 -19.07
N CYS F 33 -34.77 -24.96 -19.37
CA CYS F 33 -34.06 -24.34 -20.48
C CYS F 33 -34.54 -24.85 -21.84
N SER F 34 -35.22 -25.99 -21.89
CA SER F 34 -35.80 -26.44 -23.14
C SER F 34 -37.02 -25.62 -23.53
N GLN F 35 -37.68 -25.01 -22.55
CA GLN F 35 -38.85 -24.17 -22.79
C GLN F 35 -38.56 -22.69 -22.67
N SER F 36 -37.34 -22.32 -22.30
CA SER F 36 -36.98 -20.91 -22.16
C SER F 36 -36.79 -20.28 -23.53
N ASP F 37 -37.57 -19.24 -23.83
CA ASP F 37 -37.43 -18.53 -25.09
C ASP F 37 -36.19 -17.66 -25.13
N ALA F 38 -35.63 -17.31 -23.97
CA ALA F 38 -34.41 -16.50 -23.95
C ALA F 38 -33.18 -17.37 -24.17
N PHE F 39 -33.23 -18.63 -23.76
CA PHE F 39 -32.10 -19.53 -23.95
C PHE F 39 -31.93 -19.91 -25.42
N GLU F 40 -33.04 -19.96 -26.17
CA GLU F 40 -32.96 -20.12 -27.61
C GLU F 40 -32.35 -18.92 -28.31
N ARG F 41 -32.59 -17.71 -27.81
CA ARG F 41 -31.99 -16.52 -28.40
C ARG F 41 -30.54 -16.32 -27.99
N ARG F 42 -30.04 -17.06 -27.00
CA ARG F 42 -28.60 -17.12 -26.79
C ARG F 42 -27.92 -17.98 -27.84
N LEU F 43 -28.66 -18.93 -28.42
CA LEU F 43 -28.13 -19.70 -29.53
C LEU F 43 -28.13 -18.89 -30.82
N LYS F 44 -29.13 -18.03 -31.00
CA LYS F 44 -29.34 -17.40 -32.31
C LYS F 44 -28.31 -16.32 -32.58
N ASN F 45 -27.94 -15.54 -31.56
CA ASN F 45 -26.95 -14.49 -31.77
C ASN F 45 -25.53 -15.02 -31.72
N THR F 46 -25.29 -16.17 -31.10
CA THR F 46 -23.95 -16.75 -31.06
C THR F 46 -23.54 -17.28 -32.43
N THR F 47 -24.42 -18.05 -33.08
CA THR F 47 -24.10 -18.55 -34.41
C THR F 47 -24.23 -17.46 -35.48
N GLN F 48 -24.93 -16.35 -35.18
CA GLN F 48 -24.96 -15.24 -36.11
C GLN F 48 -23.69 -14.40 -36.02
N ARG F 49 -23.05 -14.38 -34.84
CA ARG F 49 -21.78 -13.68 -34.70
C ARG F 49 -20.64 -14.44 -35.35
N LEU F 50 -20.81 -15.74 -35.56
CA LEU F 50 -19.77 -16.55 -36.19
C LEU F 50 -20.03 -16.79 -37.67
N GLU F 51 -21.29 -16.83 -38.09
CA GLU F 51 -21.57 -16.93 -39.53
C GLU F 51 -21.27 -15.62 -40.24
N ASN F 52 -21.41 -14.50 -39.52
CA ASN F 52 -20.88 -13.23 -40.02
C ASN F 52 -19.37 -13.20 -39.95
N ARG F 53 -18.77 -13.96 -39.03
CA ARG F 53 -17.32 -14.10 -38.98
C ARG F 53 -16.82 -15.07 -40.03
N LEU F 54 -17.70 -15.93 -40.55
CA LEU F 54 -17.38 -16.84 -41.64
C LEU F 54 -17.64 -16.24 -43.02
N LYS F 55 -18.31 -15.09 -43.08
CA LYS F 55 -18.70 -14.53 -44.37
C LYS F 55 -17.51 -13.92 -45.11
N LYS F 56 -16.43 -13.60 -44.41
CA LYS F 56 -15.31 -12.94 -45.06
C LYS F 56 -14.24 -13.92 -45.53
N TYR F 57 -14.25 -15.15 -45.03
CA TYR F 57 -13.20 -16.09 -45.36
C TYR F 57 -13.55 -16.91 -46.59
N GLU F 58 -12.53 -17.54 -47.16
CA GLU F 58 -12.75 -18.49 -48.23
C GLU F 58 -13.44 -19.74 -47.68
N PRO F 59 -14.31 -20.38 -48.47
CA PRO F 59 -15.08 -21.52 -47.91
C PRO F 59 -14.25 -22.77 -47.64
N GLY F 60 -13.14 -22.96 -48.33
CA GLY F 60 -12.31 -24.12 -48.11
C GLY F 60 -11.06 -23.90 -47.29
N SER F 61 -10.90 -22.72 -46.69
CA SER F 61 -9.67 -22.37 -46.01
C SER F 61 -9.57 -23.04 -44.64
N ALA F 62 -8.43 -22.84 -44.00
CA ALA F 62 -8.17 -23.32 -42.64
C ALA F 62 -8.90 -22.52 -41.55
N PRO F 63 -9.07 -21.18 -41.64
CA PRO F 63 -10.01 -20.54 -40.71
C PRO F 63 -11.47 -20.81 -41.01
N ALA F 64 -11.80 -21.40 -42.17
CA ALA F 64 -13.19 -21.77 -42.42
C ALA F 64 -13.60 -22.96 -41.57
N GLU F 65 -12.76 -24.01 -41.53
CA GLU F 65 -13.06 -25.17 -40.70
C GLU F 65 -12.82 -24.88 -39.23
N ALA F 66 -12.07 -23.82 -38.91
CA ALA F 66 -11.87 -23.43 -37.52
C ALA F 66 -13.11 -22.78 -36.92
N LEU F 67 -13.92 -22.09 -37.72
CA LEU F 67 -15.15 -21.50 -37.21
C LEU F 67 -16.33 -22.46 -37.32
N GLN F 68 -16.30 -23.36 -38.31
CA GLN F 68 -17.36 -24.36 -38.42
C GLN F 68 -17.27 -25.39 -37.31
N LYS F 69 -16.05 -25.74 -36.88
CA LYS F 69 -15.90 -26.56 -35.69
C LYS F 69 -16.23 -25.76 -34.44
N GLN F 70 -16.09 -24.43 -34.49
CA GLN F 70 -16.48 -23.57 -33.38
C GLN F 70 -17.99 -23.43 -33.29
N ILE F 71 -18.68 -23.35 -34.44
CA ILE F 71 -20.15 -23.26 -34.44
C ILE F 71 -20.75 -24.55 -33.91
N ASP F 72 -20.22 -25.70 -34.33
CA ASP F 72 -20.72 -26.99 -33.89
C ASP F 72 -20.39 -27.28 -32.42
N LYS F 73 -19.43 -26.58 -31.84
CA LYS F 73 -19.22 -26.69 -30.40
C LYS F 73 -20.31 -25.96 -29.63
N THR F 74 -20.87 -24.89 -30.19
CA THR F 74 -22.02 -24.24 -29.56
C THR F 74 -23.27 -25.09 -29.69
N GLN F 75 -23.42 -25.78 -30.82
CA GLN F 75 -24.57 -26.66 -31.00
C GLN F 75 -24.51 -27.88 -30.08
N GLN F 76 -23.31 -28.39 -29.78
CA GLN F 76 -23.17 -29.41 -28.76
C GLN F 76 -23.20 -28.85 -27.36
N ARG F 77 -23.09 -27.52 -27.20
CA ARG F 77 -23.24 -26.89 -25.90
C ARG F 77 -24.70 -26.73 -25.53
N PHE F 78 -25.51 -26.19 -26.44
CA PHE F 78 -26.89 -25.86 -26.13
C PHE F 78 -27.77 -27.09 -26.10
N ASP F 79 -27.59 -28.02 -27.06
CA ASP F 79 -28.37 -29.24 -27.08
C ASP F 79 -28.01 -30.19 -25.95
N LYS F 80 -26.84 -30.00 -25.32
CA LYS F 80 -26.55 -30.70 -24.08
C LYS F 80 -27.30 -30.09 -22.91
N TYR F 81 -27.47 -28.76 -22.91
CA TYR F 81 -28.06 -28.07 -21.77
C TYR F 81 -29.58 -28.12 -21.77
N ARG F 82 -30.21 -28.31 -22.93
CA ARG F 82 -31.66 -28.48 -22.96
C ARG F 82 -32.06 -29.83 -22.39
N ASN F 83 -31.39 -30.91 -22.81
CA ASN F 83 -31.76 -32.26 -22.40
C ASN F 83 -31.31 -32.60 -20.98
N SER F 84 -30.41 -31.81 -20.40
CA SER F 84 -29.90 -32.11 -19.07
C SER F 84 -30.86 -31.77 -17.95
N GLY F 85 -31.92 -31.02 -18.25
CA GLY F 85 -32.86 -30.63 -17.22
C GLY F 85 -32.38 -29.49 -16.35
N LEU F 86 -31.80 -28.45 -16.96
CA LEU F 86 -31.37 -27.28 -16.23
C LEU F 86 -32.45 -26.21 -16.23
N LEU F 87 -32.31 -25.25 -15.33
CA LEU F 87 -33.34 -24.24 -15.08
C LEU F 87 -32.82 -22.88 -15.53
N CYS F 88 -33.51 -22.29 -16.51
CA CYS F 88 -33.12 -21.00 -17.09
C CYS F 88 -34.05 -19.92 -16.57
N GLY F 89 -33.47 -18.78 -16.24
CA GLY F 89 -34.22 -17.65 -15.69
C GLY F 89 -34.64 -16.65 -16.75
N ALA F 90 -34.69 -15.38 -16.35
CA ALA F 90 -35.09 -14.33 -17.27
C ALA F 90 -34.01 -14.03 -18.29
N ASP F 91 -32.75 -14.10 -17.89
CA ASP F 91 -31.65 -13.82 -18.81
C ASP F 91 -31.42 -14.98 -19.78
N GLY F 92 -31.75 -16.19 -19.38
CA GLY F 92 -31.54 -17.35 -20.21
C GLY F 92 -30.29 -18.13 -19.94
N LEU F 93 -29.86 -18.24 -18.69
CA LEU F 93 -28.67 -18.98 -18.33
C LEU F 93 -29.03 -20.13 -17.39
N PRO F 94 -28.29 -21.24 -17.43
CA PRO F 94 -28.59 -22.36 -16.54
C PRO F 94 -28.24 -22.04 -15.08
N HIS F 95 -29.19 -22.29 -14.20
CA HIS F 95 -29.03 -22.06 -12.77
C HIS F 95 -28.96 -23.39 -12.04
N LEU F 96 -28.28 -23.38 -10.89
CA LEU F 96 -28.08 -24.58 -10.10
C LEU F 96 -28.84 -24.44 -8.78
N ILE F 97 -29.50 -25.50 -8.36
CA ILE F 97 -30.40 -25.48 -7.21
C ILE F 97 -29.75 -26.34 -6.13
N THR F 98 -29.15 -25.70 -5.12
CA THR F 98 -28.45 -26.42 -4.07
C THR F 98 -29.21 -26.30 -2.74
N ASP F 99 -30.16 -27.20 -2.58
CA ASP F 99 -30.88 -27.42 -1.32
C ASP F 99 -31.01 -28.91 -1.12
N GLY F 100 -29.93 -29.62 -1.46
CA GLY F 100 -29.95 -30.67 -2.45
C GLY F 100 -31.16 -31.55 -2.58
N ARG F 101 -31.82 -31.45 -3.72
CA ARG F 101 -32.90 -32.34 -4.10
C ARG F 101 -32.34 -33.41 -5.01
N TRP F 102 -33.00 -34.56 -5.05
CA TRP F 102 -32.51 -35.63 -5.90
C TRP F 102 -32.95 -35.50 -7.35
N SER F 103 -33.86 -34.56 -7.66
CA SER F 103 -34.10 -34.19 -9.04
C SER F 103 -33.02 -33.26 -9.57
N HIS F 104 -32.31 -32.56 -8.69
CA HIS F 104 -31.20 -31.70 -9.05
C HIS F 104 -29.92 -32.12 -8.34
N ALA F 105 -29.67 -33.42 -8.28
CA ALA F 105 -28.48 -33.91 -7.57
C ALA F 105 -27.21 -33.74 -8.39
N GLY F 106 -27.31 -33.66 -9.71
CA GLY F 106 -26.12 -33.54 -10.55
C GLY F 106 -25.46 -32.19 -10.54
N GLU F 107 -26.14 -31.16 -10.01
CA GLU F 107 -25.56 -29.83 -9.93
C GLU F 107 -24.46 -29.77 -8.86
N PHE F 108 -24.78 -30.18 -7.64
CA PHE F 108 -23.81 -30.06 -6.56
C PHE F 108 -23.62 -31.35 -5.78
N THR F 109 -24.66 -32.18 -5.68
CA THR F 109 -24.59 -33.33 -4.77
C THR F 109 -23.75 -34.45 -5.35
N ILE F 110 -23.94 -34.78 -6.62
CA ILE F 110 -23.17 -35.83 -7.28
C ILE F 110 -21.72 -35.39 -7.54
N PRO F 111 -21.40 -34.17 -8.02
CA PRO F 111 -19.98 -33.77 -8.03
C PRO F 111 -19.43 -33.46 -6.65
N GLY F 112 -20.29 -33.30 -5.64
CA GLY F 112 -19.78 -33.09 -4.30
C GLY F 112 -19.16 -34.34 -3.72
N LEU F 113 -19.81 -35.50 -3.91
CA LEU F 113 -19.22 -36.75 -3.47
C LEU F 113 -18.03 -37.14 -4.32
N LEU F 114 -18.02 -36.70 -5.58
CA LEU F 114 -16.88 -36.95 -6.47
C LEU F 114 -15.66 -36.14 -6.05
N PHE F 115 -15.86 -34.93 -5.54
CA PHE F 115 -14.74 -34.12 -5.06
C PHE F 115 -14.12 -34.71 -3.81
N LEU F 116 -14.97 -35.08 -2.83
CA LEU F 116 -14.49 -35.38 -1.49
C LEU F 116 -13.65 -36.64 -1.45
N TYR F 117 -13.92 -37.60 -2.34
CA TYR F 117 -13.08 -38.79 -2.43
C TYR F 117 -11.69 -38.45 -2.96
N ILE F 118 -11.64 -37.63 -4.01
CA ILE F 118 -10.34 -37.23 -4.58
C ILE F 118 -9.59 -36.32 -3.62
N ALA F 119 -10.30 -35.43 -2.94
CA ALA F 119 -9.67 -34.54 -1.97
C ALA F 119 -9.23 -35.29 -0.72
N GLY F 120 -10.02 -36.27 -0.29
CA GLY F 120 -9.62 -37.10 0.82
C GLY F 120 -8.52 -38.09 0.47
N PHE F 121 -8.39 -38.43 -0.82
CA PHE F 121 -7.28 -39.27 -1.25
C PHE F 121 -5.97 -38.50 -1.20
N ILE F 122 -5.99 -37.23 -1.60
CA ILE F 122 -4.83 -36.37 -1.46
C ILE F 122 -4.52 -36.11 0.01
N GLY F 123 -5.56 -36.02 0.84
CA GLY F 123 -5.34 -35.72 2.25
C GLY F 123 -4.78 -36.89 3.03
N TRP F 124 -5.38 -38.07 2.87
CA TRP F 124 -4.94 -39.22 3.63
C TRP F 124 -3.61 -39.79 3.13
N SER F 125 -3.22 -39.48 1.89
CA SER F 125 -1.92 -39.91 1.41
C SER F 125 -0.80 -39.12 2.06
N GLY F 126 -0.87 -37.79 2.00
CA GLY F 126 0.15 -36.94 2.59
C GLY F 126 0.20 -36.98 4.10
N ARG F 127 -0.93 -37.31 4.74
CA ARG F 127 -0.92 -37.49 6.19
C ARG F 127 -0.25 -38.79 6.57
N SER F 128 -0.53 -39.87 5.83
CA SER F 128 0.12 -41.14 6.10
C SER F 128 1.56 -41.15 5.64
N TYR F 129 1.90 -40.33 4.64
CA TYR F 129 3.29 -40.21 4.21
C TYR F 129 4.14 -39.56 5.29
N LEU F 130 3.62 -38.50 5.93
CA LEU F 130 4.38 -37.81 6.96
C LEU F 130 4.50 -38.61 8.24
N GLN F 131 3.52 -39.49 8.52
CA GLN F 131 3.65 -40.38 9.67
C GLN F 131 4.66 -41.48 9.42
N ALA F 132 4.79 -41.94 8.19
CA ALA F 132 5.79 -42.95 7.86
C ALA F 132 7.19 -42.34 7.82
N VAL F 133 7.28 -41.08 7.38
CA VAL F 133 8.57 -40.41 7.26
C VAL F 133 9.13 -40.01 8.63
N ALA F 134 8.27 -39.60 9.56
CA ALA F 134 8.73 -39.02 10.83
C ALA F 134 9.38 -40.05 11.74
N ALA F 135 9.05 -41.33 11.58
CA ALA F 135 9.70 -42.39 12.36
C ALA F 135 10.85 -43.00 11.57
N SER F 136 11.78 -42.14 11.18
CA SER F 136 12.96 -42.54 10.43
C SER F 136 14.16 -41.75 10.96
N ASP F 137 15.30 -41.89 10.28
CA ASP F 137 16.52 -41.24 10.73
C ASP F 137 16.49 -39.74 10.46
N ASN F 138 16.40 -39.35 9.20
CA ASN F 138 16.35 -37.93 8.83
C ASN F 138 15.04 -37.72 8.08
N SER F 139 14.00 -37.37 8.83
CA SER F 139 12.68 -37.15 8.26
C SER F 139 12.61 -35.85 7.48
N THR F 140 13.53 -34.92 7.77
CA THR F 140 13.47 -33.60 7.14
C THR F 140 13.90 -33.64 5.68
N GLU F 141 14.86 -34.51 5.33
CA GLU F 141 15.27 -34.62 3.94
C GLU F 141 14.22 -35.33 3.11
N LYS F 142 13.42 -36.19 3.74
CA LYS F 142 12.37 -36.93 3.04
C LYS F 142 11.12 -36.11 2.79
N GLU F 143 11.14 -34.82 3.12
CA GLU F 143 10.14 -33.90 2.61
C GLU F 143 10.65 -33.16 1.38
N ILE F 144 11.97 -33.04 1.25
CA ILE F 144 12.56 -32.60 -0.03
C ILE F 144 12.48 -33.72 -1.06
N ILE F 145 13.19 -34.82 -0.81
CA ILE F 145 13.18 -35.96 -1.71
C ILE F 145 11.94 -36.78 -1.37
N ILE F 146 11.26 -37.27 -2.38
CA ILE F 146 10.06 -38.06 -2.17
C ILE F 146 10.41 -39.53 -2.40
N ASP F 147 10.32 -40.33 -1.34
CA ASP F 147 10.56 -41.76 -1.45
C ASP F 147 9.42 -42.39 -2.23
N ILE F 148 9.70 -42.74 -3.48
CA ILE F 148 8.74 -43.37 -4.40
C ILE F 148 8.20 -44.71 -3.87
N PRO F 149 8.96 -45.57 -3.17
CA PRO F 149 8.28 -46.66 -2.43
C PRO F 149 7.33 -46.18 -1.34
N VAL F 150 7.75 -45.20 -0.52
CA VAL F 150 6.90 -44.73 0.57
C VAL F 150 5.72 -43.90 0.05
N ALA F 151 5.91 -43.16 -1.04
CA ALA F 151 4.81 -42.39 -1.62
C ALA F 151 3.77 -43.30 -2.26
N LEU F 152 4.22 -44.33 -2.99
CA LEU F 152 3.27 -45.29 -3.56
C LEU F 152 2.65 -46.18 -2.48
N GLN F 153 3.30 -46.32 -1.32
CA GLN F 153 2.66 -46.99 -0.20
C GLN F 153 1.54 -46.15 0.38
N SER F 154 1.65 -44.82 0.29
CA SER F 154 0.63 -43.94 0.85
C SER F 154 -0.55 -43.74 -0.08
N VAL F 155 -0.35 -43.82 -1.40
CA VAL F 155 -1.49 -43.72 -2.31
C VAL F 155 -2.28 -45.02 -2.33
N SER F 156 -1.67 -46.12 -1.85
CA SER F 156 -2.43 -47.33 -1.61
C SER F 156 -3.30 -47.18 -0.37
N LYS F 157 -2.82 -46.44 0.64
CA LYS F 157 -3.59 -46.16 1.83
C LYS F 157 -4.58 -45.02 1.63
N GLY F 158 -4.49 -44.30 0.52
CA GLY F 158 -5.34 -43.15 0.28
C GLY F 158 -6.59 -43.48 -0.50
N PHE F 159 -6.58 -44.60 -1.24
CA PHE F 159 -7.77 -45.04 -1.96
C PHE F 159 -8.83 -45.59 -1.02
N VAL F 160 -8.45 -46.02 0.18
CA VAL F 160 -9.37 -46.58 1.15
C VAL F 160 -9.60 -45.63 2.31
N TRP F 161 -9.45 -44.31 2.09
CA TRP F 161 -9.59 -43.34 3.17
C TRP F 161 -10.94 -43.27 3.89
N PRO F 162 -12.13 -43.52 3.30
CA PRO F 162 -13.32 -43.50 4.15
C PRO F 162 -13.44 -44.73 5.02
N LEU F 163 -12.73 -45.81 4.68
CA LEU F 163 -12.72 -47.00 5.53
C LEU F 163 -11.55 -46.97 6.49
N ALA F 164 -10.44 -46.35 6.09
CA ALA F 164 -9.25 -46.33 6.94
C ALA F 164 -9.35 -45.29 8.05
N ALA F 165 -9.98 -44.15 7.78
CA ALA F 165 -10.13 -43.12 8.80
C ALA F 165 -11.16 -43.48 9.85
N LEU F 166 -12.12 -44.36 9.52
CA LEU F 166 -13.12 -44.77 10.49
C LEU F 166 -12.51 -45.67 11.56
N GLN F 167 -11.66 -46.61 11.15
CA GLN F 167 -10.96 -47.45 12.13
C GLN F 167 -9.78 -46.74 12.78
N GLU F 168 -9.27 -45.69 12.15
CA GLU F 168 -8.26 -44.86 12.80
C GLU F 168 -8.88 -43.99 13.88
N PHE F 169 -10.13 -43.56 13.67
CA PHE F 169 -10.83 -42.77 14.66
C PHE F 169 -11.37 -43.64 15.79
N SER F 170 -11.88 -44.83 15.47
CA SER F 170 -12.45 -45.70 16.49
C SER F 170 -11.38 -46.29 17.40
N SER F 171 -10.19 -46.57 16.86
CA SER F 171 -9.11 -47.06 17.70
C SER F 171 -8.42 -45.95 18.49
N GLY F 172 -8.65 -44.69 18.11
CA GLY F 172 -8.18 -43.56 18.88
C GLY F 172 -6.85 -42.97 18.44
N LYS F 173 -6.24 -43.49 17.37
CA LYS F 173 -4.98 -42.96 16.88
C LYS F 173 -5.17 -41.99 15.72
N LEU F 174 -6.36 -41.42 15.56
CA LEU F 174 -6.54 -40.34 14.59
C LEU F 174 -6.24 -38.99 15.22
N THR F 175 -6.43 -38.87 16.53
CA THR F 175 -6.27 -37.62 17.23
C THR F 175 -5.32 -37.77 18.41
N ALA F 176 -4.71 -36.67 18.81
CA ALA F 176 -3.92 -36.60 20.02
C ALA F 176 -4.68 -35.83 21.08
N ARG F 177 -4.32 -36.06 22.34
CA ARG F 177 -4.92 -35.30 23.42
C ARG F 177 -4.23 -33.93 23.51
N ASP F 178 -4.91 -32.99 24.16
CA ASP F 178 -4.41 -31.62 24.23
C ASP F 178 -3.26 -31.44 25.20
N GLU F 179 -2.90 -32.47 25.96
CA GLU F 179 -1.68 -32.44 26.77
C GLU F 179 -0.47 -32.94 26.00
N GLU F 180 -0.64 -33.39 24.76
CA GLU F 180 0.47 -33.82 23.93
C GLU F 180 0.80 -32.82 22.83
N ILE F 181 -0.05 -31.81 22.63
CA ILE F 181 0.17 -30.82 21.60
C ILE F 181 0.85 -29.59 22.21
N THR F 182 1.73 -28.96 21.44
CA THR F 182 2.36 -27.72 21.85
C THR F 182 1.33 -26.59 21.90
N ILE F 183 1.34 -25.85 23.00
CA ILE F 183 0.26 -24.93 23.34
C ILE F 183 0.84 -23.69 24.00
N SER F 184 0.40 -22.52 23.54
CA SER F 184 0.81 -21.18 23.98
C SER F 184 0.57 -20.97 25.47
N PRO F 185 1.22 -19.99 26.11
CA PRO F 185 0.93 -19.75 27.53
C PRO F 185 -0.43 -19.13 27.74
N ARG F 186 -1.11 -19.56 28.81
CA ARG F 186 -2.42 -19.04 29.18
C ARG F 186 -2.34 -18.36 30.54
N ASN G 4 -25.13 38.21 5.39
CA ASN G 4 -24.14 39.21 5.76
C ASN G 4 -23.21 38.68 6.84
N LEU G 5 -23.80 38.20 7.93
CA LEU G 5 -23.03 37.57 9.00
C LEU G 5 -22.20 36.35 8.58
N PRO G 6 -22.55 35.56 7.55
CA PRO G 6 -21.54 34.64 6.98
C PRO G 6 -20.26 35.29 6.52
N SER G 7 -20.31 36.49 5.93
CA SER G 7 -19.10 37.13 5.42
C SER G 7 -18.14 37.57 6.52
N ILE G 8 -18.64 37.80 7.73
CA ILE G 8 -17.78 38.17 8.85
C ILE G 8 -17.28 36.94 9.59
N LEU G 9 -18.11 35.91 9.75
CA LEU G 9 -17.80 34.84 10.70
C LEU G 9 -16.87 33.79 10.10
N VAL G 10 -17.06 33.42 8.84
CA VAL G 10 -16.23 32.38 8.24
C VAL G 10 -14.75 32.75 8.02
N PRO G 11 -14.31 34.02 7.96
CA PRO G 11 -12.87 34.26 8.15
C PRO G 11 -12.43 34.34 9.60
N MET G 12 -13.35 34.43 10.57
CA MET G 12 -12.93 34.40 11.96
C MET G 12 -12.56 32.99 12.39
N VAL G 13 -13.49 32.05 12.25
CA VAL G 13 -13.21 30.67 12.64
C VAL G 13 -12.47 29.91 11.56
N GLY G 14 -12.30 30.51 10.38
CA GLY G 14 -11.54 29.88 9.32
C GLY G 14 -10.07 30.28 9.33
N ILE G 15 -9.80 31.54 9.72
CA ILE G 15 -8.45 32.09 9.71
C ILE G 15 -8.05 32.59 11.10
N VAL G 16 -8.87 33.45 11.71
CA VAL G 16 -8.47 34.17 12.90
C VAL G 16 -8.47 33.27 14.12
N LEU G 17 -9.60 32.59 14.37
CA LEU G 17 -9.68 31.68 15.52
C LEU G 17 -8.75 30.47 15.46
N PRO G 18 -8.46 29.83 14.32
CA PRO G 18 -7.38 28.82 14.33
C PRO G 18 -6.01 29.41 14.56
N ALA G 19 -5.78 30.66 14.16
CA ALA G 19 -4.50 31.31 14.47
C ALA G 19 -4.36 31.58 15.96
N ILE G 20 -5.47 31.77 16.67
CA ILE G 20 -5.41 32.04 18.10
C ILE G 20 -5.18 30.74 18.88
N VAL G 21 -5.90 29.68 18.53
CA VAL G 21 -5.79 28.45 19.33
C VAL G 21 -4.50 27.71 19.01
N MET G 22 -3.98 27.83 17.78
CA MET G 22 -2.65 27.31 17.50
C MET G 22 -1.59 28.10 18.25
N ALA G 23 -1.79 29.41 18.40
CA ALA G 23 -0.91 30.21 19.24
C ALA G 23 -1.03 29.82 20.70
N LEU G 24 -2.24 29.48 21.15
CA LEU G 24 -2.44 29.11 22.54
C LEU G 24 -1.90 27.73 22.86
N LEU G 25 -1.97 26.81 21.90
CA LEU G 25 -1.50 25.46 22.13
C LEU G 25 0.01 25.37 21.99
N PHE G 26 0.60 26.22 21.15
CA PHE G 26 2.05 26.14 20.93
C PHE G 26 2.84 26.66 22.13
N VAL G 27 2.36 27.71 22.79
CA VAL G 27 3.02 28.17 24.01
C VAL G 27 2.79 27.19 25.14
N TYR G 28 1.62 26.53 25.16
CA TYR G 28 1.33 25.55 26.20
C TYR G 28 2.21 24.31 26.09
N ILE G 29 2.54 23.92 24.87
CA ILE G 29 3.41 22.76 24.66
C ILE G 29 4.83 23.07 25.16
N GLU G 30 5.39 24.19 24.73
CA GLU G 30 6.79 24.48 25.01
C GLU G 30 7.02 25.26 26.29
N THR G 31 6.04 25.32 27.19
CA THR G 31 6.33 25.80 28.54
C THR G 31 6.94 24.68 29.37
N ASP G 32 7.53 25.06 30.50
CA ASP G 32 8.22 24.11 31.36
C ASP G 32 8.30 24.67 32.78
N GLU G 33 8.57 23.78 33.72
CA GLU G 33 8.68 24.16 35.13
C GLU G 33 10.13 24.39 35.54
N PHE H 3 20.42 -38.79 -11.34
CA PHE H 3 19.41 -37.98 -11.99
C PHE H 3 18.00 -38.42 -11.61
N SER H 4 17.82 -39.73 -11.41
CA SER H 4 16.54 -40.22 -10.90
C SER H 4 16.36 -39.84 -9.43
N LYS H 5 17.46 -39.72 -8.69
CA LYS H 5 17.39 -39.15 -7.35
C LYS H 5 17.02 -37.68 -7.40
N TYR H 6 17.47 -36.98 -8.44
CA TYR H 6 17.13 -35.57 -8.62
C TYR H 6 15.66 -35.40 -8.96
N LEU H 7 15.05 -36.36 -9.65
CA LEU H 7 13.64 -36.27 -10.02
C LEU H 7 12.69 -36.45 -8.85
N SER H 8 13.16 -37.00 -7.72
CA SER H 8 12.33 -37.11 -6.53
C SER H 8 12.34 -35.85 -5.68
N THR H 9 13.14 -34.86 -6.04
CA THR H 9 13.20 -33.61 -5.30
C THR H 9 11.93 -32.80 -5.57
N ALA H 10 11.44 -32.11 -4.55
CA ALA H 10 10.11 -31.49 -4.52
C ALA H 10 9.73 -30.55 -5.68
N PRO H 11 10.59 -29.70 -6.26
CA PRO H 11 10.09 -28.86 -7.36
C PRO H 11 9.85 -29.61 -8.66
N VAL H 12 10.73 -30.54 -9.03
CA VAL H 12 10.56 -31.22 -10.30
C VAL H 12 9.50 -32.31 -10.21
N ILE H 13 9.40 -33.00 -9.07
CA ILE H 13 8.30 -33.94 -8.87
C ILE H 13 6.99 -33.20 -8.58
N GLY H 14 7.06 -31.94 -8.15
CA GLY H 14 5.85 -31.16 -7.97
C GLY H 14 5.38 -30.46 -9.22
N THR H 15 6.21 -30.41 -10.25
CA THR H 15 5.85 -29.77 -11.51
C THR H 15 5.27 -30.76 -12.51
N LEU H 16 5.88 -31.95 -12.63
CA LEU H 16 5.43 -32.90 -13.63
C LEU H 16 4.11 -33.56 -13.25
N THR H 17 3.80 -33.67 -11.97
CA THR H 17 2.45 -34.06 -11.58
C THR H 17 1.48 -32.90 -11.70
N ALA H 18 1.95 -31.66 -11.48
CA ALA H 18 1.15 -30.51 -11.84
C ALA H 18 1.02 -30.39 -13.36
N PHE H 19 2.02 -30.87 -14.10
CA PHE H 19 1.88 -31.00 -15.55
C PHE H 19 0.95 -32.16 -15.92
N PHE H 20 0.92 -33.21 -15.10
CA PHE H 20 0.04 -34.35 -15.38
C PHE H 20 -1.40 -34.04 -14.99
N LEU H 21 -1.61 -33.46 -13.81
CA LEU H 21 -2.97 -33.15 -13.36
C LEU H 21 -3.59 -32.01 -14.15
N ALA H 22 -2.77 -31.12 -14.72
CA ALA H 22 -3.32 -30.15 -15.66
C ALA H 22 -3.74 -30.83 -16.95
N GLY H 23 -2.80 -31.53 -17.60
CA GLY H 23 -3.04 -32.18 -18.88
C GLY H 23 -4.10 -33.27 -18.84
N LEU H 24 -4.38 -33.84 -17.67
CA LEU H 24 -5.58 -34.65 -17.50
C LEU H 24 -6.83 -33.81 -17.76
N LEU H 25 -6.92 -32.66 -17.10
CA LEU H 25 -8.08 -31.79 -17.26
C LEU H 25 -8.12 -31.13 -18.63
N ILE H 26 -6.98 -31.02 -19.30
CA ILE H 26 -6.95 -30.47 -20.65
C ILE H 26 -7.50 -31.48 -21.64
N GLU H 27 -7.17 -32.76 -21.46
CA GLU H 27 -7.70 -33.80 -22.33
C GLU H 27 -9.15 -34.14 -22.01
N ILE H 28 -9.57 -34.02 -20.75
CA ILE H 28 -10.96 -34.31 -20.37
C ILE H 28 -11.90 -33.27 -20.96
N ASN H 29 -11.53 -31.98 -20.87
CA ASN H 29 -12.32 -30.91 -21.45
C ASN H 29 -12.24 -30.88 -22.97
N ARG H 30 -11.32 -31.61 -23.58
CA ARG H 30 -11.19 -31.65 -25.03
C ARG H 30 -12.17 -32.63 -25.66
N PHE H 31 -12.29 -33.83 -25.13
CA PHE H 31 -13.25 -34.81 -25.64
C PHE H 31 -14.62 -34.65 -25.03
N ASN H 32 -14.70 -34.19 -23.79
CA ASN H 32 -15.97 -33.98 -23.07
C ASN H 32 -16.11 -32.50 -22.75
N PRO H 33 -16.64 -31.71 -23.67
CA PRO H 33 -16.76 -30.26 -23.43
C PRO H 33 -18.05 -29.89 -22.73
N ASP H 34 -17.96 -28.80 -21.95
CA ASP H 34 -19.09 -28.09 -21.34
C ASP H 34 -19.86 -28.98 -20.36
N LEU H 35 -19.15 -29.39 -19.31
CA LEU H 35 -19.72 -30.25 -18.28
C LEU H 35 -20.08 -29.41 -17.06
N LEU H 36 -21.27 -28.81 -17.08
CA LEU H 36 -21.79 -28.17 -15.87
C LEU H 36 -22.16 -29.20 -14.82
N VAL H 37 -23.11 -30.08 -15.14
CA VAL H 37 -23.72 -30.96 -14.16
C VAL H 37 -23.38 -32.41 -14.51
N TYR H 38 -23.66 -33.30 -13.56
CA TYR H 38 -23.63 -34.72 -13.82
C TYR H 38 -24.96 -35.14 -14.43
N PRO H 39 -24.97 -35.74 -15.64
CA PRO H 39 -26.23 -36.10 -16.30
C PRO H 39 -26.88 -37.32 -15.67
N ILE I 15 40.02 16.75 12.22
CA ILE I 15 39.14 17.86 12.50
C ILE I 15 37.70 17.50 12.19
N GLY I 16 36.76 18.16 12.87
CA GLY I 16 35.36 17.84 12.71
C GLY I 16 34.74 18.34 11.43
N HIS I 17 34.98 19.59 11.07
CA HIS I 17 34.36 20.21 9.90
C HIS I 17 35.23 19.97 8.67
N LEU I 18 34.57 19.74 7.53
CA LEU I 18 35.29 19.45 6.30
C LEU I 18 35.89 20.72 5.74
N SER I 19 36.97 20.59 4.98
CA SER I 19 37.69 21.72 4.41
C SER I 19 37.64 21.63 2.90
N THR I 20 36.65 22.29 2.30
CA THR I 20 36.59 22.48 0.86
C THR I 20 37.33 23.75 0.48
N PRO I 21 37.81 23.86 -0.76
CA PRO I 21 38.47 25.11 -1.17
C PRO I 21 37.54 26.32 -1.21
N ILE I 22 36.23 26.12 -1.36
CA ILE I 22 35.31 27.25 -1.32
C ILE I 22 34.78 27.55 0.07
N SER I 23 35.10 26.71 1.06
CA SER I 23 34.75 27.02 2.44
C SER I 23 35.69 28.07 2.99
N ASN I 24 35.19 28.84 3.96
CA ASN I 24 35.92 29.89 4.68
C ASN I 24 36.46 30.96 3.72
N SER I 25 35.66 31.26 2.70
CA SER I 25 36.03 32.28 1.73
C SER I 25 35.49 33.64 2.14
N SER I 26 36.36 34.66 2.09
CA SER I 26 36.02 35.98 2.60
C SER I 26 35.03 36.71 1.70
N ALA I 27 34.89 36.30 0.44
CA ALA I 27 33.87 36.90 -0.43
C ALA I 27 32.47 36.41 -0.03
N VAL I 28 32.41 35.28 0.67
CA VAL I 28 31.14 34.77 1.18
C VAL I 28 30.94 35.11 2.67
N ASN I 29 31.97 34.91 3.49
CA ASN I 29 31.90 35.22 4.92
C ASN I 29 31.76 36.71 5.20
N GLY I 30 32.20 37.56 4.29
CA GLY I 30 32.08 39.00 4.46
C GLY I 30 30.64 39.48 4.33
N LEU I 31 29.83 38.77 3.52
CA LEU I 31 28.42 39.11 3.42
C LEU I 31 27.66 38.70 4.68
N LEU I 32 28.10 37.62 5.33
CA LEU I 32 27.45 37.17 6.56
C LEU I 32 27.65 38.13 7.72
N ALA I 33 28.88 38.59 7.93
CA ALA I 33 29.18 39.46 9.06
C ALA I 33 28.66 40.89 8.87
N ASN I 34 28.12 41.22 7.70
CA ASN I 34 27.57 42.53 7.45
C ASN I 34 26.08 42.50 7.10
N LEU I 35 25.43 41.36 7.24
CA LEU I 35 23.98 41.30 7.16
C LEU I 35 23.38 41.75 8.49
N PRO I 36 22.12 42.23 8.51
CA PRO I 36 21.52 42.64 9.79
C PRO I 36 21.01 41.50 10.65
N ALA I 37 21.79 40.44 10.79
CA ALA I 37 21.45 39.32 11.66
C ALA I 37 22.71 38.90 12.41
N TYR I 38 23.86 39.23 11.84
CA TYR I 38 25.15 38.96 12.47
C TYR I 38 25.97 40.22 12.71
N ARG I 39 25.44 41.40 12.36
CA ARG I 39 26.22 42.62 12.44
C ARG I 39 26.43 43.04 13.89
N LYS I 40 27.60 43.64 14.16
CA LYS I 40 28.07 43.78 15.52
C LYS I 40 27.48 44.99 16.23
N GLY I 41 27.21 46.08 15.50
CA GLY I 41 26.77 47.30 16.16
C GLY I 41 25.27 47.42 16.35
N LEU I 42 24.49 46.58 15.67
CA LEU I 42 23.04 46.73 15.68
C LEU I 42 22.44 46.24 16.99
N THR I 43 21.44 46.97 17.46
CA THR I 43 20.55 46.59 18.55
C THR I 43 19.38 45.80 17.96
N PRO I 44 18.66 45.01 18.77
CA PRO I 44 17.52 44.26 18.22
C PRO I 44 16.39 45.10 17.64
N ARG I 45 16.25 46.36 18.05
CA ARG I 45 15.24 47.20 17.42
C ARG I 45 15.70 47.64 16.03
N LEU I 46 17.00 47.87 15.86
CA LEU I 46 17.52 48.29 14.56
C LEU I 46 17.62 47.13 13.57
N ARG I 47 18.10 45.97 14.02
CA ARG I 47 18.30 44.87 13.10
C ARG I 47 17.00 44.17 12.72
N GLY I 48 15.94 44.33 13.54
CA GLY I 48 14.64 43.86 13.10
C GLY I 48 13.97 44.83 12.16
N LEU I 49 14.35 46.10 12.21
CA LEU I 49 13.81 47.09 11.30
C LEU I 49 14.40 46.93 9.90
N GLU I 50 15.65 46.47 9.83
CA GLU I 50 16.30 46.30 8.53
C GLU I 50 15.85 45.01 7.86
N ILE I 51 15.62 43.95 8.65
CA ILE I 51 15.12 42.69 8.11
C ILE I 51 13.70 42.87 7.58
N GLY I 52 12.87 43.60 8.32
CA GLY I 52 11.50 43.83 7.89
C GLY I 52 11.38 44.72 6.68
N MET I 53 12.28 45.69 6.54
CA MET I 53 12.23 46.60 5.41
C MET I 53 12.66 45.93 4.11
N ALA I 54 13.51 44.92 4.20
CA ALA I 54 13.89 44.17 3.00
C ALA I 54 12.83 43.12 2.65
N HIS I 55 12.34 42.39 3.66
CA HIS I 55 11.39 41.32 3.40
C HIS I 55 10.02 41.83 3.02
N GLY I 56 9.56 42.91 3.63
CA GLY I 56 8.29 43.50 3.22
C GLY I 56 8.34 44.12 1.85
N TYR I 57 9.53 44.50 1.37
CA TYR I 57 9.62 45.17 0.07
C TYR I 57 9.38 44.19 -1.08
N PHE I 58 9.85 42.96 -0.97
CA PHE I 58 9.65 42.00 -2.06
C PHE I 58 8.44 41.11 -1.84
N LEU I 59 7.88 41.06 -0.64
CA LEU I 59 6.72 40.21 -0.38
C LEU I 59 5.46 40.72 -1.07
N THR I 60 5.38 42.02 -1.34
CA THR I 60 4.30 42.57 -2.14
C THR I 60 4.50 42.34 -3.64
N GLY I 61 5.66 41.83 -4.04
CA GLY I 61 5.91 41.38 -5.38
C GLY I 61 4.93 40.36 -5.93
N PRO I 62 4.90 39.14 -5.36
CA PRO I 62 4.05 38.08 -5.94
C PRO I 62 2.56 38.32 -5.82
N PHE I 63 2.10 39.16 -4.90
CA PHE I 63 0.67 39.28 -4.69
C PHE I 63 -0.01 40.17 -5.72
N VAL I 64 0.70 41.17 -6.25
CA VAL I 64 0.03 42.16 -7.08
C VAL I 64 0.00 41.74 -8.56
N GLU I 65 0.83 40.79 -8.97
CA GLU I 65 0.78 40.28 -10.33
C GLU I 65 0.37 38.82 -10.40
N LEU I 66 0.34 38.13 -9.27
CA LEU I 66 -0.22 36.78 -9.17
C LEU I 66 -1.21 36.80 -8.00
N GLY I 67 -2.46 37.08 -8.33
CA GLY I 67 -3.50 37.15 -7.34
C GLY I 67 -4.84 36.71 -7.90
N PRO I 68 -5.85 36.62 -7.05
CA PRO I 68 -7.20 36.28 -7.55
C PRO I 68 -7.83 37.40 -8.33
N LEU I 69 -7.37 38.64 -8.14
CA LEU I 69 -7.84 39.78 -8.91
C LEU I 69 -6.61 40.58 -9.35
N ARG I 70 -6.37 40.59 -10.66
CA ARG I 70 -5.19 41.23 -11.23
C ARG I 70 -5.49 42.27 -12.29
N ASN I 71 -6.60 42.16 -13.00
CA ASN I 71 -7.08 43.23 -13.89
C ASN I 71 -8.30 43.84 -13.21
N THR I 72 -8.04 44.76 -12.29
CA THR I 72 -9.05 45.35 -11.43
C THR I 72 -8.68 46.82 -11.24
N ASP I 73 -9.27 47.46 -10.23
CA ASP I 73 -8.95 48.85 -9.92
C ASP I 73 -7.49 49.04 -9.46
N GLY I 74 -6.99 48.32 -8.43
CA GLY I 74 -7.57 47.29 -7.55
C GLY I 74 -6.66 46.11 -7.31
N GLY I 75 -5.87 45.75 -8.33
CA GLY I 75 -4.93 44.66 -8.17
C GLY I 75 -3.71 45.01 -7.38
N ILE I 76 -3.35 46.29 -7.34
CA ILE I 76 -2.17 46.72 -6.61
C ILE I 76 -2.49 47.01 -5.15
N LEU I 77 -3.69 47.55 -4.88
CA LEU I 77 -4.08 47.86 -3.52
C LEU I 77 -4.36 46.59 -2.73
N TYR I 78 -5.11 45.65 -3.32
CA TYR I 78 -5.47 44.42 -2.62
C TYR I 78 -4.29 43.47 -2.51
N GLY I 79 -3.37 43.50 -3.47
CA GLY I 79 -2.18 42.69 -3.36
C GLY I 79 -1.24 43.19 -2.28
N SER I 80 -1.12 44.51 -2.15
CA SER I 80 -0.34 45.08 -1.06
C SER I 80 -1.01 44.91 0.30
N LEU I 81 -2.34 44.75 0.31
CA LEU I 81 -3.03 44.44 1.57
C LEU I 81 -2.75 43.01 2.02
N SER I 82 -2.51 42.10 1.07
CA SER I 82 -2.17 40.74 1.44
C SER I 82 -0.75 40.65 1.96
N ALA I 83 0.12 41.55 1.51
CA ALA I 83 1.53 41.50 1.89
C ALA I 83 1.74 41.92 3.33
N VAL I 84 1.06 42.98 3.77
CA VAL I 84 1.07 43.36 5.18
C VAL I 84 0.31 42.32 6.00
N GLY I 85 -0.62 41.59 5.38
CA GLY I 85 -1.25 40.45 6.02
C GLY I 85 -0.29 39.34 6.37
N LEU I 86 0.76 39.15 5.55
CA LEU I 86 1.77 38.15 5.91
C LEU I 86 2.70 38.66 7.01
N VAL I 87 3.03 39.96 7.00
CA VAL I 87 3.94 40.50 8.00
C VAL I 87 3.30 40.45 9.39
N VAL I 88 2.00 40.73 9.49
CA VAL I 88 1.33 40.62 10.78
C VAL I 88 1.07 39.16 11.17
N ILE I 89 1.09 38.24 10.20
CA ILE I 89 1.10 36.82 10.55
C ILE I 89 2.48 36.43 11.05
N LEU I 90 3.53 36.81 10.33
CA LEU I 90 4.90 36.50 10.74
C LEU I 90 5.34 37.32 11.95
N THR I 91 4.63 38.40 12.28
CA THR I 91 4.85 39.06 13.56
C THR I 91 4.38 38.17 14.70
N ALA I 92 3.29 37.43 14.48
CA ALA I 92 2.81 36.50 15.49
C ALA I 92 3.73 35.30 15.63
N CYS I 93 4.23 34.78 14.51
CA CYS I 93 5.17 33.65 14.55
C CYS I 93 6.49 34.04 15.19
N LEU I 94 6.97 35.25 14.94
CA LEU I 94 8.15 35.74 15.65
C LEU I 94 7.87 35.98 17.13
N ALA I 95 6.63 36.26 17.48
CA ALA I 95 6.25 36.35 18.89
C ALA I 95 6.07 34.96 19.50
N LEU I 96 5.50 34.03 18.73
CA LEU I 96 5.33 32.66 19.20
C LEU I 96 6.66 31.93 19.34
N TYR I 97 7.58 32.16 18.40
CA TYR I 97 8.92 31.59 18.54
C TYR I 97 9.68 32.21 19.70
N GLY I 98 9.40 33.47 20.03
CA GLY I 98 10.05 34.10 21.16
C GLY I 98 9.57 33.59 22.50
N LYS I 99 8.28 33.29 22.63
CA LYS I 99 7.76 32.76 23.88
C LYS I 99 8.20 31.33 24.11
N ALA I 100 8.35 30.56 23.04
CA ALA I 100 8.77 29.16 23.16
C ALA I 100 10.26 29.04 23.41
N ASN I 101 11.07 29.61 22.53
CA ASN I 101 12.51 29.39 22.57
C ASN I 101 13.20 30.19 23.67
N PHE I 102 12.58 31.28 24.12
CA PHE I 102 13.09 32.06 25.24
C PHE I 102 12.06 32.00 26.36
N SER I 103 12.13 30.94 27.17
CA SER I 103 11.29 30.79 28.35
C SER I 103 12.08 31.33 29.53
N GLY I 104 11.84 32.59 29.87
CA GLY I 104 12.71 33.31 30.76
C GLY I 104 14.02 33.74 30.15
N SER I 105 14.09 33.76 28.81
CA SER I 105 15.27 34.15 28.02
C SER I 105 16.50 33.31 28.37
N SER I 106 16.37 32.01 28.06
CA SER I 106 17.33 30.98 28.44
C SER I 106 18.75 31.27 27.93
N LYS I 107 19.69 31.42 28.86
CA LYS I 107 21.06 31.80 28.53
C LYS I 107 21.77 30.67 27.80
N SER I 108 22.91 31.02 27.19
CA SER I 108 23.76 30.05 26.54
C SER I 108 25.20 30.57 26.60
N LYS I 109 26.07 29.98 25.78
CA LYS I 109 27.49 30.31 25.83
C LYS I 109 27.83 31.61 25.11
N ASP I 110 27.09 31.97 24.06
CA ASP I 110 27.48 33.06 23.19
C ASP I 110 26.79 34.39 23.50
N ALA I 111 25.51 34.35 23.88
CA ALA I 111 24.69 35.51 24.25
C ALA I 111 24.61 36.54 23.12
N THR I 112 24.04 36.11 22.00
CA THR I 112 23.69 36.95 20.87
C THR I 112 22.24 37.39 21.10
N LEU I 113 21.59 37.94 20.07
CA LEU I 113 20.15 38.11 20.15
C LEU I 113 19.43 36.79 19.96
N TRP I 114 19.96 35.92 19.10
CA TRP I 114 19.29 34.69 18.73
C TRP I 114 19.57 33.55 19.70
N GLU I 115 20.68 33.61 20.44
CA GLU I 115 21.05 32.54 21.34
C GLU I 115 20.26 32.63 22.64
N SER I 116 20.41 33.73 23.36
CA SER I 116 19.51 34.14 24.43
C SER I 116 18.79 35.41 23.97
N GLY I 117 17.50 35.52 24.32
CA GLY I 117 16.70 36.55 23.71
C GLY I 117 17.03 37.98 24.11
N GLU I 118 16.64 38.38 25.32
CA GLU I 118 17.11 39.58 26.04
C GLU I 118 16.77 40.93 25.39
N GLY I 119 16.32 40.93 24.14
CA GLY I 119 15.89 42.13 23.45
C GLY I 119 14.81 41.78 22.45
N TRP I 120 14.24 40.58 22.59
CA TRP I 120 13.48 39.97 21.51
C TRP I 120 12.16 40.69 21.23
N SER I 121 11.60 41.36 22.22
CA SER I 121 10.36 42.10 22.00
C SER I 121 10.57 43.31 21.11
N ASP I 122 11.79 43.85 21.09
CA ASP I 122 12.13 44.94 20.18
C ASP I 122 12.35 44.44 18.75
N PHE I 123 12.78 43.20 18.59
CA PHE I 123 12.95 42.62 17.27
C PHE I 123 11.61 42.41 16.59
N VAL I 124 10.63 41.88 17.33
CA VAL I 124 9.31 41.58 16.76
C VAL I 124 8.56 42.86 16.44
N SER I 125 8.73 43.89 17.26
CA SER I 125 8.12 45.18 16.96
C SER I 125 8.81 45.87 15.79
N GLY I 126 10.14 45.76 15.70
CA GLY I 126 10.86 46.36 14.60
C GLY I 126 10.60 45.67 13.28
N TRP I 127 10.32 44.37 13.31
CA TRP I 127 9.90 43.65 12.11
C TRP I 127 8.54 44.15 11.61
N LEU I 128 7.67 44.58 12.54
CA LEU I 128 6.33 45.00 12.15
C LEU I 128 6.33 46.38 11.53
N ILE I 129 7.15 47.29 12.04
CA ILE I 129 7.22 48.64 11.50
C ILE I 129 7.89 48.63 10.13
N GLY I 130 9.07 48.01 10.04
CA GLY I 130 9.77 47.94 8.77
C GLY I 130 9.07 47.04 7.76
N GLY I 131 8.35 46.02 8.24
CA GLY I 131 7.62 45.18 7.34
C GLY I 131 6.41 45.87 6.74
N ALA I 132 5.51 46.39 7.58
CA ALA I 132 4.32 47.07 7.10
C ALA I 132 4.64 48.40 6.44
N GLY I 133 5.78 49.01 6.78
CA GLY I 133 6.18 50.24 6.11
C GLY I 133 6.62 49.99 4.68
N SER I 134 7.56 49.05 4.49
CA SER I 134 8.07 48.75 3.16
C SER I 134 7.05 48.05 2.28
N VAL I 135 6.05 47.39 2.86
CA VAL I 135 4.90 46.95 2.09
C VAL I 135 4.14 48.17 1.57
N GLY I 136 3.91 49.15 2.45
CA GLY I 136 3.25 50.36 2.03
C GLY I 136 4.13 51.27 1.18
N PHE I 137 5.44 51.21 1.40
CA PHE I 137 6.37 52.00 0.59
C PHE I 137 6.41 51.50 -0.84
N ALA I 138 6.41 50.18 -1.03
CA ALA I 138 6.36 49.62 -2.38
C ALA I 138 4.98 49.73 -2.99
N TYR I 139 3.94 49.95 -2.19
CA TYR I 139 2.64 50.29 -2.74
C TYR I 139 2.65 51.67 -3.38
N LEU I 140 3.46 52.58 -2.84
CA LEU I 140 3.59 53.92 -3.42
C LEU I 140 4.33 53.86 -4.76
N LEU I 141 5.23 52.90 -4.93
CA LEU I 141 6.05 52.83 -6.13
C LEU I 141 5.38 52.08 -7.28
N LEU I 142 4.26 51.40 -7.04
CA LEU I 142 3.55 50.69 -8.09
C LEU I 142 2.26 51.37 -8.48
N GLN I 143 1.43 51.77 -7.51
CA GLN I 143 0.20 52.47 -7.84
C GLN I 143 0.47 53.90 -8.27
N TYR I 144 1.48 54.53 -7.68
CA TYR I 144 1.98 55.84 -8.06
C TYR I 144 3.44 55.70 -8.47
N ILE I 145 4.09 56.84 -8.70
CA ILE I 145 5.54 56.96 -9.00
C ILE I 145 5.99 56.14 -10.21
N LEU J 2 -36.51 32.93 8.65
CA LEU J 2 -36.40 33.44 10.01
C LEU J 2 -36.39 34.96 10.04
N ALA J 3 -36.16 35.51 11.23
CA ALA J 3 -35.97 36.93 11.42
C ALA J 3 -34.49 37.20 11.71
N ASP J 4 -34.10 38.46 11.55
CA ASP J 4 -32.72 38.84 11.81
C ASP J 4 -32.41 38.88 13.30
N GLY J 5 -33.40 39.15 14.14
CA GLY J 5 -33.18 39.19 15.57
C GLY J 5 -33.12 37.83 16.23
N GLN J 6 -33.72 36.81 15.60
CA GLN J 6 -33.64 35.45 16.13
C GLN J 6 -32.25 34.85 15.99
N ILE J 7 -31.46 35.33 15.02
CA ILE J 7 -30.11 34.84 14.86
C ILE J 7 -29.22 35.29 16.02
N PHE J 8 -29.22 36.59 16.32
CA PHE J 8 -28.42 37.13 17.41
C PHE J 8 -28.93 36.68 18.77
N THR J 9 -30.20 36.26 18.87
CA THR J 9 -30.66 35.62 20.09
C THR J 9 -29.98 34.27 20.30
N ALA J 10 -29.80 33.52 19.22
CA ALA J 10 -29.18 32.20 19.32
C ALA J 10 -27.68 32.28 19.63
N LEU J 11 -26.99 33.28 19.07
CA LEU J 11 -25.60 33.49 19.47
C LEU J 11 -25.49 34.03 20.88
N ALA J 12 -26.54 34.67 21.39
CA ALA J 12 -26.53 35.13 22.77
C ALA J 12 -26.70 33.96 23.74
N VAL J 13 -27.51 32.97 23.37
CA VAL J 13 -27.68 31.78 24.21
C VAL J 13 -26.40 30.94 24.21
N ALA J 14 -25.70 30.89 23.08
CA ALA J 14 -24.58 29.96 22.92
C ALA J 14 -23.34 30.35 23.72
N LEU J 15 -23.32 31.52 24.34
CA LEU J 15 -22.26 31.82 25.30
C LEU J 15 -22.38 30.98 26.56
N VAL J 16 -23.59 30.56 26.93
CA VAL J 16 -23.80 29.76 28.13
C VAL J 16 -23.21 28.35 27.95
N PRO J 17 -23.37 27.65 26.81
CA PRO J 17 -22.47 26.49 26.59
C PRO J 17 -21.04 26.88 26.33
N GLY J 18 -20.76 28.08 25.83
CA GLY J 18 -19.39 28.48 25.57
C GLY J 18 -18.59 28.69 26.84
N ILE J 19 -19.24 29.22 27.88
CA ILE J 19 -18.56 29.39 29.17
C ILE J 19 -18.53 28.08 29.93
N LEU J 20 -19.63 27.30 29.88
CA LEU J 20 -19.70 26.08 30.66
C LEU J 20 -18.84 24.96 30.08
N ALA J 21 -18.53 25.02 28.78
CA ALA J 21 -17.52 24.11 28.24
C ALA J 21 -16.13 24.51 28.71
N LEU J 22 -15.85 25.81 28.75
CA LEU J 22 -14.58 26.28 29.28
C LEU J 22 -14.49 26.03 30.79
N ARG J 23 -15.62 26.10 31.47
CA ARG J 23 -15.63 25.79 32.90
C ARG J 23 -15.46 24.29 33.14
N LEU J 24 -15.95 23.45 32.24
CA LEU J 24 -15.79 22.00 32.41
C LEU J 24 -14.40 21.55 31.99
N ALA J 25 -13.90 22.06 30.85
CA ALA J 25 -12.63 21.57 30.31
C ALA J 25 -11.44 21.99 31.17
N LEU J 26 -11.49 23.18 31.78
CA LEU J 26 -10.45 23.53 32.74
C LEU J 26 -10.65 22.89 34.09
N GLU J 27 -11.82 22.29 34.34
CA GLU J 27 -12.02 21.44 35.50
C GLU J 27 -11.61 20.01 35.24
N LEU J 28 -11.85 19.51 34.03
CA LEU J 28 -11.37 18.19 33.63
C LEU J 28 -9.86 18.17 33.51
N TYR J 29 -9.24 19.31 33.22
CA TYR J 29 -7.78 19.39 33.16
C TYR J 29 -7.16 19.29 34.55
N LYS J 30 -7.79 19.87 35.55
CA LYS J 30 -7.24 19.86 36.90
C LYS J 30 -7.57 18.54 37.59
#